data_8Q60
# 
_entry.id   8Q60 
# 
_audit_conform.dict_name       mmcif_pdbx.dic 
_audit_conform.dict_version    5.404 
_audit_conform.dict_location   http://mmcif.pdb.org/dictionaries/ascii/mmcif_pdbx.dic 
# 
loop_
_database_2.database_id 
_database_2.database_code 
_database_2.pdbx_database_accession 
_database_2.pdbx_DOI 
PDB   8Q60         pdb_00008q60 10.2210/pdb8q60/pdb 
WWPDB D_1292132647 ?            ?                   
# 
loop_
_pdbx_audit_revision_history.ordinal 
_pdbx_audit_revision_history.data_content_type 
_pdbx_audit_revision_history.major_revision 
_pdbx_audit_revision_history.minor_revision 
_pdbx_audit_revision_history.revision_date 
_pdbx_audit_revision_history.part_number 
1 'Structure model' 1 0 2025-02-19 ? 
2 'Structure model' 1 1 2025-05-14 ? 
3 'Structure model' 1 2 2025-06-11 ? 
4 'Structure model' 1 3 2025-08-06 ? 
5 'Structure model' 1 4 2025-08-13 ? 
# 
_pdbx_audit_revision_details.ordinal             1 
_pdbx_audit_revision_details.revision_ordinal    1 
_pdbx_audit_revision_details.data_content_type   'Structure model' 
_pdbx_audit_revision_details.provider            repository 
_pdbx_audit_revision_details.type                'Initial release' 
_pdbx_audit_revision_details.description         ? 
_pdbx_audit_revision_details.details             ? 
# 
loop_
_pdbx_audit_revision_group.ordinal 
_pdbx_audit_revision_group.revision_ordinal 
_pdbx_audit_revision_group.data_content_type 
_pdbx_audit_revision_group.group 
1 2 'Structure model' 'Database references' 
2 2 'Structure model' 'Structure summary'   
3 3 'Structure model' 'Database references' 
4 4 'Structure model' 'Database references' 
5 5 'Structure model' 'Database references' 
# 
loop_
_pdbx_audit_revision_category.ordinal 
_pdbx_audit_revision_category.revision_ordinal 
_pdbx_audit_revision_category.data_content_type 
_pdbx_audit_revision_category.category 
1 2 'Structure model' audit_author    
2 2 'Structure model' citation_author 
3 3 'Structure model' citation        
4 3 'Structure model' citation_author 
5 4 'Structure model' citation        
6 5 'Structure model' citation        
7 5 'Structure model' citation_author 
# 
loop_
_pdbx_audit_revision_item.ordinal 
_pdbx_audit_revision_item.revision_ordinal 
_pdbx_audit_revision_item.data_content_type 
_pdbx_audit_revision_item.item 
1  3 'Structure model' '_citation.country'                 
2  3 'Structure model' '_citation.journal_abbrev'          
3  3 'Structure model' '_citation.journal_id_ASTM'         
4  3 'Structure model' '_citation.journal_id_CSD'          
5  3 'Structure model' '_citation.journal_id_ISSN'         
6  3 'Structure model' '_citation.page_first'              
7  3 'Structure model' '_citation.page_last'               
8  3 'Structure model' '_citation.pdbx_database_id_DOI'    
9  3 'Structure model' '_citation.pdbx_database_id_PubMed' 
10 3 'Structure model' '_citation.title'                   
11 3 'Structure model' '_citation.year'                    
12 4 'Structure model' '_citation.journal_volume'          
13 4 'Structure model' '_citation.page_first'              
14 4 'Structure model' '_citation.page_last'               
15 5 'Structure model' '_citation.page_first'              
16 5 'Structure model' '_citation.page_last'               
17 5 'Structure model' '_citation_author.identifier_ORCID' 
# 
_pdbx_database_status.status_code                     REL 
_pdbx_database_status.status_code_sf                  REL 
_pdbx_database_status.status_code_mr                  ? 
_pdbx_database_status.entry_id                        8Q60 
_pdbx_database_status.recvd_initial_deposition_date   2023-08-10 
_pdbx_database_status.SG_entry                        N 
_pdbx_database_status.deposit_site                    PDBE 
_pdbx_database_status.process_site                    PDBE 
_pdbx_database_status.status_code_cs                  ? 
_pdbx_database_status.status_code_nmr_data            ? 
_pdbx_database_status.methods_development_category    ? 
_pdbx_database_status.pdb_format_compatible           Y 
# 
_pdbx_contact_author.id                 2 
_pdbx_contact_author.email              ivan.huc@cup.lmu.de 
_pdbx_contact_author.name_first         Ivan 
_pdbx_contact_author.name_last          HUC 
_pdbx_contact_author.name_mi            ? 
_pdbx_contact_author.role               'principal investigator/group leader' 
_pdbx_contact_author.identifier_ORCID   0000-0001-7036-9696 
# 
loop_
_audit_author.name 
_audit_author.pdbx_ordinal 
_audit_author.identifier_ORCID 
'Mandal, P.K.' 1 0000-0001-5996-956X 
'Loos, M.'     2 ?                   
'Xu, F.'       3 ?                   
'Huc, I.'      4 0000-0001-7036-9696 
# 
_citation.abstract                  ? 
_citation.abstract_id_CAS           ? 
_citation.book_id_ISBN              ? 
_citation.book_publisher            ? 
_citation.book_publisher_city       ? 
_citation.book_title                ? 
_citation.coordinate_linkage        ? 
_citation.country                   GE 
_citation.database_id_Medline       ? 
_citation.details                   ? 
_citation.id                        primary 
_citation.journal_abbrev            Angew.Chem.Int.Ed.Engl. 
_citation.journal_id_ASTM           ACIEAY 
_citation.journal_id_CSD            0179 
_citation.journal_id_ISSN           1521-3773 
_citation.journal_full              ? 
_citation.journal_issue             ? 
_citation.journal_volume            64 
_citation.language                  ? 
_citation.page_first                e202505273 
_citation.page_last                 e202505273 
_citation.title                     'Interfacing B-DNA and DNA Mimic Foldamers.' 
_citation.year                      2025 
_citation.database_id_CSD           ? 
_citation.pdbx_database_id_DOI      10.1002/anie.202505273 
_citation.pdbx_database_id_PubMed   40346004 
_citation.pdbx_database_id_patent   ? 
_citation.unpublished_flag          ? 
# 
loop_
_citation_author.citation_id 
_citation_author.name 
_citation_author.ordinal 
_citation_author.identifier_ORCID 
primary 'Loos, M.'         1  ?                   
primary 'Xu, F.'           2  ?                   
primary 'Mandal, P.K.'     3  0000-0001-5996-956X 
primary 'Chakrabortty, T.' 4  ?                   
primary 'Douat, C.'        5  0000-0003-2678-1047 
primary 'Konrad, D.B.'     6  0000-0001-5718-8081 
primary 'Cabbar, M.'       7  ?                   
primary 'Singer, J.'       8  ?                   
primary 'Corvaglia, V.'    9  0000-0002-6180-5975 
primary 'Carell, T.'       10 0000-0001-7898-2831 
primary 'Huc, I.'          11 0000-0001-7036-9696 
# 
loop_
_entity.id 
_entity.type 
_entity.src_method 
_entity.pdbx_description 
_entity.formula_weight 
_entity.pdbx_number_of_molecules 
_entity.pdbx_ec 
_entity.pdbx_mutation 
_entity.pdbx_fragment 
_entity.details 
1 polymer     syn "5'-D(*GP*TP*TP*TP*TP*G)-3'"                                                                                  
1830.225 2   ? ? ? 
;Compound consists of a synthetic DNA hairpin with sequence 5'-D(*GP*TP*TP*TP*TP*G*(DRG)P*CP*AP*AP*AP*AP*C)-3'
;
2 polymer     syn 
;DNA (5'-D(CP*AP*AP*AP*AP*C)-3')
;
1786.234 2   ? ? ? ?                                                                                                               
3 non-polymer syn '4-[8-(aminomethyl)-2-[[5-(3-oxidanylpropyl)quinolin-8-yl]carbamoyl]quinolin-4-yl]butyl dihydrogen phosphite' 
522.533  2   ? ? ? ?                                                                                                               
4 non-polymer syn 'MAGNESIUM ION'                                                                                               
24.305   4   ? ? ? ?                                                                                                               
5 water       nat water                                                                                                         
18.015   175 ? ? ? ?                                                                                                               
# 
loop_
_entity_poly.entity_id 
_entity_poly.type 
_entity_poly.nstd_linkage 
_entity_poly.nstd_monomer 
_entity_poly.pdbx_seq_one_letter_code 
_entity_poly.pdbx_seq_one_letter_code_can 
_entity_poly.pdbx_strand_id 
_entity_poly.pdbx_target_identifier 
1 polydeoxyribonucleotide no no '(DG)(DT)(DT)(DT)(DT)(DG)' GTTTTG A,D ? 
2 polydeoxyribonucleotide no no '(DC)(DA)(DA)(DA)(DA)(DC)' CAAAAC B,E ? 
# 
loop_
_pdbx_entity_nonpoly.entity_id 
_pdbx_entity_nonpoly.name 
_pdbx_entity_nonpoly.comp_id 
3 '4-[8-(aminomethyl)-2-[[5-(3-oxidanylpropyl)quinolin-8-yl]carbamoyl]quinolin-4-yl]butyl dihydrogen phosphite' JY9 
4 'MAGNESIUM ION'                                                                                               MG  
5 water                                                                                                         HOH 
# 
loop_
_entity_poly_seq.entity_id 
_entity_poly_seq.num 
_entity_poly_seq.mon_id 
_entity_poly_seq.hetero 
1 1 DG n 
1 2 DT n 
1 3 DT n 
1 4 DT n 
1 5 DT n 
1 6 DG n 
2 1 DC n 
2 2 DA n 
2 3 DA n 
2 4 DA n 
2 5 DA n 
2 6 DC n 
# 
loop_
_pdbx_entity_src_syn.entity_id 
_pdbx_entity_src_syn.pdbx_src_id 
_pdbx_entity_src_syn.pdbx_alt_source_flag 
_pdbx_entity_src_syn.pdbx_beg_seq_num 
_pdbx_entity_src_syn.pdbx_end_seq_num 
_pdbx_entity_src_syn.organism_scientific 
_pdbx_entity_src_syn.organism_common_name 
_pdbx_entity_src_syn.ncbi_taxonomy_id 
_pdbx_entity_src_syn.details 
1 1 sample 1 6 'synthetic construct' ? 32630 ? 
2 1 sample 1 7 'synthetic construct' ? 32630 ? 
# 
loop_
_chem_comp.id 
_chem_comp.type 
_chem_comp.mon_nstd_flag 
_chem_comp.name 
_chem_comp.pdbx_synonyms 
_chem_comp.formula 
_chem_comp.formula_weight 
DA  'DNA linking' y "2'-DEOXYADENOSINE-5'-MONOPHOSPHATE"                                                                          
? 'C10 H14 N5 O6 P' 331.222 
DC  'DNA linking' y "2'-DEOXYCYTIDINE-5'-MONOPHOSPHATE"                                                                           
? 'C9 H14 N3 O7 P'  307.197 
DG  'DNA linking' y "2'-DEOXYGUANOSINE-5'-MONOPHOSPHATE"                                                                          
? 'C10 H14 N5 O7 P' 347.221 
DT  'DNA linking' y "THYMIDINE-5'-MONOPHOSPHATE"                                                                                  
? 'C10 H15 N2 O8 P' 322.208 
HOH non-polymer   . WATER                                                                                                         
? 'H2 O'            18.015  
JY9 non-polymer   . '4-[8-(aminomethyl)-2-[[5-(3-oxidanylpropyl)quinolin-8-yl]carbamoyl]quinolin-4-yl]butyl dihydrogen phosphite' 
? 'C27 H31 N4 O5 P' 522.533 
MG  non-polymer   . 'MAGNESIUM ION'                                                                                               
? 'Mg 2'            24.305  
# 
loop_
_pdbx_poly_seq_scheme.asym_id 
_pdbx_poly_seq_scheme.entity_id 
_pdbx_poly_seq_scheme.seq_id 
_pdbx_poly_seq_scheme.mon_id 
_pdbx_poly_seq_scheme.ndb_seq_num 
_pdbx_poly_seq_scheme.pdb_seq_num 
_pdbx_poly_seq_scheme.auth_seq_num 
_pdbx_poly_seq_scheme.pdb_mon_id 
_pdbx_poly_seq_scheme.auth_mon_id 
_pdbx_poly_seq_scheme.pdb_strand_id 
_pdbx_poly_seq_scheme.pdb_ins_code 
_pdbx_poly_seq_scheme.hetero 
A 1 1 DG 1 1  1  DG DG A . n 
A 1 2 DT 2 2  2  DT DT A . n 
A 1 3 DT 3 3  3  DT DT A . n 
A 1 4 DT 4 4  4  DT DT A . n 
A 1 5 DT 5 5  5  DT DT A . n 
A 1 6 DG 6 6  6  DG DG A . n 
B 1 1 DG 1 1  1  DG DG D . n 
B 1 2 DT 2 2  2  DT DT D . n 
B 1 3 DT 3 3  3  DT DT D . n 
B 1 4 DT 4 4  4  DT DT D . n 
B 1 5 DT 5 5  5  DT DT D . n 
B 1 6 DG 6 6  6  DG DG D . n 
C 2 1 DC 1 8  9  DC DC B . n 
C 2 2 DA 2 9  10 DA DA B . n 
C 2 3 DA 3 10 11 DA DA B . n 
C 2 4 DA 4 11 12 DA DA B . n 
C 2 5 DA 5 12 13 DA DA B . n 
C 2 6 DC 6 13 14 DC DC B . n 
D 2 1 DC 1 8  9  DC DC E . n 
D 2 2 DA 2 9  10 DA DA E . n 
D 2 3 DA 3 10 11 DA DA E . n 
D 2 4 DA 4 11 12 DA DA E . n 
D 2 5 DA 5 12 13 DA DA E . n 
D 2 6 DC 6 13 14 DC DC E . n 
# 
_pdbx_entity_instance_feature.ordinal        1 
_pdbx_entity_instance_feature.comp_id        JY9 
_pdbx_entity_instance_feature.asym_id        ? 
_pdbx_entity_instance_feature.seq_num        ? 
_pdbx_entity_instance_feature.auth_comp_id   JY9 
_pdbx_entity_instance_feature.auth_asym_id   ? 
_pdbx_entity_instance_feature.auth_seq_num   ? 
_pdbx_entity_instance_feature.feature_type   'SUBJECT OF INVESTIGATION' 
_pdbx_entity_instance_feature.details        ? 
# 
loop_
_pdbx_nonpoly_scheme.asym_id 
_pdbx_nonpoly_scheme.entity_id 
_pdbx_nonpoly_scheme.mon_id 
_pdbx_nonpoly_scheme.ndb_seq_num 
_pdbx_nonpoly_scheme.pdb_seq_num 
_pdbx_nonpoly_scheme.auth_seq_num 
_pdbx_nonpoly_scheme.pdb_mon_id 
_pdbx_nonpoly_scheme.auth_mon_id 
_pdbx_nonpoly_scheme.pdb_strand_id 
_pdbx_nonpoly_scheme.pdb_ins_code 
E 3 JY9 1  101 7   JY9 DRG A . 
F 4 MG  1  101 1   MG  MG  D . 
G 3 JY9 1  102 7   JY9 DRG D . 
H 4 MG  1  101 2   MG  MG  B . 
I 4 MG  1  102 4   MG  MG  B . 
J 4 MG  1  101 3   MG  MG  E . 
K 5 HOH 1  201 38  HOH HOH A . 
K 5 HOH 2  202 99  HOH HOH A . 
K 5 HOH 3  203 106 HOH HOH A . 
K 5 HOH 4  204 72  HOH HOH A . 
K 5 HOH 5  205 27  HOH HOH A . 
K 5 HOH 6  206 41  HOH HOH A . 
K 5 HOH 7  207 25  HOH HOH A . 
K 5 HOH 8  208 54  HOH HOH A . 
K 5 HOH 9  209 47  HOH HOH A . 
K 5 HOH 10 210 108 HOH HOH A . 
K 5 HOH 11 211 15  HOH HOH A . 
K 5 HOH 12 212 1   HOH HOH A . 
K 5 HOH 13 213 76  HOH HOH A . 
K 5 HOH 14 214 9   HOH HOH A . 
K 5 HOH 15 215 40  HOH HOH A . 
K 5 HOH 16 216 51  HOH HOH A . 
K 5 HOH 17 217 136 HOH HOH A . 
K 5 HOH 18 218 37  HOH HOH A . 
K 5 HOH 19 219 16  HOH HOH A . 
K 5 HOH 20 220 97  HOH HOH A . 
K 5 HOH 21 221 56  HOH HOH A . 
K 5 HOH 22 222 159 HOH HOH A . 
K 5 HOH 23 223 163 HOH HOH A . 
K 5 HOH 24 224 8   HOH HOH A . 
K 5 HOH 25 225 64  HOH HOH A . 
K 5 HOH 26 226 94  HOH HOH A . 
K 5 HOH 27 227 150 HOH HOH A . 
K 5 HOH 28 228 80  HOH HOH A . 
K 5 HOH 29 229 24  HOH HOH A . 
K 5 HOH 30 230 152 HOH HOH A . 
K 5 HOH 31 231 66  HOH HOH A . 
K 5 HOH 32 232 96  HOH HOH A . 
K 5 HOH 33 233 155 HOH HOH A . 
K 5 HOH 34 234 122 HOH HOH A . 
K 5 HOH 35 235 143 HOH HOH A . 
K 5 HOH 36 236 7   HOH HOH A . 
K 5 HOH 37 237 138 HOH HOH A . 
K 5 HOH 38 238 131 HOH HOH A . 
K 5 HOH 39 239 148 HOH HOH A . 
K 5 HOH 40 240 125 HOH HOH A . 
K 5 HOH 41 241 12  HOH HOH A . 
K 5 HOH 42 242 121 HOH HOH A . 
K 5 HOH 43 243 44  HOH HOH A . 
K 5 HOH 44 244 112 HOH HOH A . 
K 5 HOH 45 245 88  HOH HOH A . 
K 5 HOH 46 246 129 HOH HOH A . 
K 5 HOH 47 247 115 HOH HOH A . 
K 5 HOH 48 248 114 HOH HOH A . 
K 5 HOH 49 249 107 HOH HOH A . 
L 5 HOH 1  201 48  HOH HOH D . 
L 5 HOH 2  202 78  HOH HOH D . 
L 5 HOH 3  203 147 HOH HOH D . 
L 5 HOH 4  204 140 HOH HOH D . 
L 5 HOH 5  205 28  HOH HOH D . 
L 5 HOH 6  206 110 HOH HOH D . 
L 5 HOH 7  207 11  HOH HOH D . 
L 5 HOH 8  208 168 HOH HOH D . 
L 5 HOH 9  209 6   HOH HOH D . 
L 5 HOH 10 210 53  HOH HOH D . 
L 5 HOH 11 211 23  HOH HOH D . 
L 5 HOH 12 212 65  HOH HOH D . 
L 5 HOH 13 213 105 HOH HOH D . 
L 5 HOH 14 214 172 HOH HOH D . 
L 5 HOH 15 215 77  HOH HOH D . 
L 5 HOH 16 216 5   HOH HOH D . 
L 5 HOH 17 217 82  HOH HOH D . 
L 5 HOH 18 218 52  HOH HOH D . 
L 5 HOH 19 219 46  HOH HOH D . 
L 5 HOH 20 220 39  HOH HOH D . 
L 5 HOH 21 221 117 HOH HOH D . 
L 5 HOH 22 222 55  HOH HOH D . 
L 5 HOH 23 223 20  HOH HOH D . 
L 5 HOH 24 224 142 HOH HOH D . 
L 5 HOH 25 225 59  HOH HOH D . 
L 5 HOH 26 226 74  HOH HOH D . 
L 5 HOH 27 227 79  HOH HOH D . 
L 5 HOH 28 228 149 HOH HOH D . 
L 5 HOH 29 229 166 HOH HOH D . 
L 5 HOH 30 230 128 HOH HOH D . 
L 5 HOH 31 231 111 HOH HOH D . 
L 5 HOH 32 232 100 HOH HOH D . 
L 5 HOH 33 233 167 HOH HOH D . 
L 5 HOH 34 234 173 HOH HOH D . 
L 5 HOH 35 235 120 HOH HOH D . 
L 5 HOH 36 236 68  HOH HOH D . 
L 5 HOH 37 237 139 HOH HOH D . 
L 5 HOH 38 238 157 HOH HOH D . 
L 5 HOH 39 239 137 HOH HOH D . 
L 5 HOH 40 240 116 HOH HOH D . 
L 5 HOH 41 241 101 HOH HOH D . 
L 5 HOH 42 242 61  HOH HOH D . 
L 5 HOH 43 243 95  HOH HOH D . 
M 5 HOH 1  201 60  HOH HOH B . 
M 5 HOH 2  202 104 HOH HOH B . 
M 5 HOH 3  203 50  HOH HOH B . 
M 5 HOH 4  204 73  HOH HOH B . 
M 5 HOH 5  205 26  HOH HOH B . 
M 5 HOH 6  206 156 HOH HOH B . 
M 5 HOH 7  207 10  HOH HOH B . 
M 5 HOH 8  208 84  HOH HOH B . 
M 5 HOH 9  209 62  HOH HOH B . 
M 5 HOH 10 210 144 HOH HOH B . 
M 5 HOH 11 211 43  HOH HOH B . 
M 5 HOH 12 212 13  HOH HOH B . 
M 5 HOH 13 213 22  HOH HOH B . 
M 5 HOH 14 214 161 HOH HOH B . 
M 5 HOH 15 215 19  HOH HOH B . 
M 5 HOH 16 216 36  HOH HOH B . 
M 5 HOH 17 217 67  HOH HOH B . 
M 5 HOH 18 218 113 HOH HOH B . 
M 5 HOH 19 219 102 HOH HOH B . 
M 5 HOH 20 220 146 HOH HOH B . 
M 5 HOH 21 221 126 HOH HOH B . 
M 5 HOH 22 222 130 HOH HOH B . 
M 5 HOH 23 223 30  HOH HOH B . 
M 5 HOH 24 224 103 HOH HOH B . 
M 5 HOH 25 225 123 HOH HOH B . 
M 5 HOH 26 226 160 HOH HOH B . 
M 5 HOH 27 227 18  HOH HOH B . 
M 5 HOH 28 228 42  HOH HOH B . 
M 5 HOH 29 229 75  HOH HOH B . 
M 5 HOH 30 230 89  HOH HOH B . 
M 5 HOH 31 231 135 HOH HOH B . 
M 5 HOH 32 232 91  HOH HOH B . 
M 5 HOH 33 233 83  HOH HOH B . 
M 5 HOH 34 234 175 HOH HOH B . 
M 5 HOH 35 235 45  HOH HOH B . 
M 5 HOH 36 236 93  HOH HOH B . 
M 5 HOH 37 237 87  HOH HOH B . 
M 5 HOH 38 238 133 HOH HOH B . 
M 5 HOH 39 239 35  HOH HOH B . 
M 5 HOH 40 240 158 HOH HOH B . 
M 5 HOH 41 241 119 HOH HOH B . 
M 5 HOH 42 242 169 HOH HOH B . 
M 5 HOH 43 243 70  HOH HOH B . 
M 5 HOH 44 244 127 HOH HOH B . 
N 5 HOH 1  201 57  HOH HOH E . 
N 5 HOH 2  202 154 HOH HOH E . 
N 5 HOH 3  203 118 HOH HOH E . 
N 5 HOH 4  204 151 HOH HOH E . 
N 5 HOH 5  205 153 HOH HOH E . 
N 5 HOH 6  206 98  HOH HOH E . 
N 5 HOH 7  207 81  HOH HOH E . 
N 5 HOH 8  208 14  HOH HOH E . 
N 5 HOH 9  209 31  HOH HOH E . 
N 5 HOH 10 210 92  HOH HOH E . 
N 5 HOH 11 211 134 HOH HOH E . 
N 5 HOH 12 212 21  HOH HOH E . 
N 5 HOH 13 213 71  HOH HOH E . 
N 5 HOH 14 214 17  HOH HOH E . 
N 5 HOH 15 215 90  HOH HOH E . 
N 5 HOH 16 216 34  HOH HOH E . 
N 5 HOH 17 217 109 HOH HOH E . 
N 5 HOH 18 218 49  HOH HOH E . 
N 5 HOH 19 219 174 HOH HOH E . 
N 5 HOH 20 220 3   HOH HOH E . 
N 5 HOH 21 221 2   HOH HOH E . 
N 5 HOH 22 222 29  HOH HOH E . 
N 5 HOH 23 223 32  HOH HOH E . 
N 5 HOH 24 224 69  HOH HOH E . 
N 5 HOH 25 225 33  HOH HOH E . 
N 5 HOH 26 226 164 HOH HOH E . 
N 5 HOH 27 227 176 HOH HOH E . 
N 5 HOH 28 228 85  HOH HOH E . 
N 5 HOH 29 229 63  HOH HOH E . 
N 5 HOH 30 230 162 HOH HOH E . 
N 5 HOH 31 231 141 HOH HOH E . 
N 5 HOH 32 232 4   HOH HOH E . 
N 5 HOH 33 233 165 HOH HOH E . 
N 5 HOH 34 234 58  HOH HOH E . 
N 5 HOH 35 235 171 HOH HOH E . 
N 5 HOH 36 236 86  HOH HOH E . 
N 5 HOH 37 237 145 HOH HOH E . 
N 5 HOH 38 238 132 HOH HOH E . 
N 5 HOH 39 239 124 HOH HOH E . 
# 
loop_
_software.citation_id 
_software.classification 
_software.compiler_name 
_software.compiler_version 
_software.contact_author 
_software.contact_author_email 
_software.date 
_software.description 
_software.dependencies 
_software.hardware 
_software.language 
_software.location 
_software.mods 
_software.name 
_software.os 
_software.os_version 
_software.type 
_software.version 
_software.pdbx_ordinal 
? refinement       ? ? ? ? ? ? ? ? ? ? ? REFMAC   ? ? ? 5.8.0419 1 
? 'data reduction' ? ? ? ? ? ? ? ? ? ? ? autoPROC ? ? ? .        2 
? 'data scaling'   ? ? ? ? ? ? ? ? ? ? ? autoPROC ? ? ? .        3 
? phasing          ? ? ? ? ? ? ? ? ? ? ? PHASER   ? ? ? .        4 
# 
_cell.angle_alpha                  105.616 
_cell.angle_alpha_esd              ? 
_cell.angle_beta                   105.767 
_cell.angle_beta_esd               ? 
_cell.angle_gamma                  94.343 
_cell.angle_gamma_esd              ? 
_cell.entry_id                     8Q60 
_cell.details                      ? 
_cell.formula_units_Z              ? 
_cell.length_a                     26.517 
_cell.length_a_esd                 ? 
_cell.length_b                     30.040 
_cell.length_b_esd                 ? 
_cell.length_c                     45.224 
_cell.length_c_esd                 ? 
_cell.volume                       ? 
_cell.volume_esd                   ? 
_cell.Z_PDB                        4 
_cell.reciprocal_angle_alpha       ? 
_cell.reciprocal_angle_beta        ? 
_cell.reciprocal_angle_gamma       ? 
_cell.reciprocal_angle_alpha_esd   ? 
_cell.reciprocal_angle_beta_esd    ? 
_cell.reciprocal_angle_gamma_esd   ? 
_cell.reciprocal_length_a          ? 
_cell.reciprocal_length_b          ? 
_cell.reciprocal_length_c          ? 
_cell.reciprocal_length_a_esd      ? 
_cell.reciprocal_length_b_esd      ? 
_cell.reciprocal_length_c_esd      ? 
_cell.pdbx_unique_axis             ? 
_cell.pdbx_esd_method              ? 
# 
_symmetry.entry_id                         8Q60 
_symmetry.cell_setting                     ? 
_symmetry.Int_Tables_number                2 
_symmetry.space_group_name_Hall            ? 
_symmetry.space_group_name_H-M             'P -1' 
_symmetry.pdbx_full_space_group_name_H-M   ? 
# 
_exptl.absorpt_coefficient_mu     ? 
_exptl.absorpt_correction_T_max   ? 
_exptl.absorpt_correction_T_min   ? 
_exptl.absorpt_correction_type    ? 
_exptl.absorpt_process_details    ? 
_exptl.entry_id                   8Q60 
_exptl.crystals_number            1 
_exptl.details                    ? 
_exptl.method                     'X-RAY DIFFRACTION' 
_exptl.method_details             ? 
# 
_exptl_crystal.colour                       ? 
_exptl_crystal.density_diffrn               ? 
_exptl_crystal.density_Matthews             2.04 
_exptl_crystal.density_method               ? 
_exptl_crystal.density_percent_sol          59 
_exptl_crystal.description                  'Rod-like crystals' 
_exptl_crystal.F_000                        ? 
_exptl_crystal.id                           1 
_exptl_crystal.preparation                  ? 
_exptl_crystal.size_max                     ? 
_exptl_crystal.size_mid                     ? 
_exptl_crystal.size_min                     ? 
_exptl_crystal.size_rad                     ? 
_exptl_crystal.colour_lustre                ? 
_exptl_crystal.colour_modifier              ? 
_exptl_crystal.colour_primary               ? 
_exptl_crystal.density_meas                 ? 
_exptl_crystal.density_meas_esd             ? 
_exptl_crystal.density_meas_gt              ? 
_exptl_crystal.density_meas_lt              ? 
_exptl_crystal.density_meas_temp            ? 
_exptl_crystal.density_meas_temp_esd        ? 
_exptl_crystal.density_meas_temp_gt         ? 
_exptl_crystal.density_meas_temp_lt         ? 
_exptl_crystal.pdbx_crystal_image_url       ? 
_exptl_crystal.pdbx_crystal_image_format    ? 
_exptl_crystal.pdbx_mosaicity               ? 
_exptl_crystal.pdbx_mosaicity_esd           ? 
_exptl_crystal.pdbx_mosaic_method           ? 
_exptl_crystal.pdbx_mosaic_block_size       ? 
_exptl_crystal.pdbx_mosaic_block_size_esd   ? 
# 
_exptl_crystal_grow.apparatus       ? 
_exptl_crystal_grow.atmosphere      ? 
_exptl_crystal_grow.crystal_id      1 
_exptl_crystal_grow.details         ? 
_exptl_crystal_grow.method          'VAPOR DIFFUSION, HANGING DROP' 
_exptl_crystal_grow.method_ref      ? 
_exptl_crystal_grow.pH              6.5 
_exptl_crystal_grow.pressure        ? 
_exptl_crystal_grow.pressure_esd    ? 
_exptl_crystal_grow.seeding         ? 
_exptl_crystal_grow.seeding_ref     ? 
_exptl_crystal_grow.temp_details    ? 
_exptl_crystal_grow.temp_esd        ? 
_exptl_crystal_grow.time            ? 
_exptl_crystal_grow.pdbx_details    'PEG 200, MES, magnesium chloride' 
_exptl_crystal_grow.pdbx_pH_range   ? 
_exptl_crystal_grow.temp            293 
# 
_diffrn.ambient_environment              ? 
_diffrn.ambient_temp                     100 
_diffrn.ambient_temp_details             ? 
_diffrn.ambient_temp_esd                 ? 
_diffrn.crystal_id                       1 
_diffrn.crystal_support                  ? 
_diffrn.crystal_treatment                ? 
_diffrn.details                          ? 
_diffrn.id                               1 
_diffrn.ambient_pressure                 ? 
_diffrn.ambient_pressure_esd             ? 
_diffrn.ambient_pressure_gt              ? 
_diffrn.ambient_pressure_lt              ? 
_diffrn.ambient_temp_gt                  ? 
_diffrn.ambient_temp_lt                  ? 
_diffrn.pdbx_serial_crystal_experiment   N 
# 
_diffrn_detector.details                      'Toroidal mirror' 
_diffrn_detector.detector                     PIXEL 
_diffrn_detector.diffrn_id                    1 
_diffrn_detector.type                         'DECTRIS EIGER2 X 16M' 
_diffrn_detector.area_resol_mean              ? 
_diffrn_detector.dtime                        ? 
_diffrn_detector.pdbx_frames_total            ? 
_diffrn_detector.pdbx_collection_time_total   ? 
_diffrn_detector.pdbx_collection_date         2023-03-11 
_diffrn_detector.pdbx_frequency               ? 
_diffrn_detector.id                           ? 
_diffrn_detector.number_of_axes               ? 
# 
_diffrn_radiation.collimation                      ? 
_diffrn_radiation.diffrn_id                        1 
_diffrn_radiation.filter_edge                      ? 
_diffrn_radiation.inhomogeneity                    ? 
_diffrn_radiation.monochromator                    'Si(111)' 
_diffrn_radiation.polarisn_norm                    ? 
_diffrn_radiation.polarisn_ratio                   ? 
_diffrn_radiation.probe                            ? 
_diffrn_radiation.type                             ? 
_diffrn_radiation.xray_symbol                      ? 
_diffrn_radiation.wavelength_id                    1 
_diffrn_radiation.pdbx_monochromatic_or_laue_m_l   M 
_diffrn_radiation.pdbx_wavelength_list             ? 
_diffrn_radiation.pdbx_wavelength                  ? 
_diffrn_radiation.pdbx_diffrn_protocol             'SINGLE WAVELENGTH' 
_diffrn_radiation.pdbx_analyzer                    ? 
_diffrn_radiation.pdbx_scattering_type             x-ray 
# 
_diffrn_radiation_wavelength.id           1 
_diffrn_radiation_wavelength.wavelength   0.97625 
_diffrn_radiation_wavelength.wt           1.0 
# 
_diffrn_source.current                     ? 
_diffrn_source.details                     ? 
_diffrn_source.diffrn_id                   1 
_diffrn_source.power                       ? 
_diffrn_source.size                        ? 
_diffrn_source.source                      SYNCHROTRON 
_diffrn_source.target                      ? 
_diffrn_source.type                        'PETRA III, EMBL c/o DESY BEAMLINE P14 (MX2)' 
_diffrn_source.voltage                     ? 
_diffrn_source.take-off_angle              ? 
_diffrn_source.pdbx_wavelength_list        0.97625 
_diffrn_source.pdbx_wavelength             ? 
_diffrn_source.pdbx_synchrotron_beamline   'P14 (MX2)' 
_diffrn_source.pdbx_synchrotron_site       'PETRA III, EMBL c/o DESY' 
# 
_reflns.B_iso_Wilson_estimate                          49.79 
_reflns.entry_id                                       8Q60 
_reflns.data_reduction_details                         ? 
_reflns.data_reduction_method                          ? 
_reflns.d_resolution_high                              2.5 
_reflns.d_resolution_low                               28.56 
_reflns.details                                        ? 
_reflns.limit_h_max                                    ? 
_reflns.limit_h_min                                    ? 
_reflns.limit_k_max                                    ? 
_reflns.limit_k_min                                    ? 
_reflns.limit_l_max                                    ? 
_reflns.limit_l_min                                    ? 
_reflns.number_all                                     ? 
_reflns.number_obs                                     3985 
_reflns.observed_criterion                             ? 
_reflns.observed_criterion_F_max                       ? 
_reflns.observed_criterion_F_min                       ? 
_reflns.observed_criterion_I_max                       ? 
_reflns.observed_criterion_I_min                       ? 
_reflns.observed_criterion_sigma_F                     ? 
_reflns.observed_criterion_sigma_I                     ? 
_reflns.percent_possible_obs                           0.90 
_reflns.R_free_details                                 ? 
_reflns.Rmerge_F_all                                   ? 
_reflns.Rmerge_F_obs                                   ? 
_reflns.Friedel_coverage                               ? 
_reflns.number_gt                                      ? 
_reflns.threshold_expression                           ? 
_reflns.pdbx_redundancy                                2.0 
_reflns.pdbx_netI_over_av_sigmaI                       ? 
_reflns.pdbx_netI_over_sigmaI                          13.98 
_reflns.pdbx_res_netI_over_av_sigmaI_2                 ? 
_reflns.pdbx_res_netI_over_sigmaI_2                    ? 
_reflns.pdbx_chi_squared                               ? 
_reflns.pdbx_scaling_rejects                           ? 
_reflns.pdbx_d_res_high_opt                            ? 
_reflns.pdbx_d_res_low_opt                             ? 
_reflns.pdbx_d_res_opt_method                          ? 
_reflns.phase_calculation_details                      ? 
_reflns.pdbx_Rrim_I_all                                0.04873 
_reflns.pdbx_Rpim_I_all                                ? 
_reflns.pdbx_d_opt                                     ? 
_reflns.pdbx_number_measured_all                       ? 
_reflns.pdbx_diffrn_id                                 1 
_reflns.pdbx_ordinal                                   1 
_reflns.pdbx_CC_half                                   0.998 
_reflns.pdbx_CC_star                                   ? 
_reflns.pdbx_R_split                                   ? 
_reflns.pdbx_Rmerge_I_obs                              0.03446 
_reflns.pdbx_Rmerge_I_all                              ? 
_reflns.pdbx_Rsym_value                                ? 
_reflns.pdbx_CC_split_method                           ? 
_reflns.pdbx_aniso_diffraction_limit_axis_1_ortho[1]   ? 
_reflns.pdbx_aniso_diffraction_limit_axis_1_ortho[2]   ? 
_reflns.pdbx_aniso_diffraction_limit_axis_1_ortho[3]   ? 
_reflns.pdbx_aniso_diffraction_limit_axis_2_ortho[1]   ? 
_reflns.pdbx_aniso_diffraction_limit_axis_2_ortho[2]   ? 
_reflns.pdbx_aniso_diffraction_limit_axis_2_ortho[3]   ? 
_reflns.pdbx_aniso_diffraction_limit_axis_3_ortho[1]   ? 
_reflns.pdbx_aniso_diffraction_limit_axis_3_ortho[2]   ? 
_reflns.pdbx_aniso_diffraction_limit_axis_3_ortho[3]   ? 
_reflns.pdbx_aniso_diffraction_limit_1                 ? 
_reflns.pdbx_aniso_diffraction_limit_2                 ? 
_reflns.pdbx_aniso_diffraction_limit_3                 ? 
_reflns.pdbx_aniso_B_tensor_eigenvector_1_ortho[1]     ? 
_reflns.pdbx_aniso_B_tensor_eigenvector_1_ortho[2]     ? 
_reflns.pdbx_aniso_B_tensor_eigenvector_1_ortho[3]     ? 
_reflns.pdbx_aniso_B_tensor_eigenvector_2_ortho[1]     ? 
_reflns.pdbx_aniso_B_tensor_eigenvector_2_ortho[2]     ? 
_reflns.pdbx_aniso_B_tensor_eigenvector_2_ortho[3]     ? 
_reflns.pdbx_aniso_B_tensor_eigenvector_3_ortho[1]     ? 
_reflns.pdbx_aniso_B_tensor_eigenvector_3_ortho[2]     ? 
_reflns.pdbx_aniso_B_tensor_eigenvector_3_ortho[3]     ? 
_reflns.pdbx_aniso_B_tensor_eigenvalue_1               ? 
_reflns.pdbx_aniso_B_tensor_eigenvalue_2               ? 
_reflns.pdbx_aniso_B_tensor_eigenvalue_3               ? 
_reflns.pdbx_orthogonalization_convention              ? 
_reflns.pdbx_percent_possible_ellipsoidal              ? 
_reflns.pdbx_percent_possible_spherical                ? 
_reflns.pdbx_percent_possible_ellipsoidal_anomalous    ? 
_reflns.pdbx_percent_possible_spherical_anomalous      ? 
_reflns.pdbx_redundancy_anomalous                      ? 
_reflns.pdbx_CC_half_anomalous                         ? 
_reflns.pdbx_absDiff_over_sigma_anomalous              ? 
_reflns.pdbx_percent_possible_anomalous                ? 
_reflns.pdbx_observed_signal_threshold                 ? 
_reflns.pdbx_signal_type                               ? 
_reflns.pdbx_signal_details                            ? 
_reflns.pdbx_signal_software_id                        ? 
# 
_reflns_shell.d_res_high                                    2.5 
_reflns_shell.d_res_low                                     2.59 
_reflns_shell.meanI_over_sigI_all                           ? 
_reflns_shell.meanI_over_sigI_obs                           5.53 
_reflns_shell.number_measured_all                           ? 
_reflns_shell.number_measured_obs                           ? 
_reflns_shell.number_possible                               ? 
_reflns_shell.number_unique_all                             ? 
_reflns_shell.number_unique_obs                             397 
_reflns_shell.percent_possible_obs                          ? 
_reflns_shell.Rmerge_F_all                                  ? 
_reflns_shell.Rmerge_F_obs                                  ? 
_reflns_shell.meanI_over_sigI_gt                            ? 
_reflns_shell.meanI_over_uI_all                             ? 
_reflns_shell.meanI_over_uI_gt                              ? 
_reflns_shell.number_measured_gt                            ? 
_reflns_shell.number_unique_gt                              ? 
_reflns_shell.percent_possible_gt                           ? 
_reflns_shell.Rmerge_F_gt                                   ? 
_reflns_shell.Rmerge_I_gt                                   ? 
_reflns_shell.pdbx_redundancy                               2.0 
_reflns_shell.pdbx_chi_squared                              ? 
_reflns_shell.pdbx_netI_over_sigmaI_all                     ? 
_reflns_shell.pdbx_netI_over_sigmaI_obs                     ? 
_reflns_shell.pdbx_Rrim_I_all                               0.2712 
_reflns_shell.pdbx_Rpim_I_all                               ? 
_reflns_shell.pdbx_rejects                                  ? 
_reflns_shell.pdbx_ordinal                                  1 
_reflns_shell.pdbx_diffrn_id                                1 
_reflns_shell.pdbx_CC_half                                  0.901 
_reflns_shell.pdbx_CC_star                                  ? 
_reflns_shell.pdbx_R_split                                  ? 
_reflns_shell.percent_possible_all                          89 
_reflns_shell.Rmerge_I_all                                  ? 
_reflns_shell.Rmerge_I_obs                                  0.1918 
_reflns_shell.pdbx_Rsym_value                               ? 
_reflns_shell.pdbx_percent_possible_ellipsoidal             ? 
_reflns_shell.pdbx_percent_possible_spherical               ? 
_reflns_shell.pdbx_percent_possible_ellipsoidal_anomalous   ? 
_reflns_shell.pdbx_percent_possible_spherical_anomalous     ? 
_reflns_shell.pdbx_redundancy_anomalous                     ? 
_reflns_shell.pdbx_CC_half_anomalous                        ? 
_reflns_shell.pdbx_absDiff_over_sigma_anomalous             ? 
_reflns_shell.pdbx_percent_possible_anomalous               ? 
# 
_refine.aniso_B[1][1]                            -2.019 
_refine.aniso_B[1][2]                            5.863 
_refine.aniso_B[1][3]                            -2.551 
_refine.aniso_B[2][2]                            12.265 
_refine.aniso_B[2][3]                            -4.386 
_refine.aniso_B[3][3]                            -10.245 
_refine.B_iso_max                                ? 
_refine.B_iso_mean                               34.254 
_refine.B_iso_min                                ? 
_refine.correlation_coeff_Fo_to_Fc               0.925 
_refine.correlation_coeff_Fo_to_Fc_free          0.878 
_refine.details                                  'Hydrogens have not been used' 
_refine.diff_density_max                         ? 
_refine.diff_density_max_esd                     ? 
_refine.diff_density_min                         ? 
_refine.diff_density_min_esd                     ? 
_refine.diff_density_rms                         ? 
_refine.diff_density_rms_esd                     ? 
_refine.entry_id                                 8Q60 
_refine.pdbx_refine_id                           'X-RAY DIFFRACTION' 
_refine.ls_abs_structure_details                 ? 
_refine.ls_abs_structure_Flack                   ? 
_refine.ls_abs_structure_Flack_esd               ? 
_refine.ls_abs_structure_Rogers                  ? 
_refine.ls_abs_structure_Rogers_esd              ? 
_refine.ls_d_res_high                            2.500 
_refine.ls_d_res_low                             28.56 
_refine.ls_extinction_coef                       ? 
_refine.ls_extinction_coef_esd                   ? 
_refine.ls_extinction_expression                 ? 
_refine.ls_extinction_method                     ? 
_refine.ls_goodness_of_fit_all                   ? 
_refine.ls_goodness_of_fit_all_esd               ? 
_refine.ls_goodness_of_fit_obs                   ? 
_refine.ls_goodness_of_fit_obs_esd               ? 
_refine.ls_hydrogen_treatment                    ? 
_refine.ls_matrix_type                           ? 
_refine.ls_number_constraints                    ? 
_refine.ls_number_parameters                     ? 
_refine.ls_number_reflns_all                     ? 
_refine.ls_number_reflns_obs                     3985 
_refine.ls_number_reflns_R_free                  382 
_refine.ls_number_reflns_R_work                  3603 
_refine.ls_number_restraints                     ? 
_refine.ls_percent_reflns_obs                    90.179 
_refine.ls_percent_reflns_R_free                 9.586 
_refine.ls_R_factor_all                          0.283 
_refine.ls_R_factor_obs                          0.2832 
_refine.ls_R_factor_R_free                       0.3279 
_refine.ls_R_factor_R_free_error                 ? 
_refine.ls_R_factor_R_free_error_details         ? 
_refine.ls_R_factor_R_work                       0.2782 
_refine.ls_R_Fsqd_factor_obs                     ? 
_refine.ls_R_I_factor_obs                        ? 
_refine.ls_redundancy_reflns_all                 ? 
_refine.ls_redundancy_reflns_obs                 ? 
_refine.ls_restrained_S_all                      ? 
_refine.ls_restrained_S_obs                      ? 
_refine.ls_shift_over_esd_max                    ? 
_refine.ls_shift_over_esd_mean                   ? 
_refine.ls_structure_factor_coef                 ? 
_refine.ls_weighting_details                     ? 
_refine.ls_weighting_scheme                      ? 
_refine.ls_wR_factor_all                         ? 
_refine.ls_wR_factor_obs                         ? 
_refine.ls_wR_factor_R_free                      ? 
_refine.ls_wR_factor_R_work                      ? 
_refine.occupancy_max                            ? 
_refine.occupancy_min                            ? 
_refine.solvent_model_details                    'BABINET MODEL PLUS MASK' 
_refine.solvent_model_param_bsol                 ? 
_refine.solvent_model_param_ksol                 ? 
_refine.pdbx_R_complete                          ? 
_refine.ls_R_factor_gt                           ? 
_refine.ls_goodness_of_fit_gt                    ? 
_refine.ls_goodness_of_fit_ref                   ? 
_refine.ls_shift_over_su_max                     ? 
_refine.ls_shift_over_su_max_lt                  ? 
_refine.ls_shift_over_su_mean                    ? 
_refine.ls_shift_over_su_mean_lt                 ? 
_refine.pdbx_ls_sigma_I                          ? 
_refine.pdbx_ls_sigma_F                          ? 
_refine.pdbx_ls_sigma_Fsqd                       ? 
_refine.pdbx_data_cutoff_high_absF               ? 
_refine.pdbx_data_cutoff_high_rms_absF           ? 
_refine.pdbx_data_cutoff_low_absF                ? 
_refine.pdbx_isotropic_thermal_model             ? 
_refine.pdbx_ls_cross_valid_method               'FREE R-VALUE' 
_refine.pdbx_method_to_determine_struct          'MOLECULAR REPLACEMENT' 
_refine.pdbx_starting_model                      ? 
_refine.pdbx_stereochemistry_target_values       ? 
_refine.pdbx_R_Free_selection_details            ? 
_refine.pdbx_stereochem_target_val_spec_case     ? 
_refine.pdbx_overall_ESU_R                       0.166 
_refine.pdbx_overall_ESU_R_Free                  0.083 
_refine.pdbx_solvent_vdw_probe_radii             1.200 
_refine.pdbx_solvent_ion_probe_radii             0.800 
_refine.pdbx_solvent_shrinkage_radii             0.800 
_refine.pdbx_real_space_R                        ? 
_refine.pdbx_density_correlation                 ? 
_refine.pdbx_pd_number_of_powder_patterns        ? 
_refine.pdbx_pd_number_of_points                 ? 
_refine.pdbx_pd_meas_number_of_points            ? 
_refine.pdbx_pd_proc_ls_prof_R_factor            ? 
_refine.pdbx_pd_proc_ls_prof_wR_factor           ? 
_refine.pdbx_pd_Marquardt_correlation_coeff      ? 
_refine.pdbx_pd_Fsqrd_R_factor                   ? 
_refine.pdbx_pd_ls_matrix_band_width             ? 
_refine.pdbx_overall_phase_error                 ? 
_refine.pdbx_overall_SU_R_free_Cruickshank_DPI   ? 
_refine.pdbx_overall_SU_R_free_Blow_DPI          ? 
_refine.pdbx_overall_SU_R_Blow_DPI               ? 
_refine.pdbx_TLS_residual_ADP_flag               ? 
_refine.pdbx_diffrn_id                           1 
_refine.overall_SU_B                             7.788 
_refine.overall_SU_ML                            0.111 
_refine.overall_SU_R_Cruickshank_DPI             ? 
_refine.overall_SU_R_free                        ? 
_refine.overall_FOM_free_R_set                   ? 
_refine.overall_FOM_work_R_set                   ? 
_refine.pdbx_average_fsc_overall                 ? 
_refine.pdbx_average_fsc_work                    ? 
_refine.pdbx_average_fsc_free                    ? 
# 
_refine_hist.pdbx_refine_id                   'X-RAY DIFFRACTION' 
_refine_hist.cycle_id                         LAST 
_refine_hist.pdbx_number_atoms_protein        0 
_refine_hist.pdbx_number_atoms_nucleic_acid   401 
_refine_hist.pdbx_number_atoms_ligand         163 
_refine_hist.number_atoms_solvent             175 
_refine_hist.number_atoms_total               739 
_refine_hist.d_res_high                       2.500 
_refine_hist.d_res_low                        28.56 
# 
loop_
_refine_ls_restr.pdbx_refine_id 
_refine_ls_restr.criterion 
_refine_ls_restr.dev_ideal 
_refine_ls_restr.dev_ideal_target 
_refine_ls_restr.number 
_refine_ls_restr.rejects 
_refine_ls_restr.type 
_refine_ls_restr.weight 
_refine_ls_restr.pdbx_restraint_function 
'X-RAY DIFFRACTION' ? 0.013 0.012  626  ? r_bond_refined_d               ? ? 
'X-RAY DIFFRACTION' ? 1.960 1.913  936  ? r_angle_refined_deg            ? ? 
'X-RAY DIFFRACTION' ? 0.085 0.200  92   ? r_chiral_restr                 ? ? 
'X-RAY DIFFRACTION' ? 0.014 0.020  312  ? r_gen_planes_refined           ? ? 
'X-RAY DIFFRACTION' ? 0.233 0.200  260  ? r_nbd_refined                  ? ? 
'X-RAY DIFFRACTION' ? 0.334 0.200  359  ? r_nbtor_refined                ? ? 
'X-RAY DIFFRACTION' ? 0.271 0.200  125  ? r_xyhbond_nbd_refined          ? ? 
'X-RAY DIFFRACTION' ? 0.160 0.200  3    ? r_metal_ion_refined            ? ? 
'X-RAY DIFFRACTION' ? 0.173 0.200  87   ? r_symmetry_nbd_refined         ? ? 
'X-RAY DIFFRACTION' ? 0.189 0.200  69   ? r_symmetry_xyhbond_nbd_refined ? ? 
'X-RAY DIFFRACTION' ? 4.540 2.866  626  ? r_scbond_it                    ? ? 
'X-RAY DIFFRACTION' ? 5.944 5.171  936  ? r_scangle_it                   ? ? 
'X-RAY DIFFRACTION' ? 9.472 41.057 3443 ? r_lrange_it                    ? ? 
# 
loop_
_refine_ls_shell.pdbx_refine_id 
_refine_ls_shell.d_res_high 
_refine_ls_shell.d_res_low 
_refine_ls_shell.number_reflns_all 
_refine_ls_shell.number_reflns_obs 
_refine_ls_shell.number_reflns_R_free 
_refine_ls_shell.number_reflns_R_work 
_refine_ls_shell.percent_reflns_obs 
_refine_ls_shell.percent_reflns_R_free 
_refine_ls_shell.R_factor_all 
_refine_ls_shell.R_factor_obs 
_refine_ls_shell.R_factor_R_free_error 
_refine_ls_shell.R_factor_R_work 
_refine_ls_shell.redundancy_reflns_all 
_refine_ls_shell.redundancy_reflns_obs 
_refine_ls_shell.wR_factor_all 
_refine_ls_shell.wR_factor_obs 
_refine_ls_shell.wR_factor_R_free 
_refine_ls_shell.wR_factor_R_work 
_refine_ls_shell.pdbx_R_complete 
_refine_ls_shell.pdbx_total_number_of_bins_used 
_refine_ls_shell.pdbx_phase_error 
_refine_ls_shell.pdbx_fsc_work 
_refine_ls_shell.pdbx_fsc_free 
_refine_ls_shell.R_factor_R_free 
'X-RAY DIFFRACTION' 2.500  2.565  . . 31 265 88.8889 . . . . 0.334 . . . . . . . . . . . 0.442 
'X-RAY DIFFRACTION' 2.565  2.634  . . 31 249 88.8889 . . . . 0.326 . . . . . . . . . . . 0.420 
'X-RAY DIFFRACTION' 2.634  2.710  . . 18 251 88.7789 . . . . 0.319 . . . . . . . . . . . 0.524 
'X-RAY DIFFRACTION' 2.710  2.793  . . 17 255 90.9699 . . . . 0.294 . . . . . . . . . . . 0.473 
'X-RAY DIFFRACTION' 2.793  2.883  . . 15 235 87.1080 . . . . 0.309 . . . . . . . . . . . 0.413 
'X-RAY DIFFRACTION' 2.883  2.983  . . 22 246 90.2357 . . . . 0.307 . . . . . . . . . . . 0.295 
'X-RAY DIFFRACTION' 2.983  3.095  . . 25 194 85.5469 . . . . 0.370 . . . . . . . . . . . 0.373 
'X-RAY DIFFRACTION' 3.095  3.219  . . 33 207 90.2256 . . . . 0.263 . . . . . . . . . . . 0.296 
'X-RAY DIFFRACTION' 3.219  3.361  . . 40 187 90.4382 . . . . 0.276 . . . . . . . . . . . 0.298 
'X-RAY DIFFRACTION' 3.361  3.522  . . 29 190 93.1915 . . . . 0.209 . . . . . . . . . . . 0.310 
'X-RAY DIFFRACTION' 3.522  3.710  . . 12 188 90.0901 . . . . 0.205 . . . . . . . . . . . 0.421 
'X-RAY DIFFRACTION' 3.710  3.931  . . 23 184 93.6652 . . . . 0.222 . . . . . . . . . . . 0.281 
'X-RAY DIFFRACTION' 3.931  4.196  . . 18 170 91.2621 . . . . 0.226 . . . . . . . . . . . 0.219 
'X-RAY DIFFRACTION' 4.196  4.524  . . 21 145 88.7701 . . . . 0.291 . . . . . . . . . . . 0.305 
'X-RAY DIFFRACTION' 4.524  4.944  . . 6  153 91.9075 . . . . 0.307 . . . . . . . . . . . 0.163 
'X-RAY DIFFRACTION' 4.944  5.507  . . 3  135 88.4615 . . . . 0.271 . . . . . . . . . . . 0.322 
'X-RAY DIFFRACTION' 5.507  6.320  . . 8  120 92.7536 . . . . 0.300 . . . . . . . . . . . 0.131 
'X-RAY DIFFRACTION' 6.320  7.647  . . 12 106 96.7213 . . . . 0.288 . . . . . . . . . . . 0.539 
'X-RAY DIFFRACTION' 7.647  10.446 . . 12 76  94.6237 . . . . 0.292 . . . . . . . . . . . 0.375 
'X-RAY DIFFRACTION' 10.446 28.56  . . 6  47  89.8305 . . . . 0.419 . . . . . . . . . . . 0.316 
# 
_struct.entry_id                     8Q60 
_struct.title                        'Racemic crystal structure of a synthetic DNA Hairpin with diquinoline linker.' 
_struct.pdbx_model_details           ? 
_struct.pdbx_formula_weight          ? 
_struct.pdbx_formula_weight_method   ? 
_struct.pdbx_model_type_details      ? 
_struct.pdbx_CASP_flag               N 
# 
_struct_keywords.entry_id        8Q60 
_struct_keywords.text            'DNA hairpin, DNA-mimic foldamers, DNA' 
_struct_keywords.pdbx_keywords   DNA 
# 
loop_
_struct_asym.id 
_struct_asym.pdbx_blank_PDB_chainid_flag 
_struct_asym.pdbx_modified 
_struct_asym.entity_id 
_struct_asym.details 
A N N 1 ? 
B N N 1 ? 
C N N 2 ? 
D N N 2 ? 
E N N 3 ? 
F N N 4 ? 
G N N 3 ? 
H N N 4 ? 
I N N 4 ? 
J N N 4 ? 
K N N 5 ? 
L N N 5 ? 
M N N 5 ? 
N N N 5 ? 
# 
loop_
_struct_ref.id 
_struct_ref.db_name 
_struct_ref.db_code 
_struct_ref.pdbx_db_accession 
_struct_ref.pdbx_db_isoform 
_struct_ref.entity_id 
_struct_ref.pdbx_seq_one_letter_code 
_struct_ref.pdbx_align_begin 
1 PDB 8Q60 8Q60 ? 1 ? 1 
2 PDB 8Q60 8Q60 ? 2 ? 1 
# 
loop_
_struct_ref_seq.align_id 
_struct_ref_seq.ref_id 
_struct_ref_seq.pdbx_PDB_id_code 
_struct_ref_seq.pdbx_strand_id 
_struct_ref_seq.seq_align_beg 
_struct_ref_seq.pdbx_seq_align_beg_ins_code 
_struct_ref_seq.seq_align_end 
_struct_ref_seq.pdbx_seq_align_end_ins_code 
_struct_ref_seq.pdbx_db_accession 
_struct_ref_seq.db_align_beg 
_struct_ref_seq.pdbx_db_align_beg_ins_code 
_struct_ref_seq.db_align_end 
_struct_ref_seq.pdbx_db_align_end_ins_code 
_struct_ref_seq.pdbx_auth_seq_align_beg 
_struct_ref_seq.pdbx_auth_seq_align_end 
1 1 8Q60 A 1 ? 6 ? 8Q60 1 ? 6  ? 1 6  
2 1 8Q60 D 1 ? 6 ? 8Q60 1 ? 6  ? 1 6  
3 2 8Q60 B 1 ? 6 ? 8Q60 8 ? 13 ? 8 13 
4 2 8Q60 E 1 ? 6 ? 8Q60 8 ? 13 ? 8 13 
# 
loop_
_pdbx_struct_assembly.id 
_pdbx_struct_assembly.details 
_pdbx_struct_assembly.method_details 
_pdbx_struct_assembly.oligomeric_details 
_pdbx_struct_assembly.oligomeric_count 
1 author_defined_assembly ? dimeric 2 
2 author_defined_assembly ? dimeric 2 
# 
loop_
_pdbx_struct_assembly_gen.assembly_id 
_pdbx_struct_assembly_gen.oper_expression 
_pdbx_struct_assembly_gen.asym_id_list 
1 1 A,C,E,H,I,K,M 
2 1 B,D,F,G,J,L,N 
# 
_pdbx_struct_assembly_auth_evidence.id                     1 
_pdbx_struct_assembly_auth_evidence.assembly_id            1 
_pdbx_struct_assembly_auth_evidence.experimental_support   'mass spectrometry' 
_pdbx_struct_assembly_auth_evidence.details                ? 
# 
_pdbx_struct_oper_list.id                   1 
_pdbx_struct_oper_list.type                 'identity operation' 
_pdbx_struct_oper_list.name                 1_555 
_pdbx_struct_oper_list.symmetry_operation   x,y,z 
_pdbx_struct_oper_list.matrix[1][1]         1.0000000000 
_pdbx_struct_oper_list.matrix[1][2]         0.0000000000 
_pdbx_struct_oper_list.matrix[1][3]         0.0000000000 
_pdbx_struct_oper_list.vector[1]            0.0000000000 
_pdbx_struct_oper_list.matrix[2][1]         0.0000000000 
_pdbx_struct_oper_list.matrix[2][2]         1.0000000000 
_pdbx_struct_oper_list.matrix[2][3]         0.0000000000 
_pdbx_struct_oper_list.vector[2]            0.0000000000 
_pdbx_struct_oper_list.matrix[3][1]         0.0000000000 
_pdbx_struct_oper_list.matrix[3][2]         0.0000000000 
_pdbx_struct_oper_list.matrix[3][3]         1.0000000000 
_pdbx_struct_oper_list.vector[3]            0.0000000000 
# 
loop_
_struct_conn.id 
_struct_conn.conn_type_id 
_struct_conn.pdbx_leaving_atom_flag 
_struct_conn.pdbx_PDB_id 
_struct_conn.ptnr1_label_asym_id 
_struct_conn.ptnr1_label_comp_id 
_struct_conn.ptnr1_label_seq_id 
_struct_conn.ptnr1_label_atom_id 
_struct_conn.pdbx_ptnr1_label_alt_id 
_struct_conn.pdbx_ptnr1_PDB_ins_code 
_struct_conn.pdbx_ptnr1_standard_comp_id 
_struct_conn.ptnr1_symmetry 
_struct_conn.ptnr2_label_asym_id 
_struct_conn.ptnr2_label_comp_id 
_struct_conn.ptnr2_label_seq_id 
_struct_conn.ptnr2_label_atom_id 
_struct_conn.pdbx_ptnr2_label_alt_id 
_struct_conn.pdbx_ptnr2_PDB_ins_code 
_struct_conn.ptnr1_auth_asym_id 
_struct_conn.ptnr1_auth_comp_id 
_struct_conn.ptnr1_auth_seq_id 
_struct_conn.ptnr2_auth_asym_id 
_struct_conn.ptnr2_auth_comp_id 
_struct_conn.ptnr2_auth_seq_id 
_struct_conn.ptnr2_symmetry 
_struct_conn.pdbx_ptnr3_label_atom_id 
_struct_conn.pdbx_ptnr3_label_seq_id 
_struct_conn.pdbx_ptnr3_label_comp_id 
_struct_conn.pdbx_ptnr3_label_asym_id 
_struct_conn.pdbx_ptnr3_label_alt_id 
_struct_conn.pdbx_ptnr3_PDB_ins_code 
_struct_conn.details 
_struct_conn.pdbx_dist_value 
_struct_conn.pdbx_value_order 
_struct_conn.pdbx_role 
covale1  covale one ? A DG  6 "O3'" ? ? ? 1_555 E JY9 . PAA ? ? A DG  6   A JY9 101 1_555 ? ? ? ? ? ? ?            1.608 ? ? 
covale2  covale one ? E JY9 . OBC   ? ? ? 1_555 C DC  1 P   ? ? A JY9 101 B DC  8   1_555 ? ? ? ? ? ? ?            1.680 ? ? 
covale3  covale one ? B DG  6 "O3'" ? ? ? 1_555 G JY9 . PAA ? ? D DG  6   D JY9 102 1_555 ? ? ? ? ? ? ?            1.593 ? ? 
covale4  covale one ? G JY9 . OBC   ? ? ? 1_555 D DC  1 P   ? ? D JY9 102 E DC  8   1_555 ? ? ? ? ? ? ?            1.598 ? ? 
metalc1  metalc ?   ? K HOH . O     ? ? ? 1_555 I MG  . MG  ? ? A HOH 203 B MG  102 1_555 ? ? ? ? ? ? ?            2.983 ? ? 
metalc2  metalc ?   ? K HOH . O     ? ? ? 2_578 F MG  . MG  ? ? A HOH 212 D MG  101 1_555 ? ? ? ? ? ? ?            2.123 ? ? 
metalc3  metalc ?   ? K HOH . O     ? ? ? 2_578 F MG  . MG  ? ? A HOH 236 D MG  101 1_555 ? ? ? ? ? ? ?            2.138 ? ? 
metalc4  metalc ?   ? K HOH . O     ? ? ? 1_555 I MG  . MG  ? ? A HOH 238 B MG  102 1_555 ? ? ? ? ? ? ?            2.877 ? ? 
metalc5  metalc ?   ? K HOH . O     ? ? ? 1_555 I MG  . MG  ? ? A HOH 243 B MG  102 1_555 ? ? ? ? ? ? ?            2.660 ? ? 
metalc6  metalc ?   ? F MG  . MG    ? ? ? 1_555 L HOH . O   ? ? D MG  101 D HOH 209 1_555 ? ? ? ? ? ? ?            2.336 ? ? 
metalc7  metalc ?   ? F MG  . MG    ? ? ? 1_555 L HOH . O   ? ? D MG  101 D HOH 230 1_555 ? ? ? ? ? ? ?            1.958 ? ? 
metalc8  metalc ?   ? F MG  . MG    ? ? ? 1_555 L HOH . O   ? ? D MG  101 D HOH 241 1_555 ? ? ? ? ? ? ?            1.955 ? ? 
metalc9  metalc ?   ? F MG  . MG    ? ? ? 1_555 N HOH . O   ? ? D MG  101 E HOH 236 1_555 ? ? ? ? ? ? ?            1.999 ? ? 
metalc10 metalc ?   ? L HOH . O     ? ? ? 1_555 J MG  . MG  ? ? D HOH 202 E MG  101 1_555 ? ? ? ? ? ? ?            2.819 ? ? 
metalc11 metalc ?   ? L HOH . O     ? ? ? 1_555 J MG  . MG  ? ? D HOH 203 E MG  101 1_555 ? ? ? ? ? ? ?            2.077 ? ? 
metalc12 metalc ?   ? C DA  3 "O4'" ? ? ? 1_555 I MG  . MG  ? ? B DA  10  B MG  102 1_555 ? ? ? ? ? ? ?            2.687 ? ? 
metalc13 metalc ?   ? H MG  . MG    ? ? ? 1_555 M HOH . O   ? ? B MG  101 B HOH 212 1_555 ? ? ? ? ? ? ?            2.160 ? ? 
metalc14 metalc ?   ? H MG  . MG    ? ? ? 1_555 M HOH . O   ? ? B MG  101 B HOH 219 1_555 ? ? ? ? ? ? ?            2.020 ? ? 
metalc15 metalc ?   ? H MG  . MG    ? ? ? 1_555 M HOH . O   ? ? B MG  101 B HOH 227 1_555 ? ? ? ? ? ? ?            1.718 ? ? 
metalc16 metalc ?   ? H MG  . MG    ? ? ? 1_555 M HOH . O   ? ? B MG  101 B HOH 239 1_555 ? ? ? ? ? ? ?            2.286 ? ? 
metalc17 metalc ?   ? H MG  . MG    ? ? ? 1_555 N HOH . O   ? ? B MG  101 E HOH 211 2_588 ? ? ? ? ? ? ?            2.063 ? ? 
metalc18 metalc ?   ? H MG  . MG    ? ? ? 1_555 N HOH . O   ? ? B MG  101 E HOH 232 2_588 ? ? ? ? ? ? ?            2.013 ? ? 
metalc19 metalc ?   ? I MG  . MG    ? ? ? 1_555 M HOH . O   ? ? B MG  102 B HOH 224 1_555 ? ? ? ? ? ? ?            2.905 ? ? 
metalc20 metalc ?   ? J MG  . MG    ? ? ? 1_555 N HOH . O   ? ? E MG  101 E HOH 228 1_555 ? ? ? ? ? ? ?            2.084 ? ? 
hydrog1  hydrog ?   ? A DG  1 N1    ? ? ? 1_555 C DC  6 N3  ? ? A DG  1   B DC  13  1_555 ? ? ? ? ? ? WATSON-CRICK ?     ? ? 
hydrog2  hydrog ?   ? A DG  1 N2    ? ? ? 1_555 C DC  6 O2  ? ? A DG  1   B DC  13  1_555 ? ? ? ? ? ? WATSON-CRICK ?     ? ? 
hydrog3  hydrog ?   ? A DG  1 O6    ? ? ? 1_555 C DC  6 N4  ? ? A DG  1   B DC  13  1_555 ? ? ? ? ? ? WATSON-CRICK ?     ? ? 
hydrog4  hydrog ?   ? A DT  2 N3    ? ? ? 1_555 C DA  5 N1  ? ? A DT  2   B DA  12  1_555 ? ? ? ? ? ? WATSON-CRICK ?     ? ? 
hydrog5  hydrog ?   ? A DT  2 O4    ? ? ? 1_555 C DA  5 N6  ? ? A DT  2   B DA  12  1_555 ? ? ? ? ? ? WATSON-CRICK ?     ? ? 
hydrog6  hydrog ?   ? A DT  3 N3    ? ? ? 1_555 C DA  4 N1  ? ? A DT  3   B DA  11  1_555 ? ? ? ? ? ? WATSON-CRICK ?     ? ? 
hydrog7  hydrog ?   ? A DT  3 O4    ? ? ? 1_555 C DA  4 N6  ? ? A DT  3   B DA  11  1_555 ? ? ? ? ? ? WATSON-CRICK ?     ? ? 
hydrog8  hydrog ?   ? A DT  4 N3    ? ? ? 1_555 C DA  3 N1  ? ? A DT  4   B DA  10  1_555 ? ? ? ? ? ? WATSON-CRICK ?     ? ? 
hydrog9  hydrog ?   ? A DT  4 O4    ? ? ? 1_555 C DA  3 N6  ? ? A DT  4   B DA  10  1_555 ? ? ? ? ? ? WATSON-CRICK ?     ? ? 
hydrog10 hydrog ?   ? A DT  5 N3    ? ? ? 1_555 C DA  2 N1  ? ? A DT  5   B DA  9   1_555 ? ? ? ? ? ? WATSON-CRICK ?     ? ? 
hydrog11 hydrog ?   ? A DT  5 O4    ? ? ? 1_555 C DA  2 N6  ? ? A DT  5   B DA  9   1_555 ? ? ? ? ? ? WATSON-CRICK ?     ? ? 
hydrog12 hydrog ?   ? A DG  6 N1    ? ? ? 1_555 C DC  1 N3  ? ? A DG  6   B DC  8   1_555 ? ? ? ? ? ? WATSON-CRICK ?     ? ? 
hydrog13 hydrog ?   ? A DG  6 N2    ? ? ? 1_555 C DC  1 O2  ? ? A DG  6   B DC  8   1_555 ? ? ? ? ? ? WATSON-CRICK ?     ? ? 
hydrog14 hydrog ?   ? A DG  6 O6    ? ? ? 1_555 C DC  1 N4  ? ? A DG  6   B DC  8   1_555 ? ? ? ? ? ? WATSON-CRICK ?     ? ? 
hydrog15 hydrog ?   ? B DG  1 N2    ? ? ? 1_555 D DC  6 O2  ? ? D DG  1   E DC  13  1_555 ? ? ? ? ? ? 'DG-DC PAIR' ?     ? ? 
hydrog16 hydrog ?   ? B DT  2 N3    ? ? ? 1_555 D DA  5 N1  ? ? D DT  2   E DA  12  1_555 ? ? ? ? ? ? WATSON-CRICK ?     ? ? 
hydrog17 hydrog ?   ? B DT  2 O4    ? ? ? 1_555 D DA  5 N6  ? ? D DT  2   E DA  12  1_555 ? ? ? ? ? ? WATSON-CRICK ?     ? ? 
hydrog18 hydrog ?   ? B DT  3 N3    ? ? ? 1_555 D DA  4 N1  ? ? D DT  3   E DA  11  1_555 ? ? ? ? ? ? WATSON-CRICK ?     ? ? 
hydrog19 hydrog ?   ? B DT  3 O4    ? ? ? 1_555 D DA  4 N6  ? ? D DT  3   E DA  11  1_555 ? ? ? ? ? ? WATSON-CRICK ?     ? ? 
hydrog20 hydrog ?   ? B DT  4 N3    ? ? ? 1_555 D DA  3 N1  ? ? D DT  4   E DA  10  1_555 ? ? ? ? ? ? WATSON-CRICK ?     ? ? 
hydrog21 hydrog ?   ? B DT  4 O4    ? ? ? 1_555 D DA  3 N6  ? ? D DT  4   E DA  10  1_555 ? ? ? ? ? ? WATSON-CRICK ?     ? ? 
hydrog22 hydrog ?   ? B DT  5 N3    ? ? ? 1_555 D DA  2 N1  ? ? D DT  5   E DA  9   1_555 ? ? ? ? ? ? WATSON-CRICK ?     ? ? 
hydrog23 hydrog ?   ? B DT  5 O4    ? ? ? 1_555 D DA  2 N6  ? ? D DT  5   E DA  9   1_555 ? ? ? ? ? ? WATSON-CRICK ?     ? ? 
hydrog24 hydrog ?   ? B DG  6 N1    ? ? ? 1_555 D DC  1 N3  ? ? D DG  6   E DC  8   1_555 ? ? ? ? ? ? WATSON-CRICK ?     ? ? 
hydrog25 hydrog ?   ? B DG  6 N2    ? ? ? 1_555 D DC  1 O2  ? ? D DG  6   E DC  8   1_555 ? ? ? ? ? ? WATSON-CRICK ?     ? ? 
hydrog26 hydrog ?   ? B DG  6 O6    ? ? ? 1_555 D DC  1 N4  ? ? D DG  6   E DC  8   1_555 ? ? ? ? ? ? WATSON-CRICK ?     ? ? 
# 
loop_
_struct_conn_type.id 
_struct_conn_type.criteria 
_struct_conn_type.reference 
covale ? ? 
metalc ? ? 
hydrog ? ? 
# 
loop_
_pdbx_struct_conn_angle.id 
_pdbx_struct_conn_angle.ptnr1_label_atom_id 
_pdbx_struct_conn_angle.ptnr1_label_alt_id 
_pdbx_struct_conn_angle.ptnr1_label_asym_id 
_pdbx_struct_conn_angle.ptnr1_label_comp_id 
_pdbx_struct_conn_angle.ptnr1_label_seq_id 
_pdbx_struct_conn_angle.ptnr1_auth_atom_id 
_pdbx_struct_conn_angle.ptnr1_auth_asym_id 
_pdbx_struct_conn_angle.ptnr1_auth_comp_id 
_pdbx_struct_conn_angle.ptnr1_auth_seq_id 
_pdbx_struct_conn_angle.ptnr1_PDB_ins_code 
_pdbx_struct_conn_angle.ptnr1_symmetry 
_pdbx_struct_conn_angle.ptnr2_label_atom_id 
_pdbx_struct_conn_angle.ptnr2_label_alt_id 
_pdbx_struct_conn_angle.ptnr2_label_asym_id 
_pdbx_struct_conn_angle.ptnr2_label_comp_id 
_pdbx_struct_conn_angle.ptnr2_label_seq_id 
_pdbx_struct_conn_angle.ptnr2_auth_atom_id 
_pdbx_struct_conn_angle.ptnr2_auth_asym_id 
_pdbx_struct_conn_angle.ptnr2_auth_comp_id 
_pdbx_struct_conn_angle.ptnr2_auth_seq_id 
_pdbx_struct_conn_angle.ptnr2_PDB_ins_code 
_pdbx_struct_conn_angle.ptnr2_symmetry 
_pdbx_struct_conn_angle.ptnr3_label_atom_id 
_pdbx_struct_conn_angle.ptnr3_label_alt_id 
_pdbx_struct_conn_angle.ptnr3_label_asym_id 
_pdbx_struct_conn_angle.ptnr3_label_comp_id 
_pdbx_struct_conn_angle.ptnr3_label_seq_id 
_pdbx_struct_conn_angle.ptnr3_auth_atom_id 
_pdbx_struct_conn_angle.ptnr3_auth_asym_id 
_pdbx_struct_conn_angle.ptnr3_auth_comp_id 
_pdbx_struct_conn_angle.ptnr3_auth_seq_id 
_pdbx_struct_conn_angle.ptnr3_PDB_ins_code 
_pdbx_struct_conn_angle.ptnr3_symmetry 
_pdbx_struct_conn_angle.value 
_pdbx_struct_conn_angle.value_esd 
1  O     ? K HOH . ? A HOH 203 ? 1_555 MG ? I MG . ? B MG 102 ? 1_555 O     ? K HOH . ? A HOH 238 ? 1_555 121.7 ? 
2  O     ? K HOH . ? A HOH 203 ? 1_555 MG ? I MG . ? B MG 102 ? 1_555 O     ? K HOH . ? A HOH 243 ? 1_555 68.3  ? 
3  O     ? K HOH . ? A HOH 238 ? 1_555 MG ? I MG . ? B MG 102 ? 1_555 O     ? K HOH . ? A HOH 243 ? 1_555 81.3  ? 
4  O     ? K HOH . ? A HOH 203 ? 1_555 MG ? I MG . ? B MG 102 ? 1_555 "O4'" ? C DA  3 ? B DA  10  ? 1_555 120.7 ? 
5  O     ? K HOH . ? A HOH 238 ? 1_555 MG ? I MG . ? B MG 102 ? 1_555 "O4'" ? C DA  3 ? B DA  10  ? 1_555 115.4 ? 
6  O     ? K HOH . ? A HOH 243 ? 1_555 MG ? I MG . ? B MG 102 ? 1_555 "O4'" ? C DA  3 ? B DA  10  ? 1_555 137.6 ? 
7  O     ? K HOH . ? A HOH 203 ? 1_555 MG ? I MG . ? B MG 102 ? 1_555 O     ? M HOH . ? B HOH 224 ? 1_555 84.9  ? 
8  O     ? K HOH . ? A HOH 238 ? 1_555 MG ? I MG . ? B MG 102 ? 1_555 O     ? M HOH . ? B HOH 224 ? 1_555 124.0 ? 
9  O     ? K HOH . ? A HOH 243 ? 1_555 MG ? I MG . ? B MG 102 ? 1_555 O     ? M HOH . ? B HOH 224 ? 1_555 63.3  ? 
10 "O4'" ? C DA  3 ? B DA  10  ? 1_555 MG ? I MG . ? B MG 102 ? 1_555 O     ? M HOH . ? B HOH 224 ? 1_555 75.8  ? 
11 O     ? K HOH . ? A HOH 212 ? 2_578 MG ? F MG . ? D MG 101 ? 1_555 O     ? K HOH . ? A HOH 236 ? 2_578 76.8  ? 
12 O     ? K HOH . ? A HOH 212 ? 2_578 MG ? F MG . ? D MG 101 ? 1_555 O     ? L HOH . ? D HOH 209 ? 1_555 77.3  ? 
13 O     ? K HOH . ? A HOH 236 ? 2_578 MG ? F MG . ? D MG 101 ? 1_555 O     ? L HOH . ? D HOH 209 ? 1_555 77.2  ? 
14 O     ? K HOH . ? A HOH 212 ? 2_578 MG ? F MG . ? D MG 101 ? 1_555 O     ? L HOH . ? D HOH 230 ? 1_555 146.2 ? 
15 O     ? K HOH . ? A HOH 236 ? 2_578 MG ? F MG . ? D MG 101 ? 1_555 O     ? L HOH . ? D HOH 230 ? 1_555 72.0  ? 
16 O     ? L HOH . ? D HOH 209 ? 1_555 MG ? F MG . ? D MG 101 ? 1_555 O     ? L HOH . ? D HOH 230 ? 1_555 83.2  ? 
17 O     ? K HOH . ? A HOH 212 ? 2_578 MG ? F MG . ? D MG 101 ? 1_555 O     ? L HOH . ? D HOH 241 ? 1_555 72.7  ? 
18 O     ? K HOH . ? A HOH 236 ? 2_578 MG ? F MG . ? D MG 101 ? 1_555 O     ? L HOH . ? D HOH 241 ? 1_555 147.0 ? 
19 O     ? L HOH . ? D HOH 209 ? 1_555 MG ? F MG . ? D MG 101 ? 1_555 O     ? L HOH . ? D HOH 241 ? 1_555 84.0  ? 
20 O     ? L HOH . ? D HOH 230 ? 1_555 MG ? F MG . ? D MG 101 ? 1_555 O     ? L HOH . ? D HOH 241 ? 1_555 132.5 ? 
21 O     ? K HOH . ? A HOH 212 ? 2_578 MG ? F MG . ? D MG 101 ? 1_555 O     ? N HOH . ? E HOH 236 ? 1_555 101.7 ? 
22 O     ? K HOH . ? A HOH 236 ? 2_578 MG ? F MG . ? D MG 101 ? 1_555 O     ? N HOH . ? E HOH 236 ? 1_555 80.7  ? 
23 O     ? L HOH . ? D HOH 209 ? 1_555 MG ? F MG . ? D MG 101 ? 1_555 O     ? N HOH . ? E HOH 236 ? 1_555 157.5 ? 
24 O     ? L HOH . ? D HOH 230 ? 1_555 MG ? F MG . ? D MG 101 ? 1_555 O     ? N HOH . ? E HOH 236 ? 1_555 86.2  ? 
25 O     ? L HOH . ? D HOH 241 ? 1_555 MG ? F MG . ? D MG 101 ? 1_555 O     ? N HOH . ? E HOH 236 ? 1_555 117.5 ? 
26 O     ? L HOH . ? D HOH 202 ? 1_555 MG ? J MG . ? E MG 101 ? 1_555 O     ? L HOH . ? D HOH 203 ? 1_555 79.7  ? 
27 O     ? L HOH . ? D HOH 202 ? 1_555 MG ? J MG . ? E MG 101 ? 1_555 O     ? N HOH . ? E HOH 228 ? 1_555 70.0  ? 
28 O     ? L HOH . ? D HOH 203 ? 1_555 MG ? J MG . ? E MG 101 ? 1_555 O     ? N HOH . ? E HOH 228 ? 1_555 144.4 ? 
29 O     ? M HOH . ? B HOH 212 ? 1_555 MG ? H MG . ? B MG 101 ? 1_555 O     ? M HOH . ? B HOH 219 ? 1_555 89.6  ? 
30 O     ? M HOH . ? B HOH 212 ? 1_555 MG ? H MG . ? B MG 101 ? 1_555 O     ? M HOH . ? B HOH 227 ? 1_555 97.4  ? 
31 O     ? M HOH . ? B HOH 219 ? 1_555 MG ? H MG . ? B MG 101 ? 1_555 O     ? M HOH . ? B HOH 227 ? 1_555 80.9  ? 
32 O     ? M HOH . ? B HOH 212 ? 1_555 MG ? H MG . ? B MG 101 ? 1_555 O     ? M HOH . ? B HOH 239 ? 1_555 164.6 ? 
33 O     ? M HOH . ? B HOH 219 ? 1_555 MG ? H MG . ? B MG 101 ? 1_555 O     ? M HOH . ? B HOH 239 ? 1_555 80.9  ? 
34 O     ? M HOH . ? B HOH 227 ? 1_555 MG ? H MG . ? B MG 101 ? 1_555 O     ? M HOH . ? B HOH 239 ? 1_555 93.1  ? 
35 O     ? M HOH . ? B HOH 212 ? 1_555 MG ? H MG . ? B MG 101 ? 1_555 O     ? N HOH . ? E HOH 211 ? 2_588 87.2  ? 
36 O     ? M HOH . ? B HOH 219 ? 1_555 MG ? H MG . ? B MG 101 ? 1_555 O     ? N HOH . ? E HOH 211 ? 2_588 175.8 ? 
37 O     ? M HOH . ? B HOH 227 ? 1_555 MG ? H MG . ? B MG 101 ? 1_555 O     ? N HOH . ? E HOH 211 ? 2_588 102.1 ? 
38 O     ? M HOH . ? B HOH 239 ? 1_555 MG ? H MG . ? B MG 101 ? 1_555 O     ? N HOH . ? E HOH 211 ? 2_588 101.7 ? 
39 O     ? M HOH . ? B HOH 212 ? 1_555 MG ? H MG . ? B MG 101 ? 1_555 O     ? N HOH . ? E HOH 232 ? 2_588 88.4  ? 
40 O     ? M HOH . ? B HOH 219 ? 1_555 MG ? H MG . ? B MG 101 ? 1_555 O     ? N HOH . ? E HOH 232 ? 2_588 80.1  ? 
41 O     ? M HOH . ? B HOH 227 ? 1_555 MG ? H MG . ? B MG 101 ? 1_555 O     ? N HOH . ? E HOH 232 ? 2_588 160.0 ? 
42 O     ? M HOH . ? B HOH 239 ? 1_555 MG ? H MG . ? B MG 101 ? 1_555 O     ? N HOH . ? E HOH 232 ? 2_588 78.0  ? 
43 O     ? N HOH . ? E HOH 211 ? 2_588 MG ? H MG . ? B MG 101 ? 1_555 O     ? N HOH . ? E HOH 232 ? 2_588 97.2  ? 
# 
_pdbx_entry_details.entry_id                   8Q60 
_pdbx_entry_details.has_ligand_of_interest     Y 
_pdbx_entry_details.compound_details           ? 
_pdbx_entry_details.source_details             ? 
_pdbx_entry_details.nonpolymer_details         ? 
_pdbx_entry_details.sequence_details           ? 
_pdbx_entry_details.has_protein_modification   N 
# 
_pdbx_validate_close_contact.id               1 
_pdbx_validate_close_contact.PDB_model_num    1 
_pdbx_validate_close_contact.auth_atom_id_1   "O3'" 
_pdbx_validate_close_contact.auth_asym_id_1   A 
_pdbx_validate_close_contact.auth_comp_id_1   DG 
_pdbx_validate_close_contact.auth_seq_id_1    6 
_pdbx_validate_close_contact.PDB_ins_code_1   ? 
_pdbx_validate_close_contact.label_alt_id_1   ? 
_pdbx_validate_close_contact.auth_atom_id_2   OAB 
_pdbx_validate_close_contact.auth_asym_id_2   A 
_pdbx_validate_close_contact.auth_comp_id_2   JY9 
_pdbx_validate_close_contact.auth_seq_id_2    101 
_pdbx_validate_close_contact.PDB_ins_code_2   ? 
_pdbx_validate_close_contact.label_alt_id_2   ? 
_pdbx_validate_close_contact.dist             2.02 
# 
loop_
_pdbx_validate_rmsd_angle.id 
_pdbx_validate_rmsd_angle.PDB_model_num 
_pdbx_validate_rmsd_angle.auth_atom_id_1 
_pdbx_validate_rmsd_angle.auth_asym_id_1 
_pdbx_validate_rmsd_angle.auth_comp_id_1 
_pdbx_validate_rmsd_angle.auth_seq_id_1 
_pdbx_validate_rmsd_angle.PDB_ins_code_1 
_pdbx_validate_rmsd_angle.label_alt_id_1 
_pdbx_validate_rmsd_angle.auth_atom_id_2 
_pdbx_validate_rmsd_angle.auth_asym_id_2 
_pdbx_validate_rmsd_angle.auth_comp_id_2 
_pdbx_validate_rmsd_angle.auth_seq_id_2 
_pdbx_validate_rmsd_angle.PDB_ins_code_2 
_pdbx_validate_rmsd_angle.label_alt_id_2 
_pdbx_validate_rmsd_angle.auth_atom_id_3 
_pdbx_validate_rmsd_angle.auth_asym_id_3 
_pdbx_validate_rmsd_angle.auth_comp_id_3 
_pdbx_validate_rmsd_angle.auth_seq_id_3 
_pdbx_validate_rmsd_angle.PDB_ins_code_3 
_pdbx_validate_rmsd_angle.label_alt_id_3 
_pdbx_validate_rmsd_angle.angle_value 
_pdbx_validate_rmsd_angle.angle_target_value 
_pdbx_validate_rmsd_angle.angle_deviation 
_pdbx_validate_rmsd_angle.angle_standard_deviation 
_pdbx_validate_rmsd_angle.linker_flag 
1 1 "O4'" D DG 1  ? ? "C4'" D DG 1  ? ? "C3'" D DG 1  ? ? 100.68 104.50 -3.82 0.40 N 
2 1 C2    D DT 4  ? ? N3    D DT 4  ? ? C4    D DT 4  ? ? 123.45 127.20 -3.75 0.60 N 
3 1 "O4'" D DT 5  ? ? "C1'" D DT 5  ? ? N1    D DT 5  ? ? 111.13 108.30 2.83  0.30 N 
4 1 OP1   E DC 8  ? ? P     E DC 8  ? ? OP2   E DC 8  ? ? 110.52 119.60 -9.08 1.50 N 
5 1 "O4'" E DA 12 ? ? "C1'" E DA 12 ? ? N9    E DA 12 ? ? 110.28 108.30 1.98  0.30 N 
# 
_pdbx_struct_special_symmetry.id              1 
_pdbx_struct_special_symmetry.PDB_model_num   1 
_pdbx_struct_special_symmetry.auth_asym_id    A 
_pdbx_struct_special_symmetry.auth_comp_id    HOH 
_pdbx_struct_special_symmetry.auth_seq_id     204 
_pdbx_struct_special_symmetry.PDB_ins_code    ? 
_pdbx_struct_special_symmetry.label_asym_id   K 
_pdbx_struct_special_symmetry.label_comp_id   HOH 
_pdbx_struct_special_symmetry.label_seq_id    . 
# 
loop_
_pdbx_refine_tls.id 
_pdbx_refine_tls.pdbx_refine_id 
_pdbx_refine_tls.details 
_pdbx_refine_tls.method 
_pdbx_refine_tls.origin_x 
_pdbx_refine_tls.origin_y 
_pdbx_refine_tls.origin_z 
_pdbx_refine_tls.T[1][1] 
_pdbx_refine_tls.T[1][1]_esd 
_pdbx_refine_tls.T[1][2] 
_pdbx_refine_tls.T[1][2]_esd 
_pdbx_refine_tls.T[1][3] 
_pdbx_refine_tls.T[1][3]_esd 
_pdbx_refine_tls.T[2][2] 
_pdbx_refine_tls.T[2][2]_esd 
_pdbx_refine_tls.T[2][3] 
_pdbx_refine_tls.T[2][3]_esd 
_pdbx_refine_tls.T[3][3] 
_pdbx_refine_tls.T[3][3]_esd 
_pdbx_refine_tls.L[1][1] 
_pdbx_refine_tls.L[1][1]_esd 
_pdbx_refine_tls.L[1][2] 
_pdbx_refine_tls.L[1][2]_esd 
_pdbx_refine_tls.L[1][3] 
_pdbx_refine_tls.L[1][3]_esd 
_pdbx_refine_tls.L[2][2] 
_pdbx_refine_tls.L[2][2]_esd 
_pdbx_refine_tls.L[2][3] 
_pdbx_refine_tls.L[2][3]_esd 
_pdbx_refine_tls.L[3][3] 
_pdbx_refine_tls.L[3][3]_esd 
_pdbx_refine_tls.S[1][1] 
_pdbx_refine_tls.S[1][1]_esd 
_pdbx_refine_tls.S[1][2] 
_pdbx_refine_tls.S[1][2]_esd 
_pdbx_refine_tls.S[1][3] 
_pdbx_refine_tls.S[1][3]_esd 
_pdbx_refine_tls.S[2][1] 
_pdbx_refine_tls.S[2][1]_esd 
_pdbx_refine_tls.S[2][2] 
_pdbx_refine_tls.S[2][2]_esd 
_pdbx_refine_tls.S[2][3] 
_pdbx_refine_tls.S[2][3]_esd 
_pdbx_refine_tls.S[3][1] 
_pdbx_refine_tls.S[3][1]_esd 
_pdbx_refine_tls.S[3][2] 
_pdbx_refine_tls.S[3][2]_esd 
_pdbx_refine_tls.S[3][3] 
_pdbx_refine_tls.S[3][3]_esd 
1 'X-RAY DIFFRACTION' ? refined 7.3183  7.3020  -0.3991 0.0437 ? 0.0141  ? -0.0279 ? 0.0062 ? -0.0099 ? 0.0274 ? 1.2555 ? 0.0295 ? -0.4778 ? 1.7041 ? -0.4858 ? 0.3149 ? 0.0169  ? -0.0217 ? 0.0893  ? -0.0275 ? 0.0321 ? 0.0747 ? -0.0044 ? -0.0026 ? -0.0491 ? 
2 'X-RAY DIFFRACTION' ? refined -7.4478 -7.6536 0.7345  0.0312 ? -0.0163 ? 0.0002  ? 0.0843 ? -0.0021 ? 0.0014 ? 0.8673 ? 0.0701 ? 0.3446  ? 1.9537 ? -0.3059 ? 0.1943 ? -0.1025 ? -0.1446 ? -0.0025 ? -0.1315 ? 0.1130 ? 0.0418 ? -0.0170 ? -0.0825 ? -0.0105 ? 
# 
_pdbx_refine_tls_group.id                  1 
_pdbx_refine_tls_group.pdbx_refine_id      'X-RAY DIFFRACTION' 
_pdbx_refine_tls_group.refine_tls_id       1 
_pdbx_refine_tls_group.beg_label_asym_id   ? 
_pdbx_refine_tls_group.beg_label_seq_id    ? 
_pdbx_refine_tls_group.beg_auth_asym_id    A 
_pdbx_refine_tls_group.beg_auth_seq_id     1 
_pdbx_refine_tls_group.beg_PDB_ins_code    ? 
_pdbx_refine_tls_group.end_label_asym_id   ? 
_pdbx_refine_tls_group.end_label_seq_id    ? 
_pdbx_refine_tls_group.end_auth_asym_id    A 
_pdbx_refine_tls_group.end_auth_seq_id     14 
_pdbx_refine_tls_group.end_PDB_ins_code    ? 
_pdbx_refine_tls_group.selection           ALL 
_pdbx_refine_tls_group.selection_details   ? 
# 
_pdbx_distant_solvent_atoms.id                                1 
_pdbx_distant_solvent_atoms.PDB_model_num                     1 
_pdbx_distant_solvent_atoms.auth_atom_id                      O 
_pdbx_distant_solvent_atoms.label_alt_id                      ? 
_pdbx_distant_solvent_atoms.auth_asym_id                      B 
_pdbx_distant_solvent_atoms.auth_comp_id                      HOH 
_pdbx_distant_solvent_atoms.auth_seq_id                       244 
_pdbx_distant_solvent_atoms.PDB_ins_code                      ? 
_pdbx_distant_solvent_atoms.neighbor_macromolecule_distance   6.14 
_pdbx_distant_solvent_atoms.neighbor_ligand_distance          . 
# 
loop_
_chem_comp_atom.comp_id 
_chem_comp_atom.atom_id 
_chem_comp_atom.type_symbol 
_chem_comp_atom.pdbx_aromatic_flag 
_chem_comp_atom.pdbx_stereo_config 
_chem_comp_atom.pdbx_ordinal 
DA  OP3    O  N N 1   
DA  P      P  N N 2   
DA  OP1    O  N N 3   
DA  OP2    O  N N 4   
DA  "O5'"  O  N N 5   
DA  "C5'"  C  N N 6   
DA  "C4'"  C  N R 7   
DA  "O4'"  O  N N 8   
DA  "C3'"  C  N S 9   
DA  "O3'"  O  N N 10  
DA  "C2'"  C  N N 11  
DA  "C1'"  C  N R 12  
DA  N9     N  Y N 13  
DA  C8     C  Y N 14  
DA  N7     N  Y N 15  
DA  C5     C  Y N 16  
DA  C6     C  Y N 17  
DA  N6     N  N N 18  
DA  N1     N  Y N 19  
DA  C2     C  Y N 20  
DA  N3     N  Y N 21  
DA  C4     C  Y N 22  
DA  HOP3   H  N N 23  
DA  HOP2   H  N N 24  
DA  "H5'"  H  N N 25  
DA  "H5''" H  N N 26  
DA  "H4'"  H  N N 27  
DA  "H3'"  H  N N 28  
DA  "HO3'" H  N N 29  
DA  "H2'"  H  N N 30  
DA  "H2''" H  N N 31  
DA  "H1'"  H  N N 32  
DA  H8     H  N N 33  
DA  H61    H  N N 34  
DA  H62    H  N N 35  
DA  H2     H  N N 36  
DC  OP3    O  N N 37  
DC  P      P  N N 38  
DC  OP1    O  N N 39  
DC  OP2    O  N N 40  
DC  "O5'"  O  N N 41  
DC  "C5'"  C  N N 42  
DC  "C4'"  C  N R 43  
DC  "O4'"  O  N N 44  
DC  "C3'"  C  N S 45  
DC  "O3'"  O  N N 46  
DC  "C2'"  C  N N 47  
DC  "C1'"  C  N R 48  
DC  N1     N  N N 49  
DC  C2     C  N N 50  
DC  O2     O  N N 51  
DC  N3     N  N N 52  
DC  C4     C  N N 53  
DC  N4     N  N N 54  
DC  C5     C  N N 55  
DC  C6     C  N N 56  
DC  HOP3   H  N N 57  
DC  HOP2   H  N N 58  
DC  "H5'"  H  N N 59  
DC  "H5''" H  N N 60  
DC  "H4'"  H  N N 61  
DC  "H3'"  H  N N 62  
DC  "HO3'" H  N N 63  
DC  "H2'"  H  N N 64  
DC  "H2''" H  N N 65  
DC  "H1'"  H  N N 66  
DC  H41    H  N N 67  
DC  H42    H  N N 68  
DC  H5     H  N N 69  
DC  H6     H  N N 70  
DG  OP3    O  N N 71  
DG  P      P  N N 72  
DG  OP1    O  N N 73  
DG  OP2    O  N N 74  
DG  "O5'"  O  N N 75  
DG  "C5'"  C  N N 76  
DG  "C4'"  C  N R 77  
DG  "O4'"  O  N N 78  
DG  "C3'"  C  N S 79  
DG  "O3'"  O  N N 80  
DG  "C2'"  C  N N 81  
DG  "C1'"  C  N R 82  
DG  N9     N  Y N 83  
DG  C8     C  Y N 84  
DG  N7     N  Y N 85  
DG  C5     C  Y N 86  
DG  C6     C  N N 87  
DG  O6     O  N N 88  
DG  N1     N  N N 89  
DG  C2     C  N N 90  
DG  N2     N  N N 91  
DG  N3     N  N N 92  
DG  C4     C  Y N 93  
DG  HOP3   H  N N 94  
DG  HOP2   H  N N 95  
DG  "H5'"  H  N N 96  
DG  "H5''" H  N N 97  
DG  "H4'"  H  N N 98  
DG  "H3'"  H  N N 99  
DG  "HO3'" H  N N 100 
DG  "H2'"  H  N N 101 
DG  "H2''" H  N N 102 
DG  "H1'"  H  N N 103 
DG  H8     H  N N 104 
DG  H1     H  N N 105 
DG  H21    H  N N 106 
DG  H22    H  N N 107 
DT  OP3    O  N N 108 
DT  P      P  N N 109 
DT  OP1    O  N N 110 
DT  OP2    O  N N 111 
DT  "O5'"  O  N N 112 
DT  "C5'"  C  N N 113 
DT  "C4'"  C  N R 114 
DT  "O4'"  O  N N 115 
DT  "C3'"  C  N S 116 
DT  "O3'"  O  N N 117 
DT  "C2'"  C  N N 118 
DT  "C1'"  C  N R 119 
DT  N1     N  N N 120 
DT  C2     C  N N 121 
DT  O2     O  N N 122 
DT  N3     N  N N 123 
DT  C4     C  N N 124 
DT  O4     O  N N 125 
DT  C5     C  N N 126 
DT  C7     C  N N 127 
DT  C6     C  N N 128 
DT  HOP3   H  N N 129 
DT  HOP2   H  N N 130 
DT  "H5'"  H  N N 131 
DT  "H5''" H  N N 132 
DT  "H4'"  H  N N 133 
DT  "H3'"  H  N N 134 
DT  "HO3'" H  N N 135 
DT  "H2'"  H  N N 136 
DT  "H2''" H  N N 137 
DT  "H1'"  H  N N 138 
DT  H3     H  N N 139 
DT  H71    H  N N 140 
DT  H72    H  N N 141 
DT  H73    H  N N 142 
DT  H6     H  N N 143 
HOH O      O  N N 144 
HOH H1     H  N N 145 
HOH H2     H  N N 146 
JY9 OAB    O  N N 147 
JY9 PAA    P  N N 148 
JY9 OAC    O  N N 149 
JY9 OBE    O  N N 150 
JY9 CBD    C  N N 151 
JY9 CBG    C  N N 152 
JY9 CBH    C  N N 153 
JY9 CBI    C  N N 154 
JY9 CBB    C  Y N 155 
JY9 CBA    C  Y N 156 
JY9 CAW    C  Y N 157 
JY9 CAT    C  Y N 158 
JY9 CAS    C  Y N 159 
JY9 CAR    C  Y N 160 
JY9 CAQ    C  Y N 161 
JY9 CAU    C  N N 162 
JY9 NAV    N  N N 163 
JY9 CAX    C  Y N 164 
JY9 NAY    N  Y N 165 
JY9 CAZ    C  Y N 166 
JY9 CAO    C  N N 167 
JY9 OAP    O  N N 168 
JY9 NAH    N  N N 169 
JY9 CAD    C  Y N 170 
JY9 CAG    C  Y N 171 
JY9 CAF    C  Y N 172 
JY9 CAI    C  Y N 173 
JY9 NAN    N  Y N 174 
JY9 CAM    C  Y N 175 
JY9 CAL    C  Y N 176 
JY9 CAK    C  Y N 177 
JY9 CAJ    C  Y N 178 
JY9 CAE    C  Y N 179 
JY9 CBF    C  N N 180 
JY9 CBJ    C  N N 181 
JY9 CBK    C  N N 182 
JY9 OBC    O  N N 183 
JY9 H1     H  N N 184 
JY9 H2     H  N N 185 
JY9 H3     H  N N 186 
JY9 H4     H  N N 187 
JY9 H5     H  N N 188 
JY9 H6     H  N N 189 
JY9 H7     H  N N 190 
JY9 H8     H  N N 191 
JY9 H9     H  N N 192 
JY9 H10    H  N N 193 
JY9 H11    H  N N 194 
JY9 H12    H  N N 195 
JY9 H13    H  N N 196 
JY9 H14    H  N N 197 
JY9 H15    H  N N 198 
JY9 H16    H  N N 199 
JY9 H17    H  N N 200 
JY9 H18    H  N N 201 
JY9 H20    H  N N 202 
JY9 H21    H  N N 203 
JY9 H22    H  N N 204 
JY9 H23    H  N N 205 
JY9 H24    H  N N 206 
JY9 H25    H  N N 207 
JY9 H26    H  N N 208 
JY9 H27    H  N N 209 
JY9 H28    H  N N 210 
JY9 H29    H  N N 211 
JY9 H30    H  N N 212 
JY9 H31    H  N N 213 
JY9 H32    H  N N 214 
MG  MG     MG N N 215 
# 
loop_
_chem_comp_bond.comp_id 
_chem_comp_bond.atom_id_1 
_chem_comp_bond.atom_id_2 
_chem_comp_bond.value_order 
_chem_comp_bond.pdbx_aromatic_flag 
_chem_comp_bond.pdbx_stereo_config 
_chem_comp_bond.pdbx_ordinal 
DA  OP3   P      sing N N 1   
DA  OP3   HOP3   sing N N 2   
DA  P     OP1    doub N N 3   
DA  P     OP2    sing N N 4   
DA  P     "O5'"  sing N N 5   
DA  OP2   HOP2   sing N N 6   
DA  "O5'" "C5'"  sing N N 7   
DA  "C5'" "C4'"  sing N N 8   
DA  "C5'" "H5'"  sing N N 9   
DA  "C5'" "H5''" sing N N 10  
DA  "C4'" "O4'"  sing N N 11  
DA  "C4'" "C3'"  sing N N 12  
DA  "C4'" "H4'"  sing N N 13  
DA  "O4'" "C1'"  sing N N 14  
DA  "C3'" "O3'"  sing N N 15  
DA  "C3'" "C2'"  sing N N 16  
DA  "C3'" "H3'"  sing N N 17  
DA  "O3'" "HO3'" sing N N 18  
DA  "C2'" "C1'"  sing N N 19  
DA  "C2'" "H2'"  sing N N 20  
DA  "C2'" "H2''" sing N N 21  
DA  "C1'" N9     sing N N 22  
DA  "C1'" "H1'"  sing N N 23  
DA  N9    C8     sing Y N 24  
DA  N9    C4     sing Y N 25  
DA  C8    N7     doub Y N 26  
DA  C8    H8     sing N N 27  
DA  N7    C5     sing Y N 28  
DA  C5    C6     sing Y N 29  
DA  C5    C4     doub Y N 30  
DA  C6    N6     sing N N 31  
DA  C6    N1     doub Y N 32  
DA  N6    H61    sing N N 33  
DA  N6    H62    sing N N 34  
DA  N1    C2     sing Y N 35  
DA  C2    N3     doub Y N 36  
DA  C2    H2     sing N N 37  
DA  N3    C4     sing Y N 38  
DC  OP3   P      sing N N 39  
DC  OP3   HOP3   sing N N 40  
DC  P     OP1    doub N N 41  
DC  P     OP2    sing N N 42  
DC  P     "O5'"  sing N N 43  
DC  OP2   HOP2   sing N N 44  
DC  "O5'" "C5'"  sing N N 45  
DC  "C5'" "C4'"  sing N N 46  
DC  "C5'" "H5'"  sing N N 47  
DC  "C5'" "H5''" sing N N 48  
DC  "C4'" "O4'"  sing N N 49  
DC  "C4'" "C3'"  sing N N 50  
DC  "C4'" "H4'"  sing N N 51  
DC  "O4'" "C1'"  sing N N 52  
DC  "C3'" "O3'"  sing N N 53  
DC  "C3'" "C2'"  sing N N 54  
DC  "C3'" "H3'"  sing N N 55  
DC  "O3'" "HO3'" sing N N 56  
DC  "C2'" "C1'"  sing N N 57  
DC  "C2'" "H2'"  sing N N 58  
DC  "C2'" "H2''" sing N N 59  
DC  "C1'" N1     sing N N 60  
DC  "C1'" "H1'"  sing N N 61  
DC  N1    C2     sing N N 62  
DC  N1    C6     sing N N 63  
DC  C2    O2     doub N N 64  
DC  C2    N3     sing N N 65  
DC  N3    C4     doub N N 66  
DC  C4    N4     sing N N 67  
DC  C4    C5     sing N N 68  
DC  N4    H41    sing N N 69  
DC  N4    H42    sing N N 70  
DC  C5    C6     doub N N 71  
DC  C5    H5     sing N N 72  
DC  C6    H6     sing N N 73  
DG  OP3   P      sing N N 74  
DG  OP3   HOP3   sing N N 75  
DG  P     OP1    doub N N 76  
DG  P     OP2    sing N N 77  
DG  P     "O5'"  sing N N 78  
DG  OP2   HOP2   sing N N 79  
DG  "O5'" "C5'"  sing N N 80  
DG  "C5'" "C4'"  sing N N 81  
DG  "C5'" "H5'"  sing N N 82  
DG  "C5'" "H5''" sing N N 83  
DG  "C4'" "O4'"  sing N N 84  
DG  "C4'" "C3'"  sing N N 85  
DG  "C4'" "H4'"  sing N N 86  
DG  "O4'" "C1'"  sing N N 87  
DG  "C3'" "O3'"  sing N N 88  
DG  "C3'" "C2'"  sing N N 89  
DG  "C3'" "H3'"  sing N N 90  
DG  "O3'" "HO3'" sing N N 91  
DG  "C2'" "C1'"  sing N N 92  
DG  "C2'" "H2'"  sing N N 93  
DG  "C2'" "H2''" sing N N 94  
DG  "C1'" N9     sing N N 95  
DG  "C1'" "H1'"  sing N N 96  
DG  N9    C8     sing Y N 97  
DG  N9    C4     sing Y N 98  
DG  C8    N7     doub Y N 99  
DG  C8    H8     sing N N 100 
DG  N7    C5     sing Y N 101 
DG  C5    C6     sing N N 102 
DG  C5    C4     doub Y N 103 
DG  C6    O6     doub N N 104 
DG  C6    N1     sing N N 105 
DG  N1    C2     sing N N 106 
DG  N1    H1     sing N N 107 
DG  C2    N2     sing N N 108 
DG  C2    N3     doub N N 109 
DG  N2    H21    sing N N 110 
DG  N2    H22    sing N N 111 
DG  N3    C4     sing N N 112 
DT  OP3   P      sing N N 113 
DT  OP3   HOP3   sing N N 114 
DT  P     OP1    doub N N 115 
DT  P     OP2    sing N N 116 
DT  P     "O5'"  sing N N 117 
DT  OP2   HOP2   sing N N 118 
DT  "O5'" "C5'"  sing N N 119 
DT  "C5'" "C4'"  sing N N 120 
DT  "C5'" "H5'"  sing N N 121 
DT  "C5'" "H5''" sing N N 122 
DT  "C4'" "O4'"  sing N N 123 
DT  "C4'" "C3'"  sing N N 124 
DT  "C4'" "H4'"  sing N N 125 
DT  "O4'" "C1'"  sing N N 126 
DT  "C3'" "O3'"  sing N N 127 
DT  "C3'" "C2'"  sing N N 128 
DT  "C3'" "H3'"  sing N N 129 
DT  "O3'" "HO3'" sing N N 130 
DT  "C2'" "C1'"  sing N N 131 
DT  "C2'" "H2'"  sing N N 132 
DT  "C2'" "H2''" sing N N 133 
DT  "C1'" N1     sing N N 134 
DT  "C1'" "H1'"  sing N N 135 
DT  N1    C2     sing N N 136 
DT  N1    C6     sing N N 137 
DT  C2    O2     doub N N 138 
DT  C2    N3     sing N N 139 
DT  N3    C4     sing N N 140 
DT  N3    H3     sing N N 141 
DT  C4    O4     doub N N 142 
DT  C4    C5     sing N N 143 
DT  C5    C7     sing N N 144 
DT  C5    C6     doub N N 145 
DT  C7    H71    sing N N 146 
DT  C7    H72    sing N N 147 
DT  C7    H73    sing N N 148 
DT  C6    H6     sing N N 149 
HOH O     H1     sing N N 150 
HOH O     H2     sing N N 151 
JY9 OBC   CBK    sing N N 152 
JY9 NAV   CAU    sing N N 153 
JY9 CAL   CAM    doub Y N 154 
JY9 CAL   CAK    sing Y N 155 
JY9 CAM   NAN    sing Y N 156 
JY9 CBJ   CBK    sing N N 157 
JY9 CBJ   CBF    sing N N 158 
JY9 CAK   CAJ    doub Y N 159 
JY9 NAN   CAI    doub Y N 160 
JY9 CAU   CAQ    sing N N 161 
JY9 CAJ   CAI    sing Y N 162 
JY9 CAJ   CAE    sing Y N 163 
JY9 CAI   CAD    sing Y N 164 
JY9 CBF   CAE    sing N N 165 
JY9 CAE   CAF    doub Y N 166 
JY9 CAR   CAQ    doub Y N 167 
JY9 CAR   CAS    sing Y N 168 
JY9 CAQ   CAX    sing Y N 169 
JY9 CAD   NAH    sing N N 170 
JY9 CAD   CAG    doub Y N 171 
JY9 NAH   CAO    sing N N 172 
JY9 NAY   CAX    doub Y N 173 
JY9 NAY   CAZ    sing Y N 174 
JY9 CAF   CAG    sing Y N 175 
JY9 CAX   CAW    sing Y N 176 
JY9 CAS   CAT    doub Y N 177 
JY9 CAO   CAZ    sing N N 178 
JY9 CAO   OAP    doub N N 179 
JY9 CAZ   CBA    doub Y N 180 
JY9 OAB   PAA    sing N N 181 
JY9 CAW   CAT    sing Y N 182 
JY9 CAW   CBB    doub Y N 183 
JY9 PAA   OBE    sing N N 184 
JY9 PAA   OAC    sing N N 185 
JY9 CBA   CBB    sing Y N 186 
JY9 CBB   CBI    sing N N 187 
JY9 OBE   CBD    sing N N 188 
JY9 CBH   CBI    sing N N 189 
JY9 CBH   CBG    sing N N 190 
JY9 CBD   CBG    sing N N 191 
JY9 OAB   H1     sing N N 192 
JY9 OAC   H2     sing N N 193 
JY9 CBD   H3     sing N N 194 
JY9 CBD   H4     sing N N 195 
JY9 CBG   H5     sing N N 196 
JY9 CBG   H6     sing N N 197 
JY9 CBH   H7     sing N N 198 
JY9 CBH   H8     sing N N 199 
JY9 CBI   H9     sing N N 200 
JY9 CBI   H10    sing N N 201 
JY9 CBA   H11    sing N N 202 
JY9 CAT   H12    sing N N 203 
JY9 CAS   H13    sing N N 204 
JY9 CAR   H14    sing N N 205 
JY9 CAU   H15    sing N N 206 
JY9 CAU   H16    sing N N 207 
JY9 NAV   H17    sing N N 208 
JY9 NAV   H18    sing N N 209 
JY9 NAH   H20    sing N N 210 
JY9 CAG   H21    sing N N 211 
JY9 CAF   H22    sing N N 212 
JY9 CAM   H23    sing N N 213 
JY9 CAL   H24    sing N N 214 
JY9 CAK   H25    sing N N 215 
JY9 CBF   H26    sing N N 216 
JY9 CBF   H27    sing N N 217 
JY9 CBJ   H28    sing N N 218 
JY9 CBJ   H29    sing N N 219 
JY9 CBK   H30    sing N N 220 
JY9 CBK   H31    sing N N 221 
JY9 OBC   H32    sing N N 222 
# 
loop_
_ndb_struct_conf_na.entry_id 
_ndb_struct_conf_na.feature 
8Q60 'double helix'        
8Q60 'b-form double helix' 
# 
loop_
_ndb_struct_na_base_pair.model_number 
_ndb_struct_na_base_pair.i_label_asym_id 
_ndb_struct_na_base_pair.i_label_comp_id 
_ndb_struct_na_base_pair.i_label_seq_id 
_ndb_struct_na_base_pair.i_symmetry 
_ndb_struct_na_base_pair.j_label_asym_id 
_ndb_struct_na_base_pair.j_label_comp_id 
_ndb_struct_na_base_pair.j_label_seq_id 
_ndb_struct_na_base_pair.j_symmetry 
_ndb_struct_na_base_pair.shear 
_ndb_struct_na_base_pair.stretch 
_ndb_struct_na_base_pair.stagger 
_ndb_struct_na_base_pair.buckle 
_ndb_struct_na_base_pair.propeller 
_ndb_struct_na_base_pair.opening 
_ndb_struct_na_base_pair.pair_number 
_ndb_struct_na_base_pair.pair_name 
_ndb_struct_na_base_pair.i_auth_asym_id 
_ndb_struct_na_base_pair.i_auth_seq_id 
_ndb_struct_na_base_pair.i_PDB_ins_code 
_ndb_struct_na_base_pair.j_auth_asym_id 
_ndb_struct_na_base_pair.j_auth_seq_id 
_ndb_struct_na_base_pair.j_PDB_ins_code 
_ndb_struct_na_base_pair.hbond_type_28 
_ndb_struct_na_base_pair.hbond_type_12 
1 A DG 1 1_555 C DC 6 1_555 -0.318 -0.166 0.038  -2.078  -2.569  1.958  1  A_DG1:DC13_B A 1 ? B 13 ? 19 1 
1 A DT 2 1_555 C DA 5 1_555 -0.132 -0.182 0.045  7.443   -12.242 1.633  2  A_DT2:DA12_B A 2 ? B 12 ? 20 1 
1 A DT 3 1_555 C DA 4 1_555 -0.135 -0.263 0.080  -2.121  -23.331 2.313  3  A_DT3:DA11_B A 3 ? B 11 ? 20 1 
1 A DT 4 1_555 C DA 3 1_555 -0.154 -0.247 0.251  -11.841 -14.328 0.926  4  A_DT4:DA10_B A 4 ? B 10 ? 20 1 
1 A DT 5 1_555 C DA 2 1_555 -0.095 -0.163 0.090  -11.448 -14.759 1.166  5  A_DT5:DA9_B  A 5 ? B 9  ? 20 1 
1 A DG 6 1_555 C DC 1 1_555 -0.173 -0.163 0.477  2.241   -11.708 0.532  6  A_DG6:DC8_B  A 6 ? B 8  ? 19 1 
1 B DG 1 1_555 D DC 6 1_555 -1.243 0.421  -0.054 -4.896  0.356   20.158 7  D_DG1:DC13_E D 1 ? E 13 ? ?  1 
1 B DT 2 1_555 D DA 5 1_555 -0.350 -0.269 0.331  -4.227  -8.710  -5.546 8  D_DT2:DA12_E D 2 ? E 12 ? 20 1 
1 B DT 3 1_555 D DA 4 1_555 -1.886 -0.193 0.040  8.578   -6.724  3.765  9  D_DT3:DA11_E D 3 ? E 11 ? 20 1 
1 B DT 4 1_555 D DA 3 1_555 -1.380 -0.066 -0.136 15.394  -17.805 5.938  10 D_DT4:DA10_E D 4 ? E 10 ? 20 1 
1 B DT 5 1_555 D DA 2 1_555 -0.859 -0.239 -0.104 14.449  -15.081 3.752  11 D_DT5:DA9_E  D 5 ? E 9  ? 20 1 
1 B DG 6 1_555 D DC 1 1_555 -0.026 -0.093 0.037  2.521   -13.552 5.083  12 D_DG6:DC8_E  D 6 ? E 8  ? 19 1 
# 
loop_
_ndb_struct_na_base_pair_step.model_number 
_ndb_struct_na_base_pair_step.i_label_asym_id_1 
_ndb_struct_na_base_pair_step.i_label_comp_id_1 
_ndb_struct_na_base_pair_step.i_label_seq_id_1 
_ndb_struct_na_base_pair_step.i_symmetry_1 
_ndb_struct_na_base_pair_step.j_label_asym_id_1 
_ndb_struct_na_base_pair_step.j_label_comp_id_1 
_ndb_struct_na_base_pair_step.j_label_seq_id_1 
_ndb_struct_na_base_pair_step.j_symmetry_1 
_ndb_struct_na_base_pair_step.i_label_asym_id_2 
_ndb_struct_na_base_pair_step.i_label_comp_id_2 
_ndb_struct_na_base_pair_step.i_label_seq_id_2 
_ndb_struct_na_base_pair_step.i_symmetry_2 
_ndb_struct_na_base_pair_step.j_label_asym_id_2 
_ndb_struct_na_base_pair_step.j_label_comp_id_2 
_ndb_struct_na_base_pair_step.j_label_seq_id_2 
_ndb_struct_na_base_pair_step.j_symmetry_2 
_ndb_struct_na_base_pair_step.shift 
_ndb_struct_na_base_pair_step.slide 
_ndb_struct_na_base_pair_step.rise 
_ndb_struct_na_base_pair_step.tilt 
_ndb_struct_na_base_pair_step.roll 
_ndb_struct_na_base_pair_step.twist 
_ndb_struct_na_base_pair_step.x_displacement 
_ndb_struct_na_base_pair_step.y_displacement 
_ndb_struct_na_base_pair_step.helical_rise 
_ndb_struct_na_base_pair_step.inclination 
_ndb_struct_na_base_pair_step.tip 
_ndb_struct_na_base_pair_step.helical_twist 
_ndb_struct_na_base_pair_step.step_number 
_ndb_struct_na_base_pair_step.step_name 
_ndb_struct_na_base_pair_step.i_auth_asym_id_1 
_ndb_struct_na_base_pair_step.i_auth_seq_id_1 
_ndb_struct_na_base_pair_step.i_PDB_ins_code_1 
_ndb_struct_na_base_pair_step.j_auth_asym_id_1 
_ndb_struct_na_base_pair_step.j_auth_seq_id_1 
_ndb_struct_na_base_pair_step.j_PDB_ins_code_1 
_ndb_struct_na_base_pair_step.i_auth_asym_id_2 
_ndb_struct_na_base_pair_step.i_auth_seq_id_2 
_ndb_struct_na_base_pair_step.i_PDB_ins_code_2 
_ndb_struct_na_base_pair_step.j_auth_asym_id_2 
_ndb_struct_na_base_pair_step.j_auth_seq_id_2 
_ndb_struct_na_base_pair_step.j_PDB_ins_code_2 
1 A DG 1 1_555 C DC 6 1_555 A DT 2 1_555 C DA 5 1_555 -0.050 -0.119 3.092 -0.837 5.813  27.406 -1.542 -0.083 3.003 12.092 1.742  
28.017 1  AA_DG1DT2:DA12DC13_BB A 1 ? B 13 ? A 2 ? B 12 ? 
1 A DT 2 1_555 C DA 5 1_555 A DT 3 1_555 C DA 4 1_555 -0.234 -0.077 3.381 0.920  -1.798 37.342 0.124  0.489  3.375 -2.806 -1.436 
37.394 2  AA_DT2DT3:DA11DA12_BB A 2 ? B 12 ? A 3 ? B 11 ? 
1 A DT 3 1_555 C DA 4 1_555 A DT 4 1_555 C DA 3 1_555 0.209  -0.199 3.420 1.141  -1.224 40.845 -0.145 -0.169 3.429 -1.753 -1.635 
40.878 3  AA_DT3DT4:DA10DA11_BB A 3 ? B 11 ? A 4 ? B 10 ? 
1 A DT 4 1_555 C DA 3 1_555 A DT 5 1_555 C DA 2 1_555 -0.163 -0.157 3.174 0.347  1.476  35.328 -0.469 0.318  3.164 2.430  -0.571 
35.359 4  AA_DT4DT5:DA9DA10_BB  A 4 ? B 10 ? A 5 ? B 9  ? 
1 A DT 5 1_555 C DA 2 1_555 A DG 6 1_555 C DC 1 1_555 0.010  0.338  3.049 -7.018 7.624  36.658 -0.396 -0.857 3.005 11.834 10.894 
38.046 5  AA_DT5DG6:DC8DA9_BB   A 5 ? B 9  ? A 6 ? B 8  ? 
1 B DG 1 1_555 D DC 6 1_555 B DT 2 1_555 D DA 5 1_555 -2.000 -0.982 3.312 -4.465 3.112  23.221 -3.447 3.306  3.471 7.598  10.902 
23.842 6  DD_DG1DT2:DA12DC13_EE D 1 ? E 13 ? D 2 ? E 12 ? 
1 B DT 2 1_555 D DA 5 1_555 B DT 3 1_555 D DA 4 1_555 0.692  -0.451 3.022 4.572  7.774  28.229 -2.401 -0.461 2.873 15.447 -9.085 
29.606 7  DD_DT2DT3:DA11DA12_EE D 2 ? E 12 ? D 3 ? E 11 ? 
1 B DT 3 1_555 D DA 4 1_555 B DT 4 1_555 D DA 3 1_555 0.406  0.090  3.056 2.145  -0.525 40.309 0.185  -0.361 3.071 -0.760 -3.110 
40.367 8  DD_DT3DT4:DA10DA11_EE D 3 ? E 11 ? D 4 ? E 10 ? 
1 B DT 4 1_555 D DA 3 1_555 B DT 5 1_555 D DA 2 1_555 1.257  0.354  3.282 3.292  4.170  33.311 -0.087 -1.617 3.405 7.218  -5.698 
33.720 9  DD_DT4DT5:DA9DA10_EE  D 4 ? E 10 ? D 5 ? E 9  ? 
1 B DT 5 1_555 D DA 2 1_555 B DG 6 1_555 D DC 1 1_555 -0.179 0.967  3.532 -3.422 2.277  46.336 1.016  -0.086 3.577 2.887  4.339  
46.508 10 DD_DT5DG6:DC8DA9_EE   D 5 ? E 9  ? D 6 ? E 8  ? 
# 
_pdbx_audit_support.funding_organization   'European Research Council (ERC)' 
_pdbx_audit_support.country                'European Union' 
_pdbx_audit_support.grant_number           101054289 
_pdbx_audit_support.ordinal                1 
# 
_pdbx_initial_refinement_model.id               1 
_pdbx_initial_refinement_model.entity_id_list   ? 
_pdbx_initial_refinement_model.type             'experimental model' 
_pdbx_initial_refinement_model.source_name      PDB 
_pdbx_initial_refinement_model.accession_code   1PUY 
_pdbx_initial_refinement_model.details          ? 
# 
_atom_sites.entry_id                    8Q60 
_atom_sites.Cartn_transf_matrix[1][1]   ? 
_atom_sites.Cartn_transf_matrix[1][2]   ? 
_atom_sites.Cartn_transf_matrix[1][3]   ? 
_atom_sites.Cartn_transf_matrix[2][1]   ? 
_atom_sites.Cartn_transf_matrix[2][2]   ? 
_atom_sites.Cartn_transf_matrix[2][3]   ? 
_atom_sites.Cartn_transf_matrix[3][1]   ? 
_atom_sites.Cartn_transf_matrix[3][2]   ? 
_atom_sites.Cartn_transf_matrix[3][3]   ? 
_atom_sites.Cartn_transf_vector[1]      ? 
_atom_sites.Cartn_transf_vector[2]      ? 
_atom_sites.Cartn_transf_vector[3]      ? 
_atom_sites.Cartn_transform_axes        ? 
_atom_sites.fract_transf_matrix[1][1]   -0.03540951 
_atom_sites.fract_transf_matrix[1][2]   0.01785847 
_atom_sites.fract_transf_matrix[1][3]   -0.00186250 
_atom_sites.fract_transf_matrix[2][1]   -0.01410032 
_atom_sites.fract_transf_matrix[2][2]   -0.01820473 
_atom_sites.fract_transf_matrix[2][3]   -0.02638480 
_atom_sites.fract_transf_matrix[3][1]   -0.01630166 
_atom_sites.fract_transf_matrix[3][2]   -0.01504132 
_atom_sites.fract_transf_matrix[3][3]   0.00942979 
_atom_sites.fract_transf_vector[1]      0.174443 
_atom_sites.fract_transf_vector[2]      1.251028 
_atom_sites.fract_transf_vector[3]      1.491104 
_atom_sites.solution_primary            ? 
_atom_sites.solution_secondary          ? 
_atom_sites.solution_hydrogens          ? 
_atom_sites.special_details             ? 
# 
loop_
_atom_type.symbol 
_atom_type.pdbx_scat_Z 
_atom_type.pdbx_N_electrons 
_atom_type.scat_Cromer_Mann_a1 
_atom_type.scat_Cromer_Mann_b1 
_atom_type.scat_Cromer_Mann_a2 
_atom_type.scat_Cromer_Mann_b2 
_atom_type.scat_Cromer_Mann_a3 
_atom_type.scat_Cromer_Mann_b3 
_atom_type.scat_Cromer_Mann_a4 
_atom_type.scat_Cromer_Mann_b4 
_atom_type.scat_Cromer_Mann_c 
C    6  6  2.3103  20.8439 1.0201 10.2075 1.5888 0.5687  0.8651 51.6512 0.2156   
MG   ?  ?  ?       ?       ?      ?       ?      ?       ?      ?       ?        
MG+2 12 10 3.4988  2.1676  3.8378 4.7542  1.3284 0.1850  0.8497 10.1411 0.5605   
N    7  7  12.2220 0.0057  3.1346 9.8933  2.0141 28.9975 1.1672 0.5826  -11.5379 
O    8  8  3.0487  13.2771 2.2870 5.7011  1.5464 0.3239  0.8671 32.9089 0.2508   
P    15 15 6.4348  1.9067  4.1793 27.1570 1.7801 0.5260  1.4909 68.1645 1.2671   
# 
loop_
_atom_site.group_PDB 
_atom_site.id 
_atom_site.type_symbol 
_atom_site.label_atom_id 
_atom_site.label_alt_id 
_atom_site.label_comp_id 
_atom_site.label_asym_id 
_atom_site.label_entity_id 
_atom_site.label_seq_id 
_atom_site.pdbx_PDB_ins_code 
_atom_site.Cartn_x 
_atom_site.Cartn_y 
_atom_site.Cartn_z 
_atom_site.occupancy 
_atom_site.B_iso_or_equiv 
_atom_site.pdbx_formal_charge 
_atom_site.auth_seq_id 
_atom_site.auth_comp_id 
_atom_site.auth_asym_id 
_atom_site.auth_atom_id 
_atom_site.pdbx_PDB_model_num 
_atom_site.calc_flag 
_atom_site.pdbx_tls_group_id 
ATOM   1   O  "O5'" . DG  A 1 1 ? 18.821  10.238  -10.536 1.000 29.416 0 1   DG  A "O5'" 1 ? 1 
ATOM   2   C  "C5'" . DG  A 1 1 ? 18.390  9.140   -9.706  1.000 33.101 0 1   DG  A "C5'" 1 ? 1 
ATOM   3   C  "C4'" . DG  A 1 1 ? 18.836  9.361   -8.272  1.000 33.919 0 1   DG  A "C4'" 1 ? 1 
ATOM   4   O  "O4'" . DG  A 1 1 ? 18.001  10.365  -7.655  1.000 30.323 0 1   DG  A "O4'" 1 ? 1 
ATOM   5   C  "C3'" . DG  A 1 1 ? 18.746  8.117   -7.386  1.000 31.407 0 1   DG  A "C3'" 1 ? 1 
ATOM   6   O  "O3'" . DG  A 1 1 ? 19.838  8.201   -6.457  1.000 40.006 0 1   DG  A "O3'" 1 ? 1 
ATOM   7   C  "C2'" . DG  A 1 1 ? 17.346  8.248   -6.784  1.000 31.348 0 1   DG  A "C2'" 1 ? 1 
ATOM   8   C  "C1'" . DG  A 1 1 ? 17.064  9.737   -6.768  1.000 29.556 0 1   DG  A "C1'" 1 ? 1 
ATOM   9   N  N9    . DG  A 1 1 ? 15.704  10.121  -7.144  1.000 28.184 0 1   DG  A N9    1 ? 1 
ATOM   10  C  C8    . DG  A 1 1 ? 14.976  9.603   -8.178  1.000 25.272 0 1   DG  A C8    1 ? 1 
ATOM   11  N  N7    . DG  A 1 1 ? 13.796  10.178  -8.302  1.000 26.289 0 1   DG  A N7    1 ? 1 
ATOM   12  C  C5    . DG  A 1 1 ? 13.737  11.115  -7.284  1.000 24.284 0 1   DG  A C5    1 ? 1 
ATOM   13  C  C6    . DG  A 1 1 ? 12.712  12.039  -6.933  1.000 25.450 0 1   DG  A C6    1 ? 1 
ATOM   14  O  O6    . DG  A 1 1 ? 11.607  12.197  -7.464  1.000 24.923 0 1   DG  A O6    1 ? 1 
ATOM   15  N  N1    . DG  A 1 1 ? 13.069  12.845  -5.840  1.000 23.802 0 1   DG  A N1    1 ? 1 
ATOM   16  C  C2    . DG  A 1 1 ? 14.277  12.762  -5.187  1.000 26.661 0 1   DG  A C2    1 ? 1 
ATOM   17  N  N2    . DG  A 1 1 ? 14.440  13.585  -4.140  1.000 25.300 0 1   DG  A N2    1 ? 1 
ATOM   18  N  N3    . DG  A 1 1 ? 15.247  11.876  -5.521  1.000 26.776 0 1   DG  A N3    1 ? 1 
ATOM   19  C  C4    . DG  A 1 1 ? 14.905  11.081  -6.558  1.000 25.497 0 1   DG  A C4    1 ? 1 
ATOM   20  P  P     . DT  A 1 2 ? 20.036  7.264   -5.149  1.000 39.300 0 2   DT  A P     1 ? 1 
ATOM   21  O  OP1   . DT  A 1 2 ? 21.371  7.586   -4.560  1.000 38.796 0 2   DT  A OP1   1 ? 1 
ATOM   22  O  OP2   . DT  A 1 2 ? 19.645  5.839   -5.420  1.000 35.655 0 2   DT  A OP2   1 ? 1 
ATOM   23  O  "O5'" . DT  A 1 2 ? 18.936  7.821   -4.136  1.000 34.610 0 2   DT  A "O5'" 1 ? 1 
ATOM   24  C  "C5'" . DT  A 1 2 ? 19.113  9.165   -3.646  1.000 36.956 0 2   DT  A "C5'" 1 ? 1 
ATOM   25  C  "C4'" . DT  A 1 2 ? 18.131  9.426   -2.533  1.000 36.332 0 2   DT  A "C4'" 1 ? 1 
ATOM   26  O  "O4'" . DT  A 1 2 ? 16.853  9.749   -3.120  1.000 37.452 0 2   DT  A "O4'" 1 ? 1 
ATOM   27  C  "C3'" . DT  A 1 2 ? 17.870  8.243   -1.619  1.000 37.668 0 2   DT  A "C3'" 1 ? 1 
ATOM   28  O  "O3'" . DT  A 1 2 ? 17.775  8.772   -0.304  1.000 38.779 0 2   DT  A "O3'" 1 ? 1 
ATOM   29  C  "C2'" . DT  A 1 2 ? 16.513  7.730   -2.061  1.000 34.057 0 2   DT  A "C2'" 1 ? 1 
ATOM   30  C  "C1'" . DT  A 1 2 ? 15.845  9.026   -2.437  1.000 31.871 0 2   DT  A "C1'" 1 ? 1 
ATOM   31  N  N1    . DT  A 1 2 ? 14.702  8.923   -3.358  1.000 28.011 0 2   DT  A N1    1 ? 1 
ATOM   32  C  C2    . DT  A 1 2 ? 13.697  9.871   -3.197  1.000 26.715 0 2   DT  A C2    1 ? 1 
ATOM   33  O  O2    . DT  A 1 2 ? 13.740  10.732  -2.320  1.000 29.648 0 2   DT  A O2    1 ? 1 
ATOM   34  N  N3    . DT  A 1 2 ? 12.661  9.774   -4.077  1.000 20.614 0 2   DT  A N3    1 ? 1 
ATOM   35  C  C4    . DT  A 1 2 ? 12.542  8.842   -5.093  1.000 25.754 0 2   DT  A C4    1 ? 1 
ATOM   36  O  O4    . DT  A 1 2 ? 11.539  8.850   -5.822  1.000 22.459 0 2   DT  A O4    1 ? 1 
ATOM   37  C  C5    . DT  A 1 2 ? 13.636  7.894   -5.215  1.000 27.957 0 2   DT  A C5    1 ? 1 
ATOM   38  C  C7    . DT  A 1 2 ? 13.535  6.874   -6.308  1.000 27.828 0 2   DT  A C7    1 ? 1 
ATOM   39  C  C6    . DT  A 1 2 ? 14.663  7.970   -4.345  1.000 23.423 0 2   DT  A C6    1 ? 1 
ATOM   40  P  P     . DT  A 1 3 ? 17.947  7.862   1.009   1.000 31.647 0 3   DT  A P     1 ? 1 
ATOM   41  O  OP1   . DT  A 1 3 ? 19.299  8.103   1.558   1.000 34.819 0 3   DT  A OP1   1 ? 1 
ATOM   42  O  OP2   . DT  A 1 3 ? 17.446  6.477   0.911   1.000 32.519 0 3   DT  A OP2   1 ? 1 
ATOM   43  O  "O5'" . DT  A 1 3 ? 16.894  8.632   1.938   1.000 34.988 0 3   DT  A "O5'" 1 ? 1 
ATOM   44  C  "C5'" . DT  A 1 3 ? 16.872  10.060  1.952   1.000 29.982 0 3   DT  A "C5'" 1 ? 1 
ATOM   45  C  "C4'" . DT  A 1 3 ? 15.457  10.537  2.182   1.000 29.920 0 3   DT  A "C4'" 1 ? 1 
ATOM   46  O  "O4'" . DT  A 1 3 ? 14.623  10.255  1.040   1.000 32.174 0 3   DT  A "O4'" 1 ? 1 
ATOM   47  C  "C3'" . DT  A 1 3 ? 14.725  9.980   3.408   1.000 30.295 0 3   DT  A "C3'" 1 ? 1 
ATOM   48  O  "O3'" . DT  A 1 3 ? 14.364  11.060  4.267   1.000 25.663 0 3   DT  A "O3'" 1 ? 1 
ATOM   49  C  "C2'" . DT  A 1 3 ? 13.545  9.210   2.815   1.000 27.217 0 3   DT  A "C2'" 1 ? 1 
ATOM   50  C  "C1'" . DT  A 1 3 ? 13.314  9.920   1.498   1.000 28.175 0 3   DT  A "C1'" 1 ? 1 
ATOM   51  N  N1    . DT  A 1 3 ? 12.692  9.087   0.459   1.000 26.209 0 3   DT  A N1    1 ? 1 
ATOM   52  C  C2    . DT  A 1 3 ? 11.498  9.501   -0.070  1.000 24.563 0 3   DT  A C2    1 ? 1 
ATOM   53  O  O2    . DT  A 1 3 ? 10.928  10.509  0.306   1.000 28.543 0 3   DT  A O2    1 ? 1 
ATOM   54  N  N3    . DT  A 1 3 ? 10.985  8.687   -1.049  1.000 24.047 0 3   DT  A N3    1 ? 1 
ATOM   55  C  C4    . DT  A 1 3 ? 11.552  7.530   -1.545  1.000 24.695 0 3   DT  A C4    1 ? 1 
ATOM   56  O  O4    . DT  A 1 3 ? 10.978  6.900   -2.434  1.000 26.804 0 3   DT  A O4    1 ? 1 
ATOM   57  C  C5    . DT  A 1 3 ? 12.818  7.150   -0.937  1.000 26.655 0 3   DT  A C5    1 ? 1 
ATOM   58  C  C7    . DT  A 1 3 ? 13.507  5.889   -1.374  1.000 23.894 0 3   DT  A C7    1 ? 1 
ATOM   59  C  C6    . DT  A 1 3 ? 13.320  7.931   0.022   1.000 26.108 0 3   DT  A C6    1 ? 1 
ATOM   60  P  P     . DT  A 1 4 ? 13.503  10.810  5.585   1.000 28.825 0 4   DT  A P     1 ? 1 
ATOM   61  O  OP1   . DT  A 1 4 ? 13.679  11.981  6.505   1.000 31.725 0 4   DT  A OP1   1 ? 1 
ATOM   62  O  OP2   . DT  A 1 4 ? 13.691  9.412   6.058   1.000 31.695 0 4   DT  A OP2   1 ? 1 
ATOM   63  O  "O5'" . DT  A 1 4 ? 11.937  10.897  5.217   1.000 31.775 0 4   DT  A "O5'" 1 ? 1 
ATOM   64  C  "C5'" . DT  A 1 4 ? 11.473  12.021  4.464   1.000 26.049 0 4   DT  A "C5'" 1 ? 1 
ATOM   65  C  "C4'" . DT  A 1 4 ? 9.987   11.911  4.293   1.000 26.302 0 4   DT  A "C4'" 1 ? 1 
ATOM   66  O  "O4'" . DT  A 1 4 ? 9.687   11.034  3.176   1.000 23.712 0 4   DT  A "O4'" 1 ? 1 
ATOM   67  C  "C3'" . DT  A 1 4 ? 9.217   11.398  5.505   1.000 24.776 0 4   DT  A "C3'" 1 ? 1 
ATOM   68  O  "O3'" . DT  A 1 4 ? 8.081   12.243  5.623   1.000 27.138 0 4   DT  A "O3'" 1 ? 1 
ATOM   69  C  "C2'" . DT  A 1 4 ? 8.786   10.004  5.082   1.000 24.971 0 4   DT  A "C2'" 1 ? 1 
ATOM   70  C  "C1'" . DT  A 1 4 ? 8.673   10.115  3.574   1.000 22.215 0 4   DT  A "C1'" 1 ? 1 
ATOM   71  N  N1    . DT  A 1 4 ? 8.932   8.868   2.832   1.000 23.106 0 4   DT  A N1    1 ? 1 
ATOM   72  C  C2    . DT  A 1 4 ? 8.045   8.538   1.824   1.000 24.227 0 4   DT  A C2    1 ? 1 
ATOM   73  O  O2    . DT  A 1 4 ? 7.050   9.212   1.565   1.000 25.843 0 4   DT  A O2    1 ? 1 
ATOM   74  N  N3    . DT  A 1 4 ? 8.357   7.397   1.143   1.000 22.556 0 4   DT  A N3    1 ? 1 
ATOM   75  C  C4    . DT  A 1 4 ? 9.456   6.583   1.343   1.000 22.834 0 4   DT  A C4    1 ? 1 
ATOM   76  O  O4    . DT  A 1 4 ? 9.618   5.574   0.632   1.000 20.883 0 4   DT  A O4    1 ? 1 
ATOM   77  C  C5    . DT  A 1 4 ? 10.342  6.998   2.412   1.000 21.092 0 4   DT  A C5    1 ? 1 
ATOM   78  C  C7    . DT  A 1 4 ? 11.533  6.154   2.744   1.000 20.588 0 4   DT  A C7    1 ? 1 
ATOM   79  C  C6    . DT  A 1 4 ? 10.049  8.107   3.087   1.000 19.622 0 4   DT  A C6    1 ? 1 
ATOM   80  P  P     . DT  A 1 5 ? 7.002   12.095  6.782   1.000 25.859 0 5   DT  A P     1 ? 1 
ATOM   81  O  OP1   . DT  A 1 5 ? 6.653   13.453  7.323   1.000 30.241 0 5   DT  A OP1   1 ? 1 
ATOM   82  O  OP2   . DT  A 1 5 ? 7.423   11.029  7.706   1.000 27.811 0 5   DT  A OP2   1 ? 1 
ATOM   83  O  "O5'" . DT  A 1 5 ? 5.708   11.618  6.006   1.000 23.417 0 5   DT  A "O5'" 1 ? 1 
ATOM   84  C  "C5'" . DT  A 1 5 ? 5.513   12.044  4.630   1.000 25.754 0 5   DT  A "C5'" 1 ? 1 
ATOM   85  C  "C4'" . DT  A 1 5 ? 4.270   11.352  4.082   1.000 28.736 0 5   DT  A "C4'" 1 ? 1 
ATOM   86  O  "O4'" . DT  A 1 5 ? 4.662   10.164  3.349   1.000 24.059 0 5   DT  A "O4'" 1 ? 1 
ATOM   87  C  "C3'" . DT  A 1 5 ? 3.218   10.888  5.120   1.000 30.634 0 5   DT  A "C3'" 1 ? 1 
ATOM   88  O  "O3'" . DT  A 1 5 ? 1.932   11.232  4.640   1.000 29.311 0 5   DT  A "O3'" 1 ? 1 
ATOM   89  C  "C2'" . DT  A 1 5 ? 3.443   9.377   5.196   1.000 24.490 0 5   DT  A "C2'" 1 ? 1 
ATOM   90  C  "C1'" . DT  A 1 5 ? 3.908   9.044   3.795   1.000 24.146 0 5   DT  A "C1'" 1 ? 1 
ATOM   91  N  N1    . DT  A 1 5 ? 4.805   7.885   3.679   1.000 27.885 0 5   DT  A N1    1 ? 1 
ATOM   92  C  C2    . DT  A 1 5 ? 4.582   7.031   2.616   1.000 23.369 0 5   DT  A C2    1 ? 1 
ATOM   93  O  O2    . DT  A 1 5 ? 3.658   7.187   1.847   1.000 25.881 0 5   DT  A O2    1 ? 1 
ATOM   94  N  N3    . DT  A 1 5 ? 5.468   5.987   2.500   1.000 21.807 0 5   DT  A N3    1 ? 1 
ATOM   95  C  C4    . DT  A 1 5 ? 6.537   5.733   3.332   1.000 22.007 0 5   DT  A C4    1 ? 1 
ATOM   96  O  O4    . DT  A 1 5 ? 7.245   4.744   3.121   1.000 21.118 0 5   DT  A O4    1 ? 1 
ATOM   97  C  C5    . DT  A 1 5 ? 6.719   6.678   4.436   1.000 24.017 0 5   DT  A C5    1 ? 1 
ATOM   98  C  C7    . DT  A 1 5 ? 7.869   6.442   5.394   1.000 20.611 0 5   DT  A C7    1 ? 1 
ATOM   99  C  C6    . DT  A 1 5 ? 5.866   7.707   4.560   1.000 21.299 0 5   DT  A C6    1 ? 1 
ATOM   100 P  P     . DG  A 1 6 ? 0.579   10.942  5.468   1.000 34.015 0 6   DG  A P     1 ? 1 
ATOM   101 O  OP1   . DG  A 1 6 ? -0.473  11.992  5.200   1.000 31.078 0 6   DG  A OP1   1 ? 1 
ATOM   102 O  OP2   . DG  A 1 6 ? 0.972   10.709  6.893   1.000 36.347 0 6   DG  A OP2   1 ? 1 
ATOM   103 O  "O5'" . DG  A 1 6 ? 0.073   9.608   4.748   1.000 33.455 0 6   DG  A "O5'" 1 ? 1 
ATOM   104 C  "C5'" . DG  A 1 6 ? -0.531  9.722   3.393   1.000 28.702 0 6   DG  A "C5'" 1 ? 1 
ATOM   105 C  "C4'" . DG  A 1 6 ? -1.071  8.370   2.967   1.000 25.770 0 6   DG  A "C4'" 1 ? 1 
ATOM   106 O  "O4'" . DG  A 1 6 ? -0.014  7.383   2.937   1.000 21.513 0 6   DG  A "O4'" 1 ? 1 
ATOM   107 C  "C3'" . DG  A 1 6 ? -2.094  7.793   3.943   1.000 27.861 0 6   DG  A "C3'" 1 ? 1 
ATOM   108 O  "O3'" . DG  A 1 6 ? -3.169  7.231   3.195   1.000 31.929 0 6   DG  A "O3'" 1 ? 1 
ATOM   109 C  "C2'" . DG  A 1 6 ? -1.314  6.770   4.774   1.000 22.928 0 6   DG  A "C2'" 1 ? 1 
ATOM   110 C  "C1'" . DG  A 1 6 ? -0.362  6.241   3.719   1.000 21.961 0 6   DG  A "C1'" 1 ? 1 
ATOM   111 N  N9    . DG  A 1 6 ? 0.899   5.667   4.198   1.000 23.066 0 6   DG  A N9    1 ? 1 
ATOM   112 C  C8    . DG  A 1 6 ? 1.696   6.123   5.229   1.000 21.852 0 6   DG  A C8    1 ? 1 
ATOM   113 N  N7    . DG  A 1 6 ? 2.802   5.444   5.371   1.000 19.744 0 6   DG  A N7    1 ? 1 
ATOM   114 C  C5    . DG  A 1 6 ? 2.755   4.501   4.365   1.000 20.356 0 6   DG  A C5    1 ? 1 
ATOM   115 C  C6    . DG  A 1 6 ? 3.692   3.484   4.033   1.000 21.243 0 6   DG  A C6    1 ? 1 
ATOM   116 O  O6    . DG  A 1 6 ? 4.767   3.230   4.605   1.000 20.361 0 6   DG  A O6    1 ? 1 
ATOM   117 N  N1    . DG  A 1 6 ? 3.276   2.736   2.905   1.000 18.316 0 6   DG  A N1    1 ? 1 
ATOM   118 C  C2    . DG  A 1 6 ? 2.078   2.931   2.232   1.000 21.210 0 6   DG  A C2    1 ? 1 
ATOM   119 N  N2    . DG  A 1 6 ? 1.830   2.119   1.195   1.000 21.139 0 6   DG  A N2    1 ? 1 
ATOM   120 N  N3    . DG  A 1 6 ? 1.193   3.898   2.539   1.000 20.241 0 6   DG  A N3    1 ? 1 
ATOM   121 C  C4    . DG  A 1 6 ? 1.591   4.627   3.621   1.000 21.401 0 6   DG  A C4    1 ? 1 
ATOM   122 O  "O5'" . DG  B 1 1 ? 8.398   -8.940  2.515   1.000 67.084 0 1   DG  D "O5'" 1 ? 2 
ATOM   123 C  "C5'" . DG  B 1 1 ? 7.468   -9.219  1.435   1.000 64.918 0 1   DG  D "C5'" 1 ? 2 
ATOM   124 C  "C4'" . DG  B 1 1 ? 6.257   -8.326  1.560   1.000 43.562 0 1   DG  D "C4'" 1 ? 2 
ATOM   125 O  "O4'" . DG  B 1 1 ? 5.930   -7.785  0.261   1.000 54.611 0 1   DG  D "O4'" 1 ? 2 
ATOM   126 C  "C3'" . DG  B 1 1 ? 4.975   -9.034  1.898   1.000 37.854 0 1   DG  D "C3'" 1 ? 2 
ATOM   127 O  "O3'" . DG  B 1 1 ? 4.795   -9.451  3.256   1.000 30.559 0 1   DG  D "O3'" 1 ? 2 
ATOM   128 C  "C2'" . DG  B 1 1 ? 3.955   -7.966  1.507   1.000 45.622 0 1   DG  D "C2'" 1 ? 2 
ATOM   129 C  "C1'" . DG  B 1 1 ? 4.586   -7.301  0.294   1.000 41.352 0 1   DG  D "C1'" 1 ? 2 
ATOM   130 N  N9    . DG  B 1 1 ? 3.879   -7.727  -0.889  1.000 35.303 0 1   DG  D N9    1 ? 2 
ATOM   131 C  C8    . DG  B 1 1 ? 3.790   -9.040  -1.303  1.000 42.844 0 1   DG  D C8    1 ? 2 
ATOM   132 N  N7    . DG  B 1 1 ? 3.030   -9.221  -2.368  1.000 40.782 0 1   DG  D N7    1 ? 2 
ATOM   133 C  C5    . DG  B 1 1 ? 2.560   -7.936  -2.630  1.000 38.369 0 1   DG  D C5    1 ? 2 
ATOM   134 C  C6    . DG  B 1 1 ? 1.700   -7.506  -3.653  1.000 36.062 0 1   DG  D C6    1 ? 2 
ATOM   135 O  O6    . DG  B 1 1 ? 1.187   -8.217  -4.525  1.000 48.161 0 1   DG  D O6    1 ? 2 
ATOM   136 N  N1    . DG  B 1 1 ? 1.442   -6.136  -3.569  1.000 35.570 0 1   DG  D N1    1 ? 2 
ATOM   137 C  C2    . DG  B 1 1 ? 1.959   -5.297  -2.620  1.000 34.190 0 1   DG  D C2    1 ? 2 
ATOM   138 N  N2    . DG  B 1 1 ? 1.590   -4.011  -2.741  1.000 29.407 0 1   DG  D N2    1 ? 2 
ATOM   139 N  N3    . DG  B 1 1 ? 2.799   -5.689  -1.647  1.000 30.983 0 1   DG  D N3    1 ? 2 
ATOM   140 C  C4    . DG  B 1 1 ? 3.044   -7.015  -1.712  1.000 35.395 0 1   DG  D C4    1 ? 2 
ATOM   141 P  P     . DT  B 1 2 ? 5.090   -8.531  4.524   1.000 26.910 0 2   DT  D P     1 ? 2 
ATOM   142 O  OP1   . DT  B 1 2 ? 6.560   -8.342  4.669   1.000 27.866 0 2   DT  D OP1   1 ? 2 
ATOM   143 O  OP2   . DT  B 1 2 ? 4.390   -9.251  5.627   1.000 31.373 0 2   DT  D OP2   1 ? 2 
ATOM   144 O  "O5'" . DT  B 1 2 ? 4.392   -7.078  4.378   1.000 28.678 0 2   DT  D "O5'" 1 ? 2 
ATOM   145 C  "C5'" . DT  B 1 2 ? 2.947   -6.946  4.450   1.000 22.595 0 2   DT  D "C5'" 1 ? 2 
ATOM   146 C  "C4'" . DT  B 1 2 ? 2.542   -5.572  3.971   1.000 22.392 0 2   DT  D "C4'" 1 ? 2 
ATOM   147 O  "O4'" . DT  B 1 2 ? 2.533   -5.496  2.534   1.000 25.640 0 2   DT  D "O4'" 1 ? 2 
ATOM   148 C  "C3'" . DT  B 1 2 ? 1.126   -5.187  4.359   1.000 24.856 0 2   DT  D "C3'" 1 ? 2 
ATOM   149 O  "O3'" . DT  B 1 2 ? 1.207   -4.518  5.621   1.000 22.667 0 2   DT  D "O3'" 1 ? 2 
ATOM   150 C  "C2'" . DT  B 1 2 ? 0.635   -4.273  3.236   1.000 23.604 0 2   DT  D "C2'" 1 ? 2 
ATOM   151 C  "C1'" . DT  B 1 2 ? 1.485   -4.656  2.070   1.000 24.709 0 2   DT  D "C1'" 1 ? 2 
ATOM   152 N  N1    . DT  B 1 2 ? 0.716   -5.417  1.067   1.000 30.493 0 2   DT  D N1    1 ? 2 
ATOM   153 C  C2    . DT  B 1 2 ? -0.178  -4.757  0.242   1.000 30.320 0 2   DT  D C2    1 ? 2 
ATOM   154 O  O2    . DT  B 1 2 ? -0.410  -3.559  0.297   1.000 34.918 0 2   DT  D O2    1 ? 2 
ATOM   155 N  N3    . DT  B 1 2 ? -0.799  -5.551  -0.670  1.000 29.560 0 2   DT  D N3    1 ? 2 
ATOM   156 C  C4    . DT  B 1 2 ? -0.632  -6.909  -0.852  1.000 31.421 0 2   DT  D C4    1 ? 2 
ATOM   157 O  O4    . DT  B 1 2 ? -1.268  -7.525  -1.727  1.000 31.003 0 2   DT  D O4    1 ? 2 
ATOM   158 C  C5    . DT  B 1 2 ? 0.300   -7.519  0.062   1.000 28.626 0 2   DT  D C5    1 ? 2 
ATOM   159 C  C7    . DT  B 1 2 ? 0.557   -8.978  -0.063  1.000 43.341 0 2   DT  D C7    1 ? 2 
ATOM   160 C  C6    . DT  B 1 2 ? 0.916   -6.773  0.958   1.000 27.120 0 2   DT  D C6    1 ? 2 
ATOM   161 P  P     . DT  B 1 3 ? 0.040   -4.634  6.688   1.000 22.393 0 3   DT  D P     1 ? 2 
ATOM   162 O  OP1   . DT  B 1 3 ? 0.565   -3.966  7.938   1.000 27.835 0 3   DT  D OP1   1 ? 2 
ATOM   163 O  OP2   . DT  B 1 3 ? -0.553  -6.019  6.768   1.000 24.451 0 3   DT  D OP2   1 ? 2 
ATOM   164 O  "O5'" . DT  B 1 3 ? -1.103  -3.715  6.062   1.000 26.751 0 3   DT  D "O5'" 1 ? 2 
ATOM   165 C  "C5'" . DT  B 1 3 ? -0.827  -2.352  5.678   1.000 25.962 0 3   DT  D "C5'" 1 ? 2 
ATOM   166 C  "C4'" . DT  B 1 3 ? -2.064  -1.775  5.048   1.000 30.554 0 3   DT  D "C4'" 1 ? 2 
ATOM   167 O  "O4'" . DT  B 1 3 ? -2.278  -2.348  3.733   1.000 30.320 0 3   DT  D "O4'" 1 ? 2 
ATOM   168 C  "C3'" . DT  B 1 3 ? -3.363  -1.954  5.838   1.000 31.437 0 3   DT  D "C3'" 1 ? 2 
ATOM   169 O  "O3'" . DT  B 1 3 ? -4.022  -0.674  5.868   1.000 29.641 0 3   DT  D "O3'" 1 ? 2 
ATOM   170 C  "C2'" . DT  B 1 3 ? -4.144  -2.994  5.031   1.000 28.011 0 3   DT  D "C2'" 1 ? 2 
ATOM   171 C  "C1'" . DT  B 1 3 ? -3.640  -2.764  3.608   1.000 29.377 0 3   DT  D "C1'" 1 ? 2 
ATOM   172 N  N1    . DT  B 1 3 ? -3.641  -4.004  2.777   1.000 31.705 0 3   DT  D N1    1 ? 2 
ATOM   173 C  C2    . DT  B 1 3 ? -4.288  -4.001  1.544   1.000 38.386 0 3   DT  D C2    1 ? 2 
ATOM   174 O  O2    . DT  B 1 3 ? -4.884  -3.021  1.091   1.000 48.632 0 3   DT  D O2    1 ? 2 
ATOM   175 N  N3    . DT  B 1 3 ? -4.227  -5.171  0.837   1.000 30.553 0 3   DT  D N3    1 ? 2 
ATOM   176 C  C4    . DT  B 1 3 ? -3.596  -6.318  1.272   1.000 29.768 0 3   DT  D C4    1 ? 2 
ATOM   177 O  O4    . DT  B 1 3 ? -3.605  -7.355  0.566   1.000 23.575 0 3   DT  D O4    1 ? 2 
ATOM   178 C  C5    . DT  B 1 3 ? -2.965  -6.231  2.565   1.000 24.622 0 3   DT  D C5    1 ? 2 
ATOM   179 C  C7    . DT  B 1 3 ? -2.277  -7.461  3.059   1.000 34.227 0 3   DT  D C7    1 ? 2 
ATOM   180 C  C6    . DT  B 1 3 ? -3.001  -5.113  3.249   1.000 24.737 0 3   DT  D C6    1 ? 2 
ATOM   181 P  P     . DT  B 1 4 ? -5.455  -0.497  6.596   1.000 30.878 0 4   DT  D P     1 ? 2 
ATOM   182 O  OP1   . DT  B 1 4 ? -5.435  0.941   6.970   1.000 31.486 0 4   DT  D OP1   1 ? 2 
ATOM   183 O  OP2   . DT  B 1 4 ? -5.708  -1.552  7.620   1.000 30.179 0 4   DT  D OP2   1 ? 2 
ATOM   184 O  "O5'" . DT  B 1 4 ? -6.619  -0.678  5.512   1.000 26.635 0 4   DT  D "O5'" 1 ? 2 
ATOM   185 C  "C5'" . DT  B 1 4 ? -6.381  -0.055  4.212   1.000 33.626 0 4   DT  D "C5'" 1 ? 2 
ATOM   186 C  "C4'" . DT  B 1 4 ? -7.565  -0.298  3.308   1.000 33.656 0 4   DT  D "C4'" 1 ? 2 
ATOM   187 O  "O4'" . DT  B 1 4 ? -7.309  -1.487  2.540   1.000 31.017 0 4   DT  D "O4'" 1 ? 2 
ATOM   188 C  "C3'" . DT  B 1 4 ? -8.910  -0.499  3.997   1.000 33.121 0 4   DT  D "C3'" 1 ? 2 
ATOM   189 O  "O3'" . DT  B 1 4 ? -9.839  0.351   3.315   1.000 43.626 0 4   DT  D "O3'" 1 ? 2 
ATOM   190 C  "C2'" . DT  B 1 4 ? -9.204  -1.979  3.816   1.000 28.383 0 4   DT  D "C2'" 1 ? 2 
ATOM   191 C  "C1'" . DT  B 1 4 ? -8.449  -2.328  2.549   1.000 34.235 0 4   DT  D "C1'" 1 ? 2 
ATOM   192 N  N1    . DT  B 1 4 ? -7.937  -3.696  2.536   1.000 35.641 0 4   DT  D N1    1 ? 2 
ATOM   193 C  C2    . DT  B 1 4 ? -7.994  -4.496  1.391   1.000 37.470 0 4   DT  D C2    1 ? 2 
ATOM   194 O  O2    . DT  B 1 4 ? -8.430  -4.107  0.318   1.000 50.508 0 4   DT  D O2    1 ? 2 
ATOM   195 N  N3    . DT  B 1 4 ? -7.475  -5.761  1.506   1.000 28.138 0 4   DT  D N3    1 ? 2 
ATOM   196 C  C4    . DT  B 1 4 ? -6.920  -6.257  2.675   1.000 39.626 0 4   DT  D C4    1 ? 2 
ATOM   197 O  O4    . DT  B 1 4 ? -6.482  -7.440  2.669   1.000 34.393 0 4   DT  D O4    1 ? 2 
ATOM   198 C  C5    . DT  B 1 4 ? -6.902  -5.360  3.823   1.000 28.984 0 4   DT  D C5    1 ? 2 
ATOM   199 C  C7    . DT  B 1 4 ? -6.341  -5.884  5.097   1.000 33.118 0 4   DT  D C7    1 ? 2 
ATOM   200 C  C6    . DT  B 1 4 ? -7.402  -4.137  3.708   1.000 30.866 0 4   DT  D C6    1 ? 2 
ATOM   201 P  P     . DT  B 1 5 ? -11.362 0.547   3.802   1.000 41.146 0 5   DT  D P     1 ? 2 
ATOM   202 O  OP1   . DT  B 1 5 ? -11.858 1.753   3.085   1.000 49.597 0 5   DT  D OP1   1 ? 2 
ATOM   203 O  OP2   . DT  B 1 5 ? -11.499 0.432   5.285   1.000 44.397 0 5   DT  D OP2   1 ? 2 
ATOM   204 O  "O5'" . DT  B 1 5 ? -12.162 -0.687  3.207   1.000 35.934 0 5   DT  D "O5'" 1 ? 2 
ATOM   205 C  "C5'" . DT  B 1 5 ? -11.987 -1.046  1.835   1.000 34.200 0 5   DT  D "C5'" 1 ? 2 
ATOM   206 C  "C4'" . DT  B 1 5 ? -12.509 -2.457  1.596   1.000 41.739 0 5   DT  D "C4'" 1 ? 2 
ATOM   207 O  "O4'" . DT  B 1 5 ? -11.542 -3.462  1.962   1.000 40.502 0 5   DT  D "O4'" 1 ? 2 
ATOM   208 C  "C3'" . DT  B 1 5 ? -13.802 -2.862  2.326   1.000 47.169 0 5   DT  D "C3'" 1 ? 2 
ATOM   209 O  "O3'" . DT  B 1 5 ? -14.713 -3.360  1.333   1.000 67.006 0 5   DT  D "O3'" 1 ? 2 
ATOM   210 C  "C2'" . DT  B 1 5 ? -13.339 -3.963  3.275   1.000 42.452 0 5   DT  D "C2'" 1 ? 2 
ATOM   211 C  "C1'" . DT  B 1 5 ? -12.241 -4.600  2.455   1.000 33.770 0 5   DT  D "C1'" 1 ? 2 
ATOM   212 N  N1    . DT  B 1 5 ? -11.326 -5.519  3.172   1.000 28.872 0 5   DT  D N1    1 ? 2 
ATOM   213 C  C2    . DT  B 1 5 ? -10.870 -6.653  2.493   1.000 34.834 0 5   DT  D C2    1 ? 2 
ATOM   214 O  O2    . DT  B 1 5 ? -11.167 -6.940  1.346   1.000 31.184 0 5   DT  D O2    1 ? 2 
ATOM   215 N  N3    . DT  B 1 5 ? -10.034 -7.485  3.194   1.000 32.991 0 5   DT  D N3    1 ? 2 
ATOM   216 C  C4    . DT  B 1 5 ? -9.621  -7.292  4.499   1.000 37.328 0 5   DT  D C4    1 ? 2 
ATOM   217 O  O4    . DT  B 1 5 ? -8.863  -8.128  5.003   1.000 37.697 0 5   DT  D O4    1 ? 2 
ATOM   218 C  C5    . DT  B 1 5 ? -10.134 -6.094  5.163   1.000 35.897 0 5   DT  D C5    1 ? 2 
ATOM   219 C  C7    . DT  B 1 5 ? -9.740  -5.835  6.594   1.000 38.062 0 5   DT  D C7    1 ? 2 
ATOM   220 C  C6    . DT  B 1 5 ? -10.959 -5.281  4.484   1.000 28.180 0 5   DT  D C6    1 ? 2 
ATOM   221 P  P     . DG  B 1 6 ? -16.316 -3.085  1.293   1.000 61.573 0 6   DG  D P     1 ? 2 
ATOM   222 O  OP1   . DG  B 1 6 ? -16.630 -1.691  0.876   1.000 65.538 0 6   DG  D OP1   1 ? 2 
ATOM   223 O  OP2   . DG  B 1 6 ? -16.908 -3.552  2.576   1.000 53.949 0 6   DG  D OP2   1 ? 2 
ATOM   224 O  "O5'" . DG  B 1 6 ? -16.813 -4.045  0.097   1.000 48.796 0 6   DG  D "O5'" 1 ? 2 
ATOM   225 C  "C5'" . DG  B 1 6 ? -15.873 -4.504  -0.911  1.000 45.815 0 6   DG  D "C5'" 1 ? 2 
ATOM   226 C  "C4'" . DG  B 1 6 ? -15.980 -6.008  -1.109  1.000 43.921 0 6   DG  D "C4'" 1 ? 2 
ATOM   227 O  "O4'" . DG  B 1 6 ? -15.002 -6.710  -0.295  1.000 43.059 0 6   DG  D "O4'" 1 ? 2 
ATOM   228 C  "C3'" . DG  B 1 6 ? -17.333 -6.626  -0.779  1.000 39.780 0 6   DG  D "C3'" 1 ? 2 
ATOM   229 O  "O3'" . DG  B 1 6 ? -17.633 -7.598  -1.782  1.000 45.892 0 6   DG  D "O3'" 1 ? 2 
ATOM   230 C  "C2'" . DG  B 1 6 ? -17.106 -7.286  0.575   1.000 34.304 0 6   DG  D "C2'" 1 ? 2 
ATOM   231 C  "C1'" . DG  B 1 6 ? -15.644 -7.685  0.525   1.000 35.246 0 6   DG  D "C1'" 1 ? 2 
ATOM   232 N  N9    . DG  B 1 6 ? -14.971 -7.671  1.834   1.000 40.411 0 6   DG  D N9    1 ? 2 
ATOM   233 C  C8    . DG  B 1 6 ? -15.029 -6.651  2.763   1.000 37.684 0 6   DG  D C8    1 ? 2 
ATOM   234 N  N7    . DG  B 1 6 ? -14.304 -6.899  3.824   1.000 36.471 0 6   DG  D N7    1 ? 2 
ATOM   235 C  C5    . DG  B 1 6 ? -13.720 -8.131  3.568   1.000 33.650 0 6   DG  D C5    1 ? 2 
ATOM   236 C  C6    . DG  B 1 6 ? -12.850 -8.905  4.375   1.000 36.868 0 6   DG  D C6    1 ? 2 
ATOM   237 O  O6    . DG  B 1 6 ? -12.399 -8.602  5.488   1.000 41.810 0 6   DG  D O6    1 ? 2 
ATOM   238 N  N1    . DG  B 1 6 ? -12.487 -10.112 3.768   1.000 32.434 0 6   DG  D N1    1 ? 2 
ATOM   239 C  C2    . DG  B 1 6 ? -12.920 -10.506 2.532   1.000 39.295 0 6   DG  D C2    1 ? 2 
ATOM   240 N  N2    . DG  B 1 6 ? -12.477 -11.697 2.106   1.000 51.402 0 6   DG  D N2    1 ? 2 
ATOM   241 N  N3    . DG  B 1 6 ? -13.754 -9.787  1.775   1.000 37.665 0 6   DG  D N3    1 ? 2 
ATOM   242 C  C4    . DG  B 1 6 ? -14.117 -8.620  2.354   1.000 33.056 0 6   DG  D C4    1 ? 2 
ATOM   243 P  P     . DC  C 2 1 ? 9.020   -6.017  -0.899  1.000 25.122 0 8   DC  B P     1 ? 1 
ATOM   244 O  OP1   . DC  C 2 1 ? 8.849   -7.511  -0.889  1.000 21.748 0 8   DC  B OP1   1 ? 1 
ATOM   245 O  OP2   . DC  C 2 1 ? 10.104  -5.487  -1.821  1.000 26.474 0 8   DC  B OP2   1 ? 1 
ATOM   246 O  "O5'" . DC  C 2 1 ? 7.601   -5.330  -1.320  1.000 23.238 0 8   DC  B "O5'" 1 ? 1 
ATOM   247 C  "C5'" . DC  C 2 1 ? 7.568   -3.946  -1.633  1.000 20.792 0 8   DC  B "C5'" 1 ? 1 
ATOM   248 C  "C4'" . DC  C 2 1 ? 6.127   -3.528  -1.745  1.000 21.935 0 8   DC  B "C4'" 1 ? 1 
ATOM   249 O  "O4'" . DC  C 2 1 ? 5.566   -3.237  -0.452  1.000 23.608 0 8   DC  B "O4'" 1 ? 1 
ATOM   250 C  "C3'" . DC  C 2 1 ? 5.850   -2.308  -2.604  1.000 22.823 0 8   DC  B "C3'" 1 ? 1 
ATOM   251 O  "O3'" . DC  C 2 1 ? 5.515   -2.794  -3.909  1.000 22.611 0 8   DC  B "O3'" 1 ? 1 
ATOM   252 C  "C2'" . DC  C 2 1 ? 4.645   -1.641  -1.932  1.000 22.097 0 8   DC  B "C2'" 1 ? 1 
ATOM   253 C  "C1'" . DC  C 2 1 ? 4.753   -2.076  -0.490  1.000 20.912 0 8   DC  B "C1'" 1 ? 1 
ATOM   254 N  N1    . DC  C 2 1 ? 5.378   -1.079  0.439   1.000 22.757 0 8   DC  B N1    1 ? 1 
ATOM   255 C  C2    . DC  C 2 1 ? 4.578   -0.052  0.914   1.000 20.764 0 8   DC  B C2    1 ? 1 
ATOM   256 O  O2    . DC  C 2 1 ? 3.405   0.022   0.477   1.000 22.208 0 8   DC  B O2    1 ? 1 
ATOM   257 N  N3    . DC  C 2 1 ? 5.116   0.821   1.802   1.000 20.257 0 8   DC  B N3    1 ? 1 
ATOM   258 C  C4    . DC  C 2 1 ? 6.368   0.705   2.238   1.000 19.781 0 8   DC  B C4    1 ? 1 
ATOM   259 N  N4    . DC  C 2 1 ? 6.787   1.593   3.126   1.000 19.016 0 8   DC  B N4    1 ? 1 
ATOM   260 C  C5    . DC  C 2 1 ? 7.196   -0.357  1.790   1.000 23.296 0 8   DC  B C5    1 ? 1 
ATOM   261 C  C6    . DC  C 2 1 ? 6.665   -1.231  0.912   1.000 22.462 0 8   DC  B C6    1 ? 1 
ATOM   262 P  P     . DA  C 2 2 ? 5.782   -1.889  -5.208  1.000 21.376 0 9   DA  B P     1 ? 1 
ATOM   263 O  OP1   . DA  C 2 2 ? 5.545   -2.716  -6.424  1.000 17.253 0 9   DA  B OP1   1 ? 1 
ATOM   264 O  OP2   . DA  C 2 2 ? 7.101   -1.241  -4.959  1.000 21.318 0 9   DA  B OP2   1 ? 1 
ATOM   265 O  "O5'" . DA  C 2 2 ? 4.767   -0.653  -5.107  1.000 21.665 0 9   DA  B "O5'" 1 ? 1 
ATOM   266 C  "C5'" . DA  C 2 2 ? 3.311   -0.919  -5.169  1.000 22.301 0 9   DA  B "C5'" 1 ? 1 
ATOM   267 C  "C4'" . DA  C 2 2 ? 2.531   0.380   -5.176  1.000 24.325 0 9   DA  B "C4'" 1 ? 1 
ATOM   268 O  "O4'" . DA  C 2 2 ? 2.709   1.062   -3.914  1.000 27.487 0 9   DA  B "O4'" 1 ? 1 
ATOM   269 C  "C3'" . DA  C 2 2 ? 2.951   1.382   -6.236  1.000 26.304 0 9   DA  B "C3'" 1 ? 1 
ATOM   270 O  "O3'" . DA  C 2 2 ? 1.816   2.182   -6.573  1.000 30.782 0 9   DA  B "O3'" 1 ? 1 
ATOM   271 C  "C2'" . DA  C 2 2 ? 4.056   2.168   -5.526  1.000 22.672 0 9   DA  B "C2'" 1 ? 1 
ATOM   272 C  "C1'" . DA  C 2 2 ? 3.511   2.230   -4.107  1.000 25.098 0 9   DA  B "C1'" 1 ? 1 
ATOM   273 N  N9    . DA  C 2 2 ? 4.552   2.284   -3.081  1.000 24.446 0 9   DA  B N9    1 ? 1 
ATOM   274 C  C8    . DA  C 2 2 ? 5.781   1.687   -3.130  1.000 24.749 0 9   DA  B C8    1 ? 1 
ATOM   275 N  N7    . DA  C 2 2 ? 6.567   1.970   -2.112  1.000 20.951 0 9   DA  B N7    1 ? 1 
ATOM   276 C  C5    . DA  C 2 2 ? 5.801   2.828   -1.337  1.000 19.254 0 9   DA  B C5    1 ? 1 
ATOM   277 C  C6    . DA  C 2 2 ? 6.071   3.469   -0.116  1.000 19.374 0 9   DA  B C6    1 ? 1 
ATOM   278 N  N6    . DA  C 2 2 ? 7.216   3.334   0.562   1.000 15.104 0 9   DA  B N6    1 ? 1 
ATOM   279 N  N1    . DA  C 2 2 ? 5.075   4.247   0.404   1.000 23.055 0 9   DA  B N1    1 ? 1 
ATOM   280 C  C2    . DA  C 2 2 ? 3.911   4.366   -0.277  1.000 23.884 0 9   DA  B C2    1 ? 1 
ATOM   281 N  N3    . DA  C 2 2 ? 3.558   3.806   -1.437  1.000 23.461 0 9   DA  B N3    1 ? 1 
ATOM   282 C  C4    . DA  C 2 2 ? 4.557   3.029   -1.914  1.000 23.360 0 9   DA  B C4    1 ? 1 
ATOM   283 P  P     . DA  C 2 3 ? 1.918   3.223   -7.796  1.000 34.633 0 10  DA  B P     1 ? 1 
ATOM   284 O  OP1   . DA  C 2 3 ? 0.684   3.169   -8.610  1.000 40.247 0 10  DA  B OP1   1 ? 1 
ATOM   285 O  OP2   . DA  C 2 3 ? 3.250   3.225   -8.480  1.000 27.658 0 10  DA  B OP2   1 ? 1 
ATOM   286 O  "O5'" . DA  C 2 3 ? 1.865   4.630   -7.038  1.000 31.063 0 10  DA  B "O5'" 1 ? 1 
ATOM   287 C  "C5'" . DA  C 2 3 ? 0.843   4.839   -6.061  1.000 29.454 0 10  DA  B "C5'" 1 ? 1 
ATOM   288 C  "C4'" . DA  C 2 3 ? 1.116   6.149   -5.376  1.000 31.790 0 10  DA  B "C4'" 1 ? 1 
ATOM   289 O  "O4'" . DA  C 2 3 ? 2.169   5.925   -4.434  1.000 29.289 0 10  DA  B "O4'" 1 ? 1 
ATOM   290 C  "C3'" . DA  C 2 3 ? 1.573   7.323   -6.255  1.000 35.726 0 10  DA  B "C3'" 1 ? 1 
ATOM   291 O  "O3'" . DA  C 2 3 ? 0.777   8.455   -5.857  1.000 36.826 0 10  DA  B "O3'" 1 ? 1 
ATOM   292 C  "C2'" . DA  C 2 3 ? 3.059   7.484   -5.944  1.000 27.390 0 10  DA  B "C2'" 1 ? 1 
ATOM   293 C  "C1'" . DA  C 2 3 ? 3.145   6.945   -4.539  1.000 25.899 0 10  DA  B "C1'" 1 ? 1 
ATOM   294 N  N9    . DA  C 2 3 ? 4.435   6.358   -4.168  1.000 25.566 0 10  DA  B N9    1 ? 1 
ATOM   295 C  C8    . DA  C 2 3 ? 5.230   5.480   -4.880  1.000 26.264 0 10  DA  B C8    1 ? 1 
ATOM   296 N  N7    . DA  C 2 3 ? 6.353   5.162   -4.253  1.000 23.768 0 10  DA  B N7    1 ? 1 
ATOM   297 C  C5    . DA  C 2 3 ? 6.269   5.867   -3.053  1.000 23.010 0 10  DA  B C5    1 ? 1 
ATOM   298 C  C6    . DA  C 2 3 ? 7.160   5.970   -1.964  1.000 22.776 0 10  DA  B C6    1 ? 1 
ATOM   299 N  N6    . DA  C 2 3 ? 8.329   5.334   -1.906  1.000 22.373 0 10  DA  B N6    1 ? 1 
ATOM   300 N  N1    . DA  C 2 3 ? 6.798   6.766   -0.930  1.000 19.278 0 10  DA  B N1    1 ? 1 
ATOM   301 C  C2    . DA  C 2 3 ? 5.629   7.425   -1.008  1.000 20.078 0 10  DA  B C2    1 ? 1 
ATOM   302 N  N3    . DA  C 2 3 ? 4.716   7.413   -1.978  1.000 19.695 0 10  DA  B N3    1 ? 1 
ATOM   303 C  C4    . DA  C 2 3 ? 5.107   6.621   -2.990  1.000 21.720 0 10  DA  B C4    1 ? 1 
ATOM   304 P  P     . DA  C 2 4 ? 0.928   9.924   -6.495  1.000 36.206 0 11  DA  B P     1 ? 1 
ATOM   305 O  OP1   . DA  C 2 4 ? -0.443  10.415  -6.854  1.000 37.441 0 11  DA  B OP1   1 ? 1 
ATOM   306 O  OP2   . DA  C 2 4 ? 2.028   10.017  -7.498  1.000 30.880 0 11  DA  B OP2   1 ? 1 
ATOM   307 O  "O5'" . DA  C 2 4 ? 1.394   10.759  -5.213  1.000 31.581 0 11  DA  B "O5'" 1 ? 1 
ATOM   308 C  "C5'" . DA  C 2 4 ? 0.947   10.354  -3.905  1.000 28.728 0 11  DA  B "C5'" 1 ? 1 
ATOM   309 C  "C4'" . DA  C 2 4 ? 1.639   11.192  -2.851  1.000 33.130 0 11  DA  B "C4'" 1 ? 1 
ATOM   310 O  "O4'" . DA  C 2 4 ? 2.886   10.561  -2.510  1.000 30.864 0 11  DA  B "O4'" 1 ? 1 
ATOM   311 C  "C3'" . DA  C 2 4 ? 1.977   12.631  -3.240  1.000 35.416 0 11  DA  B "C3'" 1 ? 1 
ATOM   312 O  "O3'" . DA  C 2 4 ? 1.811   13.418  -2.063  1.000 36.626 0 11  DA  B "O3'" 1 ? 1 
ATOM   313 C  "C2'" . DA  C 2 4 ? 3.434   12.539  -3.699  1.000 33.143 0 11  DA  B "C2'" 1 ? 1 
ATOM   314 C  "C1'" . DA  C 2 4 ? 3.972   11.447  -2.794  1.000 31.631 0 11  DA  B "C1'" 1 ? 1 
ATOM   315 N  N9    . DA  C 2 4 ? 5.039   10.635  -3.370  1.000 26.566 0 11  DA  B N9    1 ? 1 
ATOM   316 C  C8    . DA  C 2 4 ? 5.035   10.037  -4.592  1.000 24.287 0 11  DA  B C8    1 ? 1 
ATOM   317 N  N7    . DA  C 2 4 ? 6.124   9.331   -4.800  1.000 28.345 0 11  DA  B N7    1 ? 1 
ATOM   318 C  C5    . DA  C 2 4 ? 6.876   9.478   -3.651  1.000 24.583 0 11  DA  B C5    1 ? 1 
ATOM   319 C  C6    . DA  C 2 4 ? 8.139   8.963   -3.268  1.000 26.267 0 11  DA  B C6    1 ? 1 
ATOM   320 N  N6    . DA  C 2 4 ? 8.889   8.188   -4.033  1.000 21.553 0 11  DA  B N6    1 ? 1 
ATOM   321 N  N1    . DA  C 2 4 ? 8.614   9.304   -2.047  1.000 26.168 0 11  DA  B N1    1 ? 1 
ATOM   322 C  C2    . DA  C 2 4 ? 7.857   10.115  -1.270  1.000 24.369 0 11  DA  B C2    1 ? 1 
ATOM   323 N  N3    . DA  C 2 4 ? 6.653   10.633  -1.531  1.000 22.594 0 11  DA  B N3    1 ? 1 
ATOM   324 C  C4    . DA  C 2 4 ? 6.217   10.279  -2.754  1.000 22.617 0 11  DA  B C4    1 ? 1 
ATOM   325 P  P     . DA  C 2 5 ? 1.902   15.031  -2.100  1.000 40.291 0 12  DA  B P     1 ? 1 
ATOM   326 O  OP1   . DA  C 2 5 ? 0.986   15.595  -1.069  1.000 35.003 0 12  DA  B OP1   1 ? 1 
ATOM   327 O  OP2   . DA  C 2 5 ? 1.903   15.587  -3.496  1.000 46.566 0 12  DA  B OP2   1 ? 1 
ATOM   328 O  "O5'" . DA  C 2 5 ? 3.395   15.300  -1.625  1.000 33.515 0 12  DA  B "O5'" 1 ? 1 
ATOM   329 C  "C5'" . DA  C 2 5 ? 3.836   14.800  -0.342  1.000 31.104 0 12  DA  B "C5'" 1 ? 1 
ATOM   330 C  "C4'" . DA  C 2 5 ? 5.318   15.067  -0.250  1.000 29.055 0 12  DA  B "C4'" 1 ? 1 
ATOM   331 O  "O4'" . DA  C 2 5 ? 5.985   14.054  -1.015  1.000 27.033 0 12  DA  B "O4'" 1 ? 1 
ATOM   332 C  "C3'" . DA  C 2 5 ? 5.759   16.400  -0.834  1.000 29.791 0 12  DA  B "C3'" 1 ? 1 
ATOM   333 O  "O3'" . DA  C 2 5 ? 6.355   17.227  0.165   1.000 35.629 0 12  DA  B "O3'" 1 ? 1 
ATOM   334 C  "C2'" . DA  C 2 5 ? 6.739   16.044  -1.950  1.000 28.360 0 12  DA  B "C2'" 1 ? 1 
ATOM   335 C  "C1'" . DA  C 2 5 ? 7.126   14.619  -1.615  1.000 26.821 0 12  DA  B "C1'" 1 ? 1 
ATOM   336 N  N9    . DA  C 2 5 ? 7.440   13.801  -2.770  1.000 25.460 0 12  DA  B N9    1 ? 1 
ATOM   337 C  C8    . DA  C 2 5 ? 6.686   13.629  -3.898  1.000 21.492 0 12  DA  B C8    1 ? 1 
ATOM   338 N  N7    . DA  C 2 5 ? 7.258   12.826  -4.759  1.000 21.821 0 12  DA  B N7    1 ? 1 
ATOM   339 C  C5    . DA  C 2 5 ? 8.454   12.458  -4.168  1.000 20.700 0 12  DA  B C5    1 ? 1 
ATOM   340 C  C6    . DA  C 2 5 ? 9.494   11.625  -4.588  1.000 22.765 0 12  DA  B C6    1 ? 1 
ATOM   341 N  N6    . DA  C 2 5 ? 9.499   10.974  -5.755  1.000 21.128 0 12  DA  B N6    1 ? 1 
ATOM   342 N  N1    . DA  C 2 5 ? 10.559  11.486  -3.755  1.000 23.175 0 12  DA  B N1    1 ? 1 
ATOM   343 C  C2    . DA  C 2 5 ? 10.558  12.126  -2.591  1.000 21.491 0 12  DA  B C2    1 ? 1 
ATOM   344 N  N3    . DA  C 2 5 ? 9.630   12.944  -2.104  1.000 26.051 0 12  DA  B N3    1 ? 1 
ATOM   345 C  C4    . DA  C 2 5 ? 8.594   13.067  -2.949  1.000 23.735 0 12  DA  B C4    1 ? 1 
ATOM   346 P  P     . DC  C 2 6 ? 6.599   18.809  -0.123  1.000 44.281 0 13  DC  B P     1 ? 1 
ATOM   347 O  OP1   . DC  C 2 6 ? 6.456   19.501  1.200   1.000 47.214 0 13  DC  B OP1   1 ? 1 
ATOM   348 O  OP2   . DC  C 2 6 ? 5.811   19.325  -1.286  1.000 40.793 0 13  DC  B OP2   1 ? 1 
ATOM   349 O  "O5'" . DC  C 2 6 ? 8.132   18.886  -0.543  1.000 34.548 0 13  DC  B "O5'" 1 ? 1 
ATOM   350 C  "C5'" . DC  C 2 6 ? 9.095   18.285  0.388   1.000 36.049 0 13  DC  B "C5'" 1 ? 1 
ATOM   351 C  "C4'" . DC  C 2 6 ? 10.406  18.069  -0.324  1.000 32.167 0 13  DC  B "C4'" 1 ? 1 
ATOM   352 O  "O4'" . DC  C 2 6 ? 10.236  17.022  -1.317  1.000 30.913 0 13  DC  B "O4'" 1 ? 1 
ATOM   353 C  "C3'" . DC  C 2 6 ? 10.918  19.299  -1.081  1.000 28.159 0 13  DC  B "C3'" 1 ? 1 
ATOM   354 O  "O3'" . DC  C 2 6 ? 12.209  19.634  -0.599  1.000 33.652 0 13  DC  B "O3'" 1 ? 1 
ATOM   355 C  "C2'" . DC  C 2 6 ? 11.034  18.835  -2.536  1.000 29.572 0 13  DC  B "C2'" 1 ? 1 
ATOM   356 C  "C1'" . DC  C 2 6 ? 11.109  17.329  -2.388  1.000 26.942 0 13  DC  B "C1'" 1 ? 1 
ATOM   357 N  N1    . DC  C 2 6 ? 10.682  16.550  -3.557  1.000 27.406 0 13  DC  B N1    1 ? 1 
ATOM   358 C  C2    . DC  C 2 6 ? 11.533  15.530  -4.010  1.000 26.601 0 13  DC  B C2    1 ? 1 
ATOM   359 O  O2    . DC  C 2 6 ? 12.616  15.368  -3.430  1.000 27.161 0 13  DC  B O2    1 ? 1 
ATOM   360 N  N3    . DC  C 2 6 ? 11.167  14.793  -5.082  1.000 24.835 0 13  DC  B N3    1 ? 1 
ATOM   361 C  C4    . DC  C 2 6 ? 10.005  15.038  -5.687  1.000 26.408 0 13  DC  B C4    1 ? 1 
ATOM   362 N  N4    . DC  C 2 6 ? 9.696   14.279  -6.728  1.000 25.052 0 13  DC  B N4    1 ? 1 
ATOM   363 C  C5    . DC  C 2 6 ? 9.109   16.055  -5.221  1.000 25.796 0 13  DC  B C5    1 ? 1 
ATOM   364 C  C6    . DC  C 2 6 ? 9.483   16.782  -4.157  1.000 25.922 0 13  DC  B C6    1 ? 1 
ATOM   365 P  P     . DC  D 2 1 ? -8.107  -18.198 8.731   1.000 44.707 0 8   DC  E P     1 ? 2 
ATOM   366 O  OP1   . DC  D 2 1 ? -6.693  -17.756 8.650   1.000 42.445 0 8   DC  E OP1   1 ? 2 
ATOM   367 O  OP2   . DC  D 2 1 ? -8.205  -19.689 8.543   1.000 54.244 0 8   DC  E OP2   1 ? 2 
ATOM   368 O  "O5'" . DC  D 2 1 ? -8.915  -17.544 7.473   1.000 45.792 0 8   DC  E "O5'" 1 ? 2 
ATOM   369 C  "C5'" . DC  D 2 1 ? -9.846  -18.393 6.746   1.000 41.168 0 8   DC  E "C5'" 1 ? 2 
ATOM   370 C  "C4'" . DC  D 2 1 ? -10.101 -17.836 5.367   1.000 43.812 0 8   DC  E "C4'" 1 ? 2 
ATOM   371 O  "O4'" . DC  D 2 1 ? -10.593 -16.480 5.487   1.000 50.606 0 8   DC  E "O4'" 1 ? 2 
ATOM   372 C  "C3'" . DC  D 2 1 ? -8.881  -17.773 4.450   1.000 48.856 0 8   DC  E "C3'" 1 ? 2 
ATOM   373 O  "O3'" . DC  D 2 1 ? -9.218  -18.418 3.221   1.000 55.243 0 8   DC  E "O3'" 1 ? 2 
ATOM   374 C  "C2'" . DC  D 2 1 ? -8.602  -16.275 4.330   1.000 39.628 0 8   DC  E "C2'" 1 ? 2 
ATOM   375 C  "C1'" . DC  D 2 1 ? -9.970  -15.660 4.519   1.000 39.803 0 8   DC  E "C1'" 1 ? 2 
ATOM   376 N  N1    . DC  D 2 1 ? -9.985  -14.285 5.065   1.000 37.651 0 8   DC  E N1    1 ? 2 
ATOM   377 C  C2    . DC  D 2 1 ? -10.830 -13.336 4.481   1.000 34.357 0 8   DC  E C2    1 ? 2 
ATOM   378 O  O2    . DC  D 2 1 ? -11.524 -13.659 3.507   1.000 36.585 0 8   DC  E O2    1 ? 2 
ATOM   379 N  N3    . DC  D 2 1 ? -10.871 -12.092 5.006   1.000 31.356 0 8   DC  E N3    1 ? 2 
ATOM   380 C  C4    . DC  D 2 1 ? -10.127 -11.784 6.085   1.000 32.727 0 8   DC  E C4    1 ? 2 
ATOM   381 N  N4    . DC  D 2 1 ? -10.178 -10.533 6.541   1.000 28.735 0 8   DC  E N4    1 ? 2 
ATOM   382 C  C5    . DC  D 2 1 ? -9.271  -12.742 6.710   1.000 30.872 0 8   DC  E C5    1 ? 2 
ATOM   383 C  C6    . DC  D 2 1 ? -9.233  -13.962 6.157   1.000 34.710 0 8   DC  E C6    1 ? 2 
ATOM   384 P  P     . DA  D 2 2 ? -8.207  -18.536 1.970   1.000 49.642 0 9   DA  E P     1 ? 2 
ATOM   385 O  OP1   . DA  D 2 2 ? -8.477  -19.778 1.196   1.000 50.034 0 9   DA  E OP1   1 ? 2 
ATOM   386 O  OP2   . DA  D 2 2 ? -6.801  -18.305 2.362   1.000 47.360 0 9   DA  E OP2   1 ? 2 
ATOM   387 O  "O5'" . DA  D 2 2 ? -8.737  -17.338 1.056   1.000 41.097 0 9   DA  E "O5'" 1 ? 2 
ATOM   388 C  "C5'" . DA  D 2 2 ? -10.176 -17.292 0.812   1.000 40.772 0 9   DA  E "C5'" 1 ? 2 
ATOM   389 C  "C4'" . DA  D 2 2 ? -10.528 -16.215 -0.185  1.000 47.340 0 9   DA  E "C4'" 1 ? 2 
ATOM   390 O  "O4'" . DA  D 2 2 ? -10.516 -14.932 0.474   1.000 45.756 0 9   DA  E "O4'" 1 ? 2 
ATOM   391 C  "C3'" . DA  D 2 2 ? -9.604  -16.092 -1.403  1.000 49.201 0 9   DA  E "C3'" 1 ? 2 
ATOM   392 O  "O3'" . DA  D 2 2 ? -10.378 -15.699 -2.534  1.000 48.580 0 9   DA  E "O3'" 1 ? 2 
ATOM   393 C  "C2'" . DA  D 2 2 ? -8.637  -14.981 -0.994  1.000 47.901 0 9   DA  E "C2'" 1 ? 2 
ATOM   394 C  "C1'" . DA  D 2 2 ? -9.506  -14.099 -0.108  1.000 45.565 0 9   DA  E "C1'" 1 ? 2 
ATOM   395 N  N9    . DA  D 2 2 ? -8.772  -13.503 0.994   1.000 41.183 0 9   DA  E N9    1 ? 2 
ATOM   396 C  C8    . DA  D 2 2 ? -7.802  -14.045 1.803   1.000 42.380 0 9   DA  E C8    1 ? 2 
ATOM   397 N  N7    . DA  D 2 2 ? -7.367  -13.232 2.733   1.000 41.639 0 9   DA  E N7    1 ? 2 
ATOM   398 C  C5    . DA  D 2 2 ? -8.117  -12.080 2.519   1.000 39.198 0 9   DA  E C5    1 ? 2 
ATOM   399 C  C6    . DA  D 2 2 ? -8.120  -10.855 3.169   1.000 41.759 0 9   DA  E C6    1 ? 2 
ATOM   400 N  N6    . DA  D 2 2 ? -7.338  -10.578 4.198   1.000 41.504 0 9   DA  E N6    1 ? 2 
ATOM   401 N  N1    . DA  D 2 2 ? -8.969  -9.911  2.694   1.000 56.111 0 9   DA  E N1    1 ? 2 
ATOM   402 C  C2    . DA  D 2 2 ? -9.755  -10.209 1.644   1.000 51.610 0 9   DA  E C2    1 ? 2 
ATOM   403 N  N3    . DA  D 2 2 ? -9.854  -11.337 0.960   1.000 34.025 0 9   DA  E N3    1 ? 2 
ATOM   404 C  C4    . DA  D 2 2 ? -8.990  -12.231 1.452   1.000 37.311 0 9   DA  E C4    1 ? 2 
ATOM   405 P  P     . DA  D 2 3 ? -9.732  -15.587 -4.001  1.000 42.713 0 10  DA  E P     1 ? 2 
ATOM   406 O  OP1   . DA  D 2 3 ? -10.537 -16.355 -4.992  1.000 40.017 0 10  DA  E OP1   1 ? 2 
ATOM   407 O  OP2   . DA  D 2 3 ? -8.256  -15.814 -3.910  1.000 34.589 0 10  DA  E OP2   1 ? 2 
ATOM   408 O  "O5'" . DA  D 2 3 ? -9.973  -14.035 -4.309  1.000 31.841 0 10  DA  E "O5'" 1 ? 2 
ATOM   409 C  "C5'" . DA  D 2 3 ? -11.284 -13.557 -4.550  1.000 30.275 0 10  DA  E "C5'" 1 ? 2 
ATOM   410 C  "C4'" . DA  D 2 3 ? -11.241 -12.061 -4.656  1.000 33.168 0 10  DA  E "C4'" 1 ? 2 
ATOM   411 O  "O4'" . DA  D 2 3 ? -10.631 -11.554 -3.449  1.000 33.164 0 10  DA  E "O4'" 1 ? 2 
ATOM   412 C  "C3'" . DA  D 2 3 ? -10.431 -11.493 -5.825  1.000 34.466 0 10  DA  E "C3'" 1 ? 2 
ATOM   413 O  "O3'" . DA  D 2 3 ? -11.132 -10.366 -6.330  1.000 29.601 0 10  DA  E "O3'" 1 ? 2 
ATOM   414 C  "C2'" . DA  D 2 3 ? -9.142  -10.991 -5.175  1.000 34.140 0 10  DA  E "C2'" 1 ? 2 
ATOM   415 C  "C1'" . DA  D 2 3 ? -9.644  -10.596 -3.794  1.000 34.428 0 10  DA  E "C1'" 1 ? 2 
ATOM   416 N  N9    . DA  D 2 3 ? -8.625  -10.726 -2.775  1.000 32.118 0 10  DA  E N9    1 ? 2 
ATOM   417 C  C8    . DA  D 2 3 ? -7.845  -11.828 -2.532  1.000 28.382 0 10  DA  E C8    1 ? 2 
ATOM   418 N  N7    . DA  D 2 3 ? -7.003  -11.674 -1.554  1.000 24.075 0 10  DA  E N7    1 ? 2 
ATOM   419 C  C5    . DA  D 2 3 ? -7.266  -10.389 -1.109  1.000 28.843 0 10  DA  E C5    1 ? 2 
ATOM   420 C  C6    . DA  D 2 3 ? -6.713  -9.657  -0.072  1.000 28.588 0 10  DA  E C6    1 ? 2 
ATOM   421 N  N6    . DA  D 2 3 ? -5.741  -10.137 0.681   1.000 25.052 0 10  DA  E N6    1 ? 2 
ATOM   422 N  N1    . DA  D 2 3 ? -7.196  -8.394  0.110   1.000 43.869 0 10  DA  E N1    1 ? 2 
ATOM   423 C  C2    . DA  D 2 3 ? -8.178  -7.949  -0.706  1.000 43.434 0 10  DA  E C2    1 ? 2 
ATOM   424 N  N3    . DA  D 2 3 ? -8.782  -8.567  -1.711  1.000 25.630 0 10  DA  E N3    1 ? 2 
ATOM   425 C  C4    . DA  D 2 3 ? -8.264  -9.782  -1.855  1.000 27.637 0 10  DA  E C4    1 ? 2 
ATOM   426 P  P     . DA  D 2 4 ? -10.629 -9.569  -7.625  1.000 31.109 0 11  DA  E P     1 ? 2 
ATOM   427 O  OP1   . DA  D 2 4 ? -11.804 -9.290  -8.527  1.000 37.882 0 11  DA  E OP1   1 ? 2 
ATOM   428 O  OP2   . DA  D 2 4 ? -9.433  -10.249 -8.196  1.000 28.517 0 11  DA  E OP2   1 ? 2 
ATOM   429 O  "O5'" . DA  D 2 4 ? -10.149 -8.186  -6.992  1.000 31.264 0 11  DA  E "O5'" 1 ? 2 
ATOM   430 C  "C5'" . DA  D 2 4 ? -11.078 -7.477  -6.132  1.000 30.663 0 11  DA  E "C5'" 1 ? 2 
ATOM   431 C  "C4'" . DA  D 2 4 ? -10.551 -6.101  -5.824  1.000 31.584 0 11  DA  E "C4'" 1 ? 2 
ATOM   432 O  "O4'" . DA  D 2 4 ? -9.569  -6.207  -4.781  1.000 31.053 0 11  DA  E "O4'" 1 ? 2 
ATOM   433 C  "C3'" . DA  D 2 4 ? -9.853  -5.397  -6.984  1.000 36.587 0 11  DA  E "C3'" 1 ? 2 
ATOM   434 O  "O3'" . DA  D 2 4 ? -10.060 -3.993  -6.890  1.000 32.351 0 11  DA  E "O3'" 1 ? 2 
ATOM   435 C  "C2'" . DA  D 2 4 ? -8.378  -5.743  -6.783  1.000 34.641 0 11  DA  E "C2'" 1 ? 2 
ATOM   436 C  "C1'" . DA  D 2 4 ? -8.294  -5.783  -5.264  1.000 34.936 0 11  DA  E "C1'" 1 ? 2 
ATOM   437 N  N9    . DA  D 2 4 ? -7.349  -6.768  -4.802  1.000 39.055 0 11  DA  E N9    1 ? 2 
ATOM   438 C  C8    . DA  D 2 4 ? -7.086  -8.025  -5.306  1.000 48.331 0 11  DA  E C8    1 ? 2 
ATOM   439 N  N7    . DA  D 2 4 ? -6.187  -8.696  -4.628  1.000 43.573 0 11  DA  E N7    1 ? 2 
ATOM   440 C  C5    . DA  D 2 4 ? -5.870  -7.828  -3.592  1.000 40.374 0 11  DA  E C5    1 ? 2 
ATOM   441 C  C6    . DA  D 2 4 ? -4.988  -7.966  -2.527  1.000 33.488 0 11  DA  E C6    1 ? 2 
ATOM   442 N  N6    . DA  D 2 4 ? -4.232  -9.037  -2.342  1.000 28.617 0 11  DA  E N6    1 ? 2 
ATOM   443 N  N1    . DA  D 2 4 ? -4.903  -6.915  -1.680  1.000 50.904 0 11  DA  E N1    1 ? 2 
ATOM   444 C  C2    . DA  D 2 4 ? -5.658  -5.828  -1.903  1.000 48.243 0 11  DA  E C2    1 ? 2 
ATOM   445 N  N3    . DA  D 2 4 ? -6.534  -5.591  -2.872  1.000 34.977 0 11  DA  E N3    1 ? 2 
ATOM   446 C  C4    . DA  D 2 4 ? -6.585  -6.643  -3.682  1.000 37.438 0 11  DA  E C4    1 ? 2 
ATOM   447 P  P     . DA  D 2 5 ? -9.491  -3.027  -8.029  1.000 35.968 0 12  DA  E P     1 ? 2 
ATOM   448 O  OP1   . DA  D 2 5 ? -10.622 -2.185  -8.519  1.000 36.643 0 12  DA  E OP1   1 ? 2 
ATOM   449 O  OP2   . DA  D 2 5 ? -8.727  -3.886  -8.980  1.000 35.111 0 12  DA  E OP2   1 ? 2 
ATOM   450 O  "O5'" . DA  D 2 5 ? -8.375  -2.155  -7.286  1.000 36.705 0 12  DA  E "O5'" 1 ? 2 
ATOM   451 C  "C5'" . DA  D 2 5 ? -8.767  -1.161  -6.294  1.000 34.705 0 12  DA  E "C5'" 1 ? 2 
ATOM   452 C  "C4'" . DA  D 2 5 ? -7.525  -0.503  -5.713  1.000 33.313 0 12  DA  E "C4'" 1 ? 2 
ATOM   453 O  "O4'" . DA  D 2 5 ? -6.751  -1.468  -4.955  1.000 27.332 0 12  DA  E "O4'" 1 ? 2 
ATOM   454 C  "C3'" . DA  D 2 5 ? -6.572  0.153   -6.729  1.000 32.121 0 12  DA  E "C3'" 1 ? 2 
ATOM   455 O  "O3'" . DA  D 2 5 ? -6.146  1.366   -6.134  1.000 33.690 0 12  DA  E "O3'" 1 ? 2 
ATOM   456 C  "C2'" . DA  D 2 5 ? -5.454  -0.888  -6.835  1.000 31.229 0 12  DA  E "C2'" 1 ? 2 
ATOM   457 C  "C1'" . DA  D 2 5 ? -5.400  -1.446  -5.426  1.000 29.289 0 12  DA  E "C1'" 1 ? 2 
ATOM   458 N  N9    . DA  D 2 5 ? -4.808  -2.776  -5.326  1.000 29.826 0 12  DA  E N9    1 ? 2 
ATOM   459 C  C8    . DA  D 2 5 ? -4.996  -3.860  -6.122  1.000 30.020 0 12  DA  E C8    1 ? 2 
ATOM   460 N  N7    . DA  D 2 5 ? -4.343  -4.929  -5.735  1.000 27.972 0 12  DA  E N7    1 ? 2 
ATOM   461 C  C5    . DA  D 2 5 ? -3.696  -4.534  -4.592  1.000 29.558 0 12  DA  E C5    1 ? 2 
ATOM   462 C  C6    . DA  D 2 5 ? -2.841  -5.213  -3.698  1.000 26.336 0 12  DA  E C6    1 ? 2 
ATOM   463 N  N6    . DA  D 2 5 ? -2.474  -6.473  -3.832  1.000 26.084 0 12  DA  E N6    1 ? 2 
ATOM   464 N  N1    . DA  D 2 5 ? -2.377  -4.513  -2.646  1.000 31.310 0 12  DA  E N1    1 ? 2 
ATOM   465 C  C2    . DA  D 2 5 ? -2.736  -3.226  -2.492  1.000 31.031 0 12  DA  E C2    1 ? 2 
ATOM   466 N  N3    . DA  D 2 5 ? -3.543  -2.500  -3.264  1.000 34.133 0 12  DA  E N3    1 ? 2 
ATOM   467 C  C4    . DA  D 2 5 ? -3.993  -3.212  -4.315  1.000 31.861 0 12  DA  E C4    1 ? 2 
ATOM   468 P  P     . DC  D 2 6 ? -5.243  2.459   -6.871  1.000 40.258 0 13  DC  E P     1 ? 2 
ATOM   469 O  OP1   . DC  D 2 6 ? -5.625  3.797   -6.324  1.000 37.531 0 13  DC  E OP1   1 ? 2 
ATOM   470 O  OP2   . DC  D 2 6 ? -5.243  2.253   -8.352  1.000 40.021 0 13  DC  E OP2   1 ? 2 
ATOM   471 O  "O5'" . DC  D 2 6 ? -3.728  2.243   -6.384  1.000 38.356 0 13  DC  E "O5'" 1 ? 2 
ATOM   472 C  "C5'" . DC  D 2 6 ? -3.411  1.404   -5.255  1.000 48.230 0 13  DC  E "C5'" 1 ? 2 
ATOM   473 C  "C4'" . DC  D 2 6 ? -2.078  0.740   -5.495  1.000 54.670 0 13  DC  E "C4'" 1 ? 2 
ATOM   474 O  "O4'" . DC  D 2 6 ? -2.136  -0.709  -5.423  1.000 63.194 0 13  DC  E "O4'" 1 ? 2 
ATOM   475 C  "C3'" . DC  D 2 6 ? -1.471  0.998   -6.850  1.000 59.310 0 13  DC  E "C3'" 1 ? 2 
ATOM   476 O  "O3'" . DC  D 2 6 ? -0.810  2.256   -6.706  1.000 61.380 0 13  DC  E "O3'" 1 ? 2 
ATOM   477 C  "C2'" . DC  D 2 6 ? -0.575  -0.223  -7.063  1.000 61.726 0 13  DC  E "C2'" 1 ? 2 
ATOM   478 C  "C1'" . DC  D 2 6 ? -0.922  -1.189  -5.945  1.000 44.487 0 13  DC  E "C1'" 1 ? 2 
ATOM   479 N  N1    . DC  D 2 6 ? -1.079  -2.592  -6.377  1.000 45.089 0 13  DC  E N1    1 ? 2 
ATOM   480 C  C2    . DC  D 2 6 ? -0.427  -3.589  -5.648  1.000 42.352 0 13  DC  E C2    1 ? 2 
ATOM   481 O  O2    . DC  D 2 6 ? 0.228   -3.272  -4.642  1.000 44.529 0 13  DC  E O2    1 ? 2 
ATOM   482 N  N3    . DC  D 2 6 ? -0.528  -4.879  -6.040  1.000 42.633 0 13  DC  E N3    1 ? 2 
ATOM   483 C  C4    . DC  D 2 6 ? -1.233  -5.194  -7.136  1.000 43.562 0 13  DC  E C4    1 ? 2 
ATOM   484 N  N4    . DC  D 2 6 ? -1.267  -6.489  -7.441  1.000 37.099 0 13  DC  E N4    1 ? 2 
ATOM   485 C  C5    . DC  D 2 6 ? -1.890  -4.189  -7.930  1.000 41.522 0 13  DC  E C5    1 ? 2 
ATOM   486 C  C6    . DC  D 2 6 ? -1.782  -2.913  -7.512  1.000 50.153 0 13  DC  E C6    1 ? 2 
HETATM 487 O  OAB   . JY9 E 3 . ? -5.126  6.858   2.873   1.000 32.456 0 101 JY9 A OAB   1 ? 1 
HETATM 488 P  PAA   . JY9 E 3 . ? -4.232  6.332   3.999   1.000 37.884 0 101 JY9 A PAA   1 ? 1 
HETATM 489 O  OAC   . JY9 E 3 . ? -4.617  6.358   5.424   1.000 40.426 0 101 JY9 A OAC   1 ? 1 
HETATM 490 O  OBE   . JY9 E 3 . ? -3.881  4.764   3.653   1.000 32.687 0 101 JY9 A OBE   1 ? 1 
HETATM 491 C  CBD   . JY9 E 3 . ? -4.041  3.713   4.591   1.000 31.878 0 101 JY9 A CBD   1 ? 1 
HETATM 492 C  CBG   . JY9 E 3 . ? -3.393  2.450   3.920   1.000 32.630 0 101 JY9 A CBG   1 ? 1 
HETATM 493 C  CBH   . JY9 E 3 . ? -1.834  2.400   4.100   1.000 28.743 0 101 JY9 A CBH   1 ? 1 
HETATM 494 C  CBI   . JY9 E 3 . ? -1.382  2.519   5.587   1.000 25.630 0 101 JY9 A CBI   1 ? 1 
HETATM 495 C  CBB   . JY9 E 3 . ? -0.016  2.106   5.748   1.000 26.848 0 101 JY9 A CBB   1 ? 1 
HETATM 496 C  CBA   . JY9 E 3 . ? 0.573   1.048   5.025   1.000 28.455 0 101 JY9 A CBA   1 ? 1 
HETATM 497 C  CAW   . JY9 E 3 . ? 0.770   2.750   6.671   1.000 25.782 0 101 JY9 A CAW   1 ? 1 
HETATM 498 C  CAT   . JY9 E 3 . ? 0.239   3.796   7.467   1.000 25.178 0 101 JY9 A CAT   1 ? 1 
HETATM 499 C  CAS   . JY9 E 3 . ? 1.049   4.456   8.401   1.000 25.881 0 101 JY9 A CAS   1 ? 1 
HETATM 500 C  CAR   . JY9 E 3 . ? 2.386   4.096   8.585   1.000 25.234 0 101 JY9 A CAR   1 ? 1 
HETATM 501 C  CAQ   . JY9 E 3 . ? 2.903   3.027   7.840   1.000 26.578 0 101 JY9 A CAQ   1 ? 1 
HETATM 502 C  CAU   . JY9 E 3 . ? 4.238   2.641   8.039   1.000 23.697 0 101 JY9 A CAU   1 ? 1 
HETATM 503 N  NAV   . JY9 E 3 . ? 5.102   3.386   7.194   1.000 20.996 0 101 JY9 A NAV   1 ? 1 
HETATM 504 C  CAX   . JY9 E 3 . ? 2.097   2.366   6.859   1.000 25.644 0 101 JY9 A CAX   1 ? 1 
HETATM 505 N  NAY   . JY9 E 3 . ? 2.623   1.400   6.112   1.000 25.960 0 101 JY9 A NAY   1 ? 1 
HETATM 506 C  CAZ   . JY9 E 3 . ? 1.928   0.711   5.215   1.000 28.050 0 101 JY9 A CAZ   1 ? 1 
HETATM 507 C  CAO   . JY9 E 3 . ? 2.575   -0.344  4.520   1.000 26.391 0 101 JY9 A CAO   1 ? 1 
HETATM 508 O  OAP   . JY9 E 3 . ? 1.947   -1.086  3.739   1.000 36.045 0 101 JY9 A OAP   1 ? 1 
HETATM 509 N  NAH   . JY9 E 3 . ? 3.877   -0.423  4.725   1.000 20.735 0 101 JY9 A NAH   1 ? 1 
HETATM 510 C  CAD   . JY9 E 3 . ? 4.667   -1.396  4.307   1.000 21.548 0 101 JY9 A CAD   1 ? 1 
HETATM 511 C  CAG   . JY9 E 3 . ? 4.311   -2.395  3.415   1.000 20.580 0 101 JY9 A CAG   1 ? 1 
HETATM 512 C  CAF   . JY9 E 3 . ? 5.239   -3.385  3.039   1.000 20.744 0 101 JY9 A CAF   1 ? 1 
HETATM 513 C  CAI   . JY9 E 3 . ? 5.948   -1.433  4.898   1.000 21.016 0 101 JY9 A CAI   1 ? 1 
HETATM 514 N  NAN   . JY9 E 3 . ? 6.234   -0.506  5.803   1.000 19.312 0 101 JY9 A NAN   1 ? 1 
HETATM 515 C  CAM   . JY9 E 3 . ? 7.521   -0.460  6.378   1.000 20.712 0 101 JY9 A CAM   1 ? 1 
HETATM 516 C  CAL   . JY9 E 3 . ? 8.474   -1.465  6.008   1.000 18.875 0 101 JY9 A CAL   1 ? 1 
HETATM 517 C  CAK   . JY9 E 3 . ? 8.161   -2.461  5.098   1.000 16.807 0 101 JY9 A CAK   1 ? 1 
HETATM 518 C  CAJ   . JY9 E 3 . ? 6.888   -2.462  4.550   1.000 20.315 0 101 JY9 A CAJ   1 ? 1 
HETATM 519 C  CAE   . JY9 E 3 . ? 6.518   -3.452  3.595   1.000 20.581 0 101 JY9 A CAE   1 ? 1 
HETATM 520 C  CBF   . JY9 E 3 . ? 7.310   -4.554  3.207   1.000 18.195 0 101 JY9 A CBF   1 ? 1 
HETATM 521 C  CBJ   . JY9 E 3 . ? 8.279   -4.288  2.118   1.000 20.913 0 101 JY9 A CBJ   1 ? 1 
HETATM 522 C  CBK   . JY9 E 3 . ? 8.749   -5.641  1.550   1.000 23.952 0 101 JY9 A CBK   1 ? 1 
HETATM 523 O  OBC   . JY9 E 3 . ? 9.748   -5.393  0.481   1.000 26.516 0 101 JY9 A OBC   1 ? 1 
HETATM 524 MG MG    . MG  F 4 . ? -1.612  -9.664  4.847   1.000 38.273 2 101 MG  D MG    1 ? ? 
HETATM 525 O  OAB   . JY9 G 3 . ? -18.427 -8.854  -3.650  1.000 47.584 0 102 JY9 D OAB   1 ? 2 
HETATM 526 P  PAA   . JY9 G 3 . ? -18.877 -8.475  -2.251  1.000 48.161 0 102 JY9 D PAA   1 ? 2 
HETATM 527 O  OAC   . JY9 G 3 . ? -20.129 -7.693  -1.915  1.000 41.980 0 102 JY9 D OAC   1 ? 2 
HETATM 528 O  OBE   . JY9 G 3 . ? -18.636 -9.625  -1.212  1.000 48.188 0 102 JY9 D OBE   1 ? 2 
HETATM 529 C  CBD   . JY9 G 3 . ? -17.890 -10.764 -1.529  1.000 48.903 0 102 JY9 D CBD   1 ? 2 
HETATM 530 C  CBG   . JY9 G 3 . ? -18.111 -11.791 -0.394  1.000 48.153 0 102 JY9 D CBG   1 ? 2 
HETATM 531 C  CBH   . JY9 G 3 . ? -16.947 -11.552 0.545   1.000 47.461 0 102 JY9 D CBH   1 ? 2 
HETATM 532 C  CBI   . JY9 G 3 . ? -17.198 -12.522 1.693   1.000 56.365 0 102 JY9 D CBI   1 ? 2 
HETATM 533 C  CBB   . JY9 G 3 . ? -16.507 -12.185 2.884   1.000 45.934 0 102 JY9 D CBB   1 ? 2 
HETATM 534 C  CBA   . JY9 G 3 . ? -15.677 -13.094 3.493   1.000 45.575 0 102 JY9 D CBA   1 ? 2 
HETATM 535 C  CAW   . JY9 G 3 . ? -16.703 -10.947 3.448   1.000 43.500 0 102 JY9 D CAW   1 ? 2 
HETATM 536 C  CAT   . JY9 G 3 . ? -17.549 -9.991  2.858   1.000 45.431 0 102 JY9 D CAT   1 ? 2 
HETATM 537 C  CAS   . JY9 G 3 . ? -17.696 -8.751  3.469   1.000 45.768 0 102 JY9 D CAS   1 ? 2 
HETATM 538 C  CAR   . JY9 G 3 . ? -17.050 -8.467  4.650   1.000 45.959 0 102 JY9 D CAR   1 ? 2 
HETATM 539 C  CAQ   . JY9 G 3 . ? -16.240 -9.415  5.237   1.000 43.929 0 102 JY9 D CAQ   1 ? 2 
HETATM 540 C  CAU   . JY9 G 3 . ? -15.566 -9.163  6.405   1.000 42.284 0 102 JY9 D CAU   1 ? 2 
HETATM 541 N  NAV   . JY9 G 3 . ? -16.188 -8.167  7.266   1.000 61.705 0 102 JY9 D NAV   1 ? 2 
HETATM 542 C  CAX   . JY9 G 3 . ? -16.075 -10.634 4.609   1.000 40.937 0 102 JY9 D CAX   1 ? 2 
HETATM 543 N  NAY   . JY9 G 3 . ? -15.305 -11.505 5.172   1.000 46.692 0 102 JY9 D NAY   1 ? 2 
HETATM 544 C  CAZ   . JY9 G 3 . ? -15.065 -12.718 4.676   1.000 53.551 0 102 JY9 D CAZ   1 ? 2 
HETATM 545 C  CAO   . JY9 G 3 . ? -14.207 -13.524 5.498   1.000 49.365 0 102 JY9 D CAO   1 ? 2 
HETATM 546 O  OAP   . JY9 G 3 . ? -14.089 -14.745 5.420   1.000 40.645 0 102 JY9 D OAP   1 ? 2 
HETATM 547 N  NAH   . JY9 G 3 . ? -13.730 -12.784 6.518   1.000 43.977 0 102 JY9 D NAH   1 ? 2 
HETATM 548 C  CAD   . JY9 G 3 . ? -12.920 -13.269 7.401   1.000 42.043 0 102 JY9 D CAD   1 ? 2 
HETATM 549 C  CAG   . JY9 G 3 . ? -12.416 -14.564 7.405   1.000 46.653 0 102 JY9 D CAG   1 ? 2 
HETATM 550 C  CAF   . JY9 G 3 . ? -11.544 -14.957 8.432   1.000 43.253 0 102 JY9 D CAF   1 ? 2 
HETATM 551 C  CAI   . JY9 G 3 . ? -12.583 -12.356 8.355   1.000 41.037 0 102 JY9 D CAI   1 ? 2 
HETATM 552 N  NAN   . JY9 G 3 . ? -13.141 -11.108 8.227   1.000 42.641 0 102 JY9 D NAN   1 ? 2 
HETATM 553 C  CAM   . JY9 G 3 . ? -12.788 -10.079 9.192   1.000 57.572 0 102 JY9 D CAM   1 ? 2 
HETATM 554 C  CAL   . JY9 G 3 . ? -11.893 -10.446 10.250  1.000 56.334 0 102 JY9 D CAL   1 ? 2 
HETATM 555 C  CAK   . JY9 G 3 . ? -11.382 -11.781 10.333  1.000 45.716 0 102 JY9 D CAK   1 ? 2 
HETATM 556 C  CAJ   . JY9 G 3 . ? -11.709 -12.756 9.371   1.000 38.555 0 102 JY9 D CAJ   1 ? 2 
HETATM 557 C  CAE   . JY9 G 3 . ? -11.206 -14.066 9.386   1.000 40.632 0 102 JY9 D CAE   1 ? 2 
HETATM 558 C  CBF   . JY9 G 3 . ? -10.317 -14.547 10.336  1.000 51.765 0 102 JY9 D CBF   1 ? 2 
HETATM 559 C  CBJ   . JY9 G 3 . ? -10.472 -16.017 10.732  1.000 47.111 0 102 JY9 D CBJ   1 ? 2 
HETATM 560 C  CBK   . JY9 G 3 . ? -9.093  -16.653 10.502  1.000 50.727 0 102 JY9 D CBK   1 ? 2 
HETATM 561 O  OBC   . JY9 G 3 . ? -9.222  -17.925 9.842   1.000 46.099 0 102 JY9 D OBC   1 ? 2 
HETATM 562 MG MG    . MG  H 4 . ? 10.542  0.321   -2.989  1.000 28.090 2 101 MG  B MG    1 ? ? 
HETATM 563 MG MG    . MG  I 4 . ? 1.065   5.279   -2.070  1.000 38.197 2 102 MG  B MG    1 ? ? 
HETATM 564 MG MG    . MG  J 4 . ? -11.308 -4.965  -2.202  1.000 58.567 2 101 MG  E MG    1 ? ? 
HETATM 565 O  O     . HOH K 5 . ? 17.381  5.564   -5.254  1.000 28.624 0 201 HOH A O     1 ? ? 
HETATM 566 O  O     B HOH K 5 . ? 15.216  7.822   6.853   0.520 7.742  0 202 HOH A O     1 ? ? 
HETATM 567 O  O     . HOH K 5 . ? 1.783   6.777   0.407   1.000 52.355 0 203 HOH A O     1 ? ? 
HETATM 568 O  O     . HOH K 5 . ? -5.087  8.787   6.166   0.500 44.864 0 204 HOH A O     1 ? ? 
HETATM 569 O  O     . HOH K 5 . ? -0.787  4.299   0.842   1.000 41.832 0 205 HOH A O     1 ? ? 
HETATM 570 O  O     . HOH K 5 . ? 15.186  5.812   2.118   1.000 46.705 0 206 HOH A O     1 ? ? 
HETATM 571 O  O     . HOH K 5 . ? 9.808   12.875  0.753   1.000 25.284 0 207 HOH A O     1 ? ? 
HETATM 572 O  O     . HOH K 5 . ? -3.128  12.220  5.610   1.000 38.358 0 208 HOH A O     1 ? ? 
HETATM 573 O  O     . HOH K 5 . ? 11.729  12.334  8.344   1.000 45.767 0 209 HOH A O     1 ? ? 
HETATM 574 O  O     A HOH K 5 . ? 10.363  11.677  -9.818  0.810 28.501 0 210 HOH A O     1 ? ? 
HETATM 575 O  O     . HOH K 5 . ? 11.278  8.105   6.098   1.000 25.127 0 211 HOH A O     1 ? ? 
HETATM 576 O  O     . HOH K 5 . ? 8.680   10.160  9.994   1.000 31.376 0 212 HOH A O     1 ? ? 
HETATM 577 O  O     . HOH K 5 . ? -5.354  6.964   8.009   1.000 49.438 0 213 HOH A O     1 ? ? 
HETATM 578 O  O     . HOH K 5 . ? 4.590   6.191   7.350   1.000 23.092 0 214 HOH A O     1 ? ? 
HETATM 579 O  O     . HOH K 5 . ? 19.610  12.725  -9.564  1.000 43.777 0 215 HOH A O     1 ? ? 
HETATM 580 O  O     . HOH K 5 . ? 10.057  7.022   -7.335  1.000 30.001 0 216 HOH A O     1 ? ? 
HETATM 581 O  O     . HOH K 5 . ? 14.865  14.142  7.887   1.000 37.526 0 217 HOH A O     1 ? ? 
HETATM 582 O  O     . HOH K 5 . ? 11.109  4.547   -4.028  1.000 34.922 0 218 HOH A O     1 ? ? 
HETATM 583 O  O     . HOH K 5 . ? 5.310   11.518  0.900   1.000 20.579 0 219 HOH A O     1 ? ? 
HETATM 584 O  O     . HOH K 5 . ? 5.457   15.899  6.327   1.000 44.032 0 220 HOH A O     1 ? ? 
HETATM 585 O  O     . HOH K 5 . ? -1.955  14.239  6.498   1.000 46.078 0 221 HOH A O     1 ? ? 
HETATM 586 O  O     . HOH K 5 . ? 13.538  10.118  9.033   1.000 31.116 0 222 HOH A O     1 ? ? 
HETATM 587 O  O     . HOH K 5 . ? 19.916  5.247   -0.523  1.000 48.485 0 223 HOH A O     1 ? ? 
HETATM 588 O  O     . HOH K 5 . ? 11.438  9.143   -10.059 1.000 36.340 0 224 HOH A O     1 ? ? 
HETATM 589 O  O     . HOH K 5 . ? 17.509  12.807  -3.509  1.000 41.542 0 225 HOH A O     1 ? ? 
HETATM 590 O  O     . HOH K 5 . ? 15.116  13.721  2.657   1.000 46.902 0 226 HOH A O     1 ? ? 
HETATM 591 O  O     . HOH K 5 . ? 19.337  13.221  -7.026  1.000 41.374 0 227 HOH A O     1 ? ? 
HETATM 592 O  O     . HOH K 5 . ? 19.505  4.334   -8.269  1.000 58.578 0 228 HOH A O     1 ? ? 
HETATM 593 O  O     . HOH K 5 . ? 2.717   10.759  0.808   1.000 26.520 0 229 HOH A O     1 ? ? 
HETATM 594 O  O     . HOH K 5 . ? 21.994  10.738  -6.368  1.000 36.193 0 230 HOH A O     1 ? ? 
HETATM 595 O  O     B HOH K 5 . ? 14.947  13.234  -0.429  1.000 23.720 0 231 HOH A O     1 ? ? 
HETATM 596 O  O     . HOH K 5 . ? -4.452  7.584   -0.339  1.000 49.153 0 232 HOH A O     1 ? ? 
HETATM 597 O  O     B HOH K 5 . ? -0.515  0.693   -0.774  0.810 20.848 0 233 HOH A O     1 ? ? 
HETATM 598 O  O     . HOH K 5 . ? 10.481  -2.132  -0.547  1.000 52.592 0 234 HOH A O     1 ? ? 
HETATM 599 O  O     . HOH K 5 . ? 17.626  3.741   -1.429  1.000 44.616 0 235 HOH A O     1 ? ? 
HETATM 600 O  O     . HOH K 5 . ? 10.591  9.420   8.317   1.000 22.702 0 236 HOH A O     1 ? ? 
HETATM 601 O  O     . HOH K 5 . ? 14.997  6.148   4.843   1.000 54.901 0 237 HOH A O     1 ? ? 
HETATM 602 O  O     . HOH K 5 . ? -0.202  2.698   -1.965  1.000 43.163 0 238 HOH A O     1 ? ? 
HETATM 603 O  O     . HOH K 5 . ? 12.823  -3.241  1.217   1.000 55.798 0 239 HOH A O     1 ? ? 
HETATM 604 O  O     . HOH K 5 . ? -6.168  2.498   1.387   1.000 55.270 0 240 HOH A O     1 ? ? 
HETATM 605 O  O     A HOH K 5 . ? 16.874  13.148  -1.071  0.920 41.098 0 241 HOH A O     1 ? ? 
HETATM 606 O  O     . HOH K 5 . ? 13.199  -7.027  1.521   1.000 54.177 0 242 HOH A O     1 ? ? 
HETATM 607 O  O     . HOH K 5 . ? -1.092  5.945   -0.664  1.000 50.588 0 243 HOH A O     1 ? ? 
HETATM 608 O  O     . HOH K 5 . ? 10.446  15.047  2.627   1.000 62.585 0 244 HOH A O     1 ? ? 
HETATM 609 O  O     . HOH K 5 . ? -1.616  7.037   8.206   1.000 27.028 0 245 HOH A O     1 ? ? 
HETATM 610 O  O     B HOH K 5 . ? 9.391   9.996   -10.493 0.660 42.644 0 246 HOH A O     1 ? ? 
HETATM 611 O  O     . HOH K 5 . ? 3.596   15.087  3.179   1.000 49.934 0 247 HOH A O     1 ? ? 
HETATM 612 O  O     . HOH K 5 . ? -2.582  2.087   -0.097  1.000 42.267 0 248 HOH A O     1 ? ? 
HETATM 613 O  O     . HOH K 5 . ? 11.017  -1.000  1.508   1.000 70.764 0 249 HOH A O     1 ? ? 
HETATM 614 O  O     . HOH L 5 . ? -13.448 3.451   3.578   1.000 54.202 0 201 HOH D O     1 ? ? 
HETATM 615 O  O     . HOH L 5 . ? -10.287 -2.909  -0.566  1.000 52.437 0 202 HOH D O     1 ? ? 
HETATM 616 O  O     . HOH L 5 . ? -12.165 -5.478  -0.381  1.000 31.985 0 203 HOH D O     1 ? ? 
HETATM 617 O  O     B HOH L 5 . ? -18.268 -6.820  7.675   0.640 24.309 0 204 HOH D O     1 ? ? 
HETATM 618 O  O     . HOH L 5 . ? -0.723  -4.048  10.162  1.000 27.244 0 205 HOH D O     1 ? ? 
HETATM 619 O  O     . HOH L 5 . ? -18.637 -5.132  3.649   1.000 49.362 0 206 HOH D O     1 ? ? 
HETATM 620 O  O     . HOH L 5 . ? 2.226   -9.516  7.030   1.000 24.337 0 207 HOH D O     1 ? ? 
HETATM 621 O  O     . HOH L 5 . ? -11.682 3.025   5.778   1.000 48.884 0 208 HOH D O     1 ? ? 
HETATM 622 O  O     . HOH L 5 . ? -0.035  -8.553  6.164   1.000 23.983 0 209 HOH D O     1 ? ? 
HETATM 623 O  O     . HOH L 5 . ? -4.445  -0.394  0.963   1.000 31.132 0 210 HOH D O     1 ? ? 
HETATM 624 O  O     . HOH L 5 . ? -8.240  -1.637  -0.688  1.000 38.769 0 211 HOH D O     1 ? ? 
HETATM 625 O  O     . HOH L 5 . ? -13.027 -6.520  7.051   1.000 50.056 0 212 HOH D O     1 ? ? 
HETATM 626 O  O     . HOH L 5 . ? -19.181 -6.671  -5.048  1.000 46.992 0 213 HOH D O     1 ? ? 
HETATM 627 O  O     . HOH L 5 . ? -5.106  -4.269  8.023   1.000 59.765 0 214 HOH D O     1 ? ? 
HETATM 628 O  O     . HOH L 5 . ? 7.466   -8.750  7.337   1.000 27.001 0 215 HOH D O     1 ? ? 
HETATM 629 O  O     B HOH L 5 . ? -0.015  -0.743  0.098   0.930 23.390 0 216 HOH D O     1 ? ? 
HETATM 630 O  O     . HOH L 5 . ? 2.143   -10.477 2.902   1.000 51.506 0 217 HOH D O     1 ? ? 
HETATM 631 O  O     . HOH L 5 . ? -7.579  -3.776  7.900   1.000 47.835 0 218 HOH D O     1 ? ? 
HETATM 632 O  O     . HOH L 5 . ? -11.845 -2.165  6.664   1.000 55.823 0 219 HOH D O     1 ? ? 
HETATM 633 O  O     . HOH L 5 . ? -3.017  -6.191  8.452   1.000 37.278 0 220 HOH D O     1 ? ? 
HETATM 634 O  O     A HOH L 5 . ? -17.311 -5.759  5.888   0.740 41.363 0 221 HOH D O     1 ? ? 
HETATM 635 O  O     . HOH L 5 . ? -13.600 -10.656 -1.124  1.000 37.746 0 222 HOH D O     1 ? ? 
HETATM 636 O  O     . HOH L 5 . ? 5.256   -12.157 5.960   1.000 34.564 0 223 HOH D O     1 ? ? 
HETATM 637 O  O     . HOH L 5 . ? -3.676  2.411   9.152   1.000 36.262 0 224 HOH D O     1 ? ? 
HETATM 638 O  O     A HOH L 5 . ? -1.725  -0.445  1.238   1.000 25.817 0 225 HOH D O     1 ? ? 
HETATM 639 O  O     B HOH L 5 . ? -14.066 -14.317 1.159   0.970 51.248 0 226 HOH D O     1 ? ? 
HETATM 640 O  O     . HOH L 5 . ? 8.210   -12.075 1.257   1.000 50.098 0 227 HOH D O     1 ? ? 
HETATM 641 O  O     . HOH L 5 . ? -2.088  -10.343 1.257   1.000 35.931 0 228 HOH D O     1 ? ? 
HETATM 642 O  O     . HOH L 5 . ? -15.474 -7.944  -5.253  1.000 58.255 0 229 HOH D O     1 ? ? 
HETATM 643 O  O     . HOH L 5 . ? -2.860  -8.424  5.708   1.000 38.088 0 230 HOH D O     1 ? ? 
HETATM 644 O  O     . HOH L 5 . ? -7.894  3.274   3.226   1.000 39.409 0 231 HOH D O     1 ? ? 
HETATM 645 O  O     . HOH L 5 . ? -5.093  -7.854  5.937   1.000 28.198 0 232 HOH D O     1 ? ? 
HETATM 646 O  O     . HOH L 5 . ? -23.677 -6.401  -1.078  1.000 60.015 0 233 HOH D O     1 ? ? 
HETATM 647 O  O     . HOH L 5 . ? -16.932 -16.919 3.864   1.000 46.585 0 234 HOH D O     1 ? ? 
HETATM 648 O  O     . HOH L 5 . ? 6.018   -13.230 3.618   1.000 70.943 0 235 HOH D O     1 ? ? 
HETATM 649 O  O     A HOH L 5 . ? -14.294 -13.244 -1.226  0.900 37.497 0 236 HOH D O     1 ? ? 
HETATM 650 O  O     . HOH L 5 . ? -0.472  -11.543 -1.192  1.000 41.607 0 237 HOH D O     1 ? ? 
HETATM 651 O  O     . HOH L 5 . ? -8.902  -14.944 13.223  1.000 46.164 0 238 HOH D O     1 ? ? 
HETATM 652 O  O     . HOH L 5 . ? -10.450 -0.273  -1.413  1.000 66.157 0 239 HOH D O     1 ? ? 
HETATM 653 O  O     . HOH L 5 . ? -16.346 -0.893  6.430   1.000 45.110 0 240 HOH D O     1 ? ? 
HETATM 654 O  O     . HOH L 5 . ? -0.288  -9.433  3.429   1.000 32.634 0 241 HOH D O     1 ? ? 
HETATM 655 O  O     . HOH L 5 . ? 10.944  -12.419 0.198   1.000 46.294 0 242 HOH D O     1 ? ? 
HETATM 656 O  O     . HOH L 5 . ? 0.519   -11.299 1.642   1.000 42.435 0 243 HOH D O     1 ? ? 
HETATM 657 O  O     . HOH M 5 . ? 2.541   7.903   -1.562  1.000 58.318 0 201 HOH B O     1 ? ? 
HETATM 658 O  O     . HOH M 5 . ? 7.068   18.049  2.893   1.000 36.037 0 202 HOH B O     1 ? ? 
HETATM 659 O  O     . HOH M 5 . ? -2.256  9.576   -5.318  1.000 51.245 0 203 HOH B O     1 ? ? 
HETATM 660 O  O     . HOH M 5 . ? -0.638  10.205  -9.374  1.000 44.848 0 204 HOH B O     1 ? ? 
HETATM 661 O  O     . HOH M 5 . ? 6.274   -2.325  -8.832  1.000 33.588 0 205 HOH B O     1 ? ? 
HETATM 662 O  O     . HOH M 5 . ? 5.614   4.311   -8.234  1.000 61.076 0 206 HOH B O     1 ? ? 
HETATM 663 O  O     . HOH M 5 . ? 10.015  -9.084  -2.630  1.000 23.106 0 207 HOH B O     1 ? ? 
HETATM 664 O  O     . HOH M 5 . ? -1.293  4.891   -9.198  1.000 56.233 0 208 HOH B O     1 ? ? 
HETATM 665 O  O     A HOH M 5 . ? 0.769   0.427   -2.116  0.810 18.800 0 209 HOH B O     1 ? ? 
HETATM 666 O  O     . HOH M 5 . ? 7.388   8.054   -6.867  1.000 38.414 0 210 HOH B O     1 ? ? 
HETATM 667 O  O     . HOH M 5 . ? 3.565   12.302  -7.256  1.000 49.370 0 211 HOH B O     1 ? ? 
HETATM 668 O  O     . HOH M 5 . ? 9.710   -1.369  -4.045  1.000 16.742 0 212 HOH B O     1 ? ? 
HETATM 669 O  O     . HOH M 5 . ? 7.912   0.576   -6.884  1.000 28.428 0 213 HOH B O     1 ? ? 
HETATM 670 O  O     . HOH M 5 . ? 14.404  18.537  -1.930  1.000 51.827 0 214 HOH B O     1 ? ? 
HETATM 671 O  O     . HOH M 5 . ? 1.577   14.561  -6.177  1.000 40.725 0 215 HOH B O     1 ? ? 
HETATM 672 O  O     . HOH M 5 . ? 8.072   3.118   -5.355  1.000 35.826 0 216 HOH B O     1 ? ? 
HETATM 673 O  O     B HOH M 5 . ? 7.362   10.967  -7.854  0.820 37.699 0 217 HOH B O     1 ? ? 
HETATM 674 O  O     . HOH M 5 . ? 12.243  20.373  2.305   1.000 39.391 0 218 HOH B O     1 ? ? 
HETATM 675 O  O     . HOH M 5 . ? 9.074   1.490   -3.736  1.000 35.502 0 219 HOH B O     1 ? ? 
HETATM 676 O  O     . HOH M 5 . ? 13.771  17.471  1.046   1.000 66.991 0 220 HOH B O     1 ? ? 
HETATM 677 O  O     . HOH M 5 . ? 2.663   0.531   -10.041 0.650 43.325 0 221 HOH B O     1 ? ? 
HETATM 678 O  O     . HOH M 5 . ? 10.049  1.895   0.802   1.000 38.918 0 222 HOH B O     1 ? ? 
HETATM 679 O  O     . HOH M 5 . ? 7.105   13.247  1.948   1.000 26.344 0 223 HOH B O     1 ? ? 
HETATM 680 O  O     . HOH M 5 . ? -0.296  7.725   -2.846  1.000 34.002 0 224 HOH B O     1 ? ? 
HETATM 681 O  O     . HOH M 5 . ? -0.514  18.563  -1.307  1.000 59.578 0 225 HOH B O     1 ? ? 
HETATM 682 O  O     . HOH M 5 . ? 2.732   19.936  -2.531  1.000 41.797 0 226 HOH B O     1 ? ? 
HETATM 683 O  O     . HOH M 5 . ? 9.467   0.297   -1.650  1.000 30.184 0 227 HOH B O     1 ? ? 
HETATM 684 O  O     . HOH M 5 . ? 1.446   13.167  1.327   1.000 52.053 0 228 HOH B O     1 ? ? 
HETATM 685 O  O     A HOH M 5 . ? 12.934  14.336  -0.186  0.970 36.971 0 229 HOH B O     1 ? ? 
HETATM 686 O  O     . HOH M 5 . ? -0.009  0.330   -10.440 1.000 33.212 0 230 HOH B O     1 ? ? 
HETATM 687 O  O     . HOH M 5 . ? 10.354  1.393   3.569   1.000 54.733 0 231 HOH B O     1 ? ? 
HETATM 688 O  O     . HOH M 5 . ? 1.987   18.906  0.396   1.000 48.896 0 232 HOH B O     1 ? ? 
HETATM 689 O  O     . HOH M 5 . ? -1.907  13.102  -2.954  1.000 72.400 0 233 HOH B O     1 ? ? 
HETATM 690 O  O     . HOH M 5 . ? -1.663  5.694   -3.959  1.000 46.143 0 234 HOH B O     1 ? ? 
HETATM 691 O  O     . HOH M 5 . ? -0.167  8.980   -0.665  1.000 45.663 0 235 HOH B O     1 ? ? 
HETATM 692 O  O     . HOH M 5 . ? 6.460   15.477  3.717   1.000 48.969 0 236 HOH B O     1 ? ? 
HETATM 693 O  O     . HOH M 5 . ? 9.361   20.733  3.606   1.000 46.944 0 237 HOH B O     1 ? ? 
HETATM 694 O  O     . HOH M 5 . ? 3.929   7.255   -9.650  1.000 61.688 0 238 HOH B O     1 ? ? 
HETATM 695 O  O     . HOH M 5 . ? 11.390  2.369   -2.427  1.000 26.989 0 239 HOH B O     1 ? ? 
HETATM 696 O  O     . HOH M 5 . ? 2.478   17.598  2.545   1.000 42.394 0 240 HOH B O     1 ? ? 
HETATM 697 O  O     B HOH M 5 . ? 13.037  15.041  1.981   0.570 34.131 0 241 HOH B O     1 ? ? 
HETATM 698 O  O     . HOH M 5 . ? 4.471   20.506  5.416   1.000 45.778 0 242 HOH B O     1 ? ? 
HETATM 699 O  O     . HOH M 5 . ? -2.042  11.092  -0.341  1.000 36.366 0 243 HOH B O     1 ? ? 
HETATM 700 O  O     . HOH M 5 . ? 4.124   1.307   -14.248 1.000 68.581 0 244 HOH B O     1 ? ? 
HETATM 701 O  O     . HOH N 5 . ? -5.159  -12.842 -0.840  1.000 28.993 0 201 HOH E O     1 ? ? 
HETATM 702 O  O     . HOH N 5 . ? -10.990 0.140   -9.099  1.000 28.457 0 202 HOH E O     1 ? ? 
HETATM 703 O  O     . HOH N 5 . ? -7.908  -2.445  -2.945  1.000 45.826 0 203 HOH E O     1 ? ? 
HETATM 704 O  O     . HOH N 5 . ? -13.784 -7.973  -9.442  1.000 67.965 0 204 HOH E O     1 ? ? 
HETATM 705 O  O     . HOH N 5 . ? -6.017  -20.398 0.944   1.000 59.336 0 205 HOH E O     1 ? ? 
HETATM 706 O  O     A HOH N 5 . ? -8.947  -9.026  8.205   0.480 6.994  0 206 HOH E O     1 ? ? 
HETATM 707 O  O     . HOH N 5 . ? -13.247 -10.002 -10.520 1.000 42.003 0 207 HOH E O     1 ? ? 
HETATM 708 O  O     . HOH N 5 . ? -7.505  4.065   -4.564  1.000 34.356 0 208 HOH E O     1 ? ? 
HETATM 709 O  O     . HOH N 5 . ? -9.104  -19.817 -1.343  1.000 35.162 0 209 HOH E O     1 ? ? 
HETATM 710 O  O     . HOH N 5 . ? -9.710  -16.282 -7.473  1.000 28.751 0 210 HOH E O     1 ? ? 
HETATM 711 O  O     . HOH N 5 . ? -8.110  -12.045 -9.658  1.000 19.497 0 211 HOH E O     1 ? ? 
HETATM 712 O  O     . HOH N 5 . ? -8.916  -6.276  -10.269 1.000 31.289 0 212 HOH E O     1 ? ? 
HETATM 713 O  O     . HOH N 5 . ? -11.303 -6.935  -9.851  1.000 43.707 0 213 HOH E O     1 ? ? 
HETATM 714 O  O     . HOH N 5 . ? -6.890  -9.125  -7.934  1.000 14.214 0 214 HOH E O     1 ? ? 
HETATM 715 O  O     . HOH N 5 . ? -4.754  3.878   -10.592 1.000 68.620 0 215 HOH E O     1 ? ? 
HETATM 716 O  O     . HOH N 5 . ? -5.921  -15.531 10.242  1.000 34.377 0 216 HOH E O     1 ? ? 
HETATM 717 O  O     . HOH N 5 . ? -12.887 -17.707 -4.136  1.000 28.254 0 217 HOH E O     1 ? ? 
HETATM 718 O  O     . HOH N 5 . ? -3.767  -11.849 1.846   1.000 20.514 0 218 HOH E O     1 ? ? 
HETATM 719 O  O     . HOH N 5 . ? -10.460 -2.192  -11.382 1.000 77.006 0 219 HOH E O     1 ? ? 
HETATM 720 O  O     . HOH N 5 . ? -4.620  -7.399  -7.288  1.000 20.436 0 220 HOH E O     1 ? ? 
HETATM 721 O  O     . HOH N 5 . ? -6.743  -13.435 -4.749  1.000 15.961 0 221 HOH E O     1 ? ? 
HETATM 722 O  O     . HOH N 5 . ? -5.747  -16.015 0.739   1.000 37.422 0 222 HOH E O     1 ? ? 
HETATM 723 O  O     . HOH N 5 . ? -3.294  0.498   -10.022 1.000 31.263 0 223 HOH E O     1 ? ? 
HETATM 724 O  O     . HOH N 5 . ? -5.941  -16.545 -1.960  1.000 35.157 0 224 HOH E O     1 ? ? 
HETATM 725 O  O     . HOH N 5 . ? -5.272  -0.238  -1.730  1.000 27.718 0 225 HOH E O     1 ? ? 
HETATM 726 O  O     . HOH N 5 . ? -12.281 -19.494 3.342   1.000 52.191 0 226 HOH E O     1 ? ? 
HETATM 727 O  O     . HOH N 5 . ? -12.777 -2.587  -5.732  1.000 42.800 0 227 HOH E O     1 ? ? 
HETATM 728 O  O     . HOH N 5 . ? -10.660 -3.373  -3.381  1.000 32.024 0 228 HOH E O     1 ? ? 
HETATM 729 O  O     . HOH N 5 . ? -13.143 -9.089  -2.934  1.000 37.724 0 229 HOH E O     1 ? ? 
HETATM 730 O  O     . HOH N 5 . ? -4.608  -18.966 -0.603  1.000 52.911 0 230 HOH E O     1 ? ? 
HETATM 731 O  O     . HOH N 5 . ? -11.205 -14.177 -8.019  1.000 61.335 0 231 HOH E O     1 ? ? 
HETATM 732 O  O     . HOH N 5 . ? -7.468  -13.890 -7.306  1.000 21.917 0 232 HOH E O     1 ? ? 
HETATM 733 O  O     . HOH N 5 . ? -12.081 -20.556 8.686   1.000 43.528 0 233 HOH E O     1 ? ? 
HETATM 734 O  O     . HOH N 5 . ? -11.936 -19.427 -2.406  1.000 30.524 0 234 HOH E O     1 ? ? 
HETATM 735 O  O     . HOH N 5 . ? -11.722 -17.702 -8.708  1.000 37.771 0 235 HOH E O     1 ? ? 
HETATM 736 O  O     . HOH N 5 . ? -3.216  -10.784 4.438   1.000 35.197 0 236 HOH E O     1 ? ? 
HETATM 737 O  O     . HOH N 5 . ? -8.007  1.544   -2.051  1.000 66.534 0 237 HOH E O     1 ? ? 
HETATM 738 O  O     . HOH N 5 . ? -12.537 -4.150  -12.075 1.000 49.203 0 238 HOH E O     1 ? ? 
HETATM 739 O  O     . HOH N 5 . ? -3.061  -14.210 0.946   0.930 35.232 0 239 HOH E O     1 ? ? 
# 
loop_
_atom_site_anisotrop.id 
_atom_site_anisotrop.type_symbol 
_atom_site_anisotrop.pdbx_label_atom_id 
_atom_site_anisotrop.pdbx_label_alt_id 
_atom_site_anisotrop.pdbx_label_comp_id 
_atom_site_anisotrop.pdbx_label_asym_id 
_atom_site_anisotrop.pdbx_label_seq_id 
_atom_site_anisotrop.pdbx_PDB_ins_code 
_atom_site_anisotrop.U[1][1] 
_atom_site_anisotrop.U[2][2] 
_atom_site_anisotrop.U[3][3] 
_atom_site_anisotrop.U[1][2] 
_atom_site_anisotrop.U[1][3] 
_atom_site_anisotrop.U[2][3] 
_atom_site_anisotrop.pdbx_auth_seq_id 
_atom_site_anisotrop.pdbx_auth_comp_id 
_atom_site_anisotrop.pdbx_auth_asym_id 
_atom_site_anisotrop.pdbx_auth_atom_id 
1   O "O5'" . DG  A 1 ? 0.40762428 0.32378918 0.38625005 0.02814721  0.02432281  0.01352401  1   DG  A "O5'" 
2   C "C5'" . DG  A 1 ? 0.45409747 0.37387283 0.42970725 0.02593285  0.01822943  0.00905019  1   DG  A "C5'" 
3   C "C4'" . DG  A 1 ? 0.45487442 0.38461976 0.44928455 0.02422850  0.01378473  0.00687149  1   DG  A "C4'" 
4   O "O4'" . DG  A 1 ? 0.40609697 0.34144511 0.40457565 0.02264973  0.00787316  0.00507792  1   DG  A "O4'" 
5   C "C3'" . DG  A 1 ? 0.42204598 0.35550254 0.41575545 0.02277900  0.00954484  0.00395689  1   DG  A "C3'" 
6   O "O3'" . DG  A 1 ? 0.52269070 0.46286937 0.53449763 0.02224109  0.00904018  0.00446027  1   DG  A "O3'" 
7   C "C2'" . DG  A 1 ? 0.42216673 0.35967168 0.40924141 0.02081700  0.00160009  0.00075658  1   DG  A "C2'" 
8   C "C1'" . DG  A 1 ? 0.39662044 0.33632753 0.39005542 0.02063709  0.00073013  0.00130991  1   DG  A "C1'" 
9   N N9    . DG  A 1 ? 0.38277306 0.32130877 0.36679033 0.02031942  -0.00255264 0.00143296  1   DG  A N9    
10  C C8    . DG  A 1 ? 0.35296228 0.28574636 0.32150296 0.02080079  -0.00277636 0.00296353  1   DG  A C8    
11  N N7    . DG  A 1 ? 0.36624752 0.30055391 0.33205147 0.02023595  -0.00694455 0.00392165  1   DG  A N7    
12  C C5    . DG  A 1 ? 0.33414854 0.27452939 0.31400933 0.01960452  -0.00818589 0.00250901  1   DG  A C5    
13  C C6    . DG  A 1 ? 0.34597065 0.28962840 0.33137536 0.01911763  -0.01085322 0.00299390  1   DG  A C6    
14  O O6    . DG  A 1 ? 0.34108257 0.28425934 0.32160941 0.01923809  -0.01359948 0.00584188  1   DG  A O6    
15  N N1    . DG  A 1 ? 0.31930186 0.26697291 0.31809756 0.01822759  -0.01010476 -0.00011954 1   DG  A N1    
16  C C2    . DG  A 1 ? 0.35257716 0.30196096 0.35847213 0.01749454  -0.00871752 -0.00298591 1   DG  A C2    
17  N N2    . DG  A 1 ? 0.33065601 0.28337534 0.34726899 0.01585758  -0.00936043 -0.00675445 1   DG  A N2    
18  N N3    . DG  A 1 ? 0.35558927 0.30330802 0.35847750 0.01810968  -0.00693573 -0.00222269 1   DG  A N3    
19  C C4    . DG  A 1 ? 0.34539298 0.28818784 0.33518554 0.01933048  -0.00603367 0.00038591  1   DG  A C4    
20  P P     . DT  A 2 ? 0.50912197 0.45698416 0.52712320 0.02068038  0.00341832  0.00293092  2   DT  A P     
21  O OP1   . DT  A 2 ? 0.49420345 0.44800733 0.53186390 0.02027970  0.00353186  0.00517539  2   DT  A OP1   
22  O OP2   . DT  A 2 ? 0.46807485 0.41167305 0.47497493 0.02140835  0.00497676  0.00279924  2   DT  A OP2   
23  O "O5'" . DT  A 2 ? 0.44886302 0.40264291 0.46352085 0.01830494  -0.00491510 -0.00124413 2   DT  A "O5'" 
24  C "C5'" . DT  A 2 ? 0.47402536 0.43168663 0.49844444 0.01682594  -0.00722942 -0.00285693 2   DT  A "C5'" 
25  C "C4'" . DT  A 2 ? 0.46600735 0.42820069 0.48624066 0.01469438  -0.01383264 -0.00717031 2   DT  A "C4'" 
26  O "O4'" . DT  A 2 ? 0.48498071 0.44300247 0.49500631 0.01532481  -0.01320773 -0.00768104 2   DT  A "O4'" 
27  C "C3'" . DT  A 2 ? 0.48329199 0.44945876 0.49846545 0.01417896  -0.01799221 -0.00790587 2   DT  A "C3'" 
28  O "O3'" . DT  A 2 ? 0.49454994 0.46644475 0.51241442 0.01181205  -0.02351990 -0.01147585 2   DT  A "O3'" 
29  C "C2'" . DT  A 2 ? 0.44330515 0.40540903 0.44528158 0.01499835  -0.01777079 -0.00838066 2   DT  A "C2'" 
30  C "C1'" . DT  A 2 ? 0.41641456 0.37636410 0.41817787 0.01468157  -0.01721545 -0.00960660 2   DT  A "C1'" 
31  N N1    . DT  A 2 ? 0.37233983 0.32756674 0.36439697 0.01558923  -0.01641904 -0.00835525 2   DT  A N1    
32  C C2    . DT  A 2 ? 0.35552483 0.31126743 0.34823928 0.01509330  -0.01777170 -0.00928020 2   DT  A C2    
33  O O2    . DT  A 2 ? 0.38939928 0.34806186 0.38902445 0.01395582  -0.01855561 -0.01195264 2   DT  A O2    
34  N N3    . DT  A 2 ? 0.28175040 0.23423243 0.26725047 0.01573297  -0.01820929 -0.00702530 2   DT  A N3    
35  C C4    . DT  A 2 ? 0.35168604 0.29968367 0.32715802 0.01629730  -0.01790210 -0.00511254 2   DT  A C4    
36  O O4    . DT  A 2 ? 0.31284545 0.25858647 0.28189779 0.01618816  -0.01995377 -0.00328169 2   DT  A O4    
37  C C5    . DT  A 2 ? 0.38076988 0.32683862 0.35462375 0.01677570  -0.01518212 -0.00534854 2   DT  A C5    
38  C C7    . DT  A 2 ? 0.38545046 0.32466657 0.34722433 0.01710588  -0.01358204 -0.00448570 2   DT  A C7    
39  C C6    . DT  A 2 ? 0.31878571 0.26897873 0.30220943 0.01664274  -0.01437419 -0.00635060 2   DT  A C6    
40  P P     . DT  A 3 ? 0.40257836 0.38098202 0.41886743 0.01083029  -0.02889464 -0.01163283 3   DT  A P     
41  O OP1   . DT  A 3 ? 0.43672638 0.42080217 0.46544581 0.00914627  -0.03214453 -0.01072724 3   DT  A OP1   
42  O OP2   . DT  A 3 ? 0.41631872 0.39387975 0.42537923 0.01267612  -0.02782531 -0.00900122 3   DT  A OP2   
43  O "O5'" . DT  A 3 ? 0.44720278 0.42599947 0.45617791 0.00907576  -0.03192236 -0.01683392 3   DT  A "O5'" 
44  C "C5'" . DT  A 3 ? 0.38290923 0.35992596 0.39635305 0.00733671  -0.03144663 -0.02070319 3   DT  A "C5'" 
45  C "C4'" . DT  A 3 ? 0.38590666 0.35957318 0.39135883 0.00746384  -0.03008707 -0.02366201 3   DT  A "C4'" 
46  O "O4'" . DT  A 3 ? 0.41691058 0.38645506 0.41910574 0.00985772  -0.02644033 -0.02033607 3   DT  A "O4'" 
47  C "C3'" . DT  A 3 ? 0.39330625 0.36893103 0.38884953 0.00703949  -0.03271553 -0.02570310 3   DT  A "C3'" 
48  O "O3'" . DT  A 3 ? 0.33578690 0.30978112 0.32949892 0.00488398  -0.03285718 -0.03144062 3   DT  A "O3'" 
49  C "C2'" . DT  A 3 ? 0.35706025 0.33007705 0.34696925 0.00954024  -0.03006544 -0.02255876 3   DT  A "C2'" 
50  C "C1'" . DT  A 3 ? 0.36904074 0.33788006 0.36361922 0.01038264  -0.02669891 -0.02105577 3   DT  A "C1'" 
51  N N1    . DT  A 3 ? 0.34628481 0.31264083 0.33691412 0.01222781  -0.02546343 -0.01714462 3   DT  A N1    
52  C C2    . DT  A 3 ? 0.32669213 0.29031548 0.31627938 0.01283835  -0.02427582 -0.01613620 3   DT  A C2    
53  O O2    . DT  A 3 ? 0.37616184 0.33921262 0.36913628 0.01239934  -0.02305177 -0.01787681 3   DT  A O2    
54  N N3    . DT  A 3 ? 0.32243356 0.28378622 0.30747314 0.01376473  -0.02461596 -0.01298529 3   DT  A N3    
55  C C4    . DT  A 3 ? 0.33240761 0.29261250 0.31328056 0.01419522  -0.02469860 -0.01158234 3   DT  A C4    
56  O O4    . DT  A 3 ? 0.36197148 0.31889083 0.33755860 0.01440947  -0.02512552 -0.00989654 3   DT  A O4    
57  C C5    . DT  A 3 ? 0.35530886 0.31827062 0.33918646 0.01409417  -0.02445329 -0.01220712 3   DT  A C5    
58  C C7    . DT  A 3 ? 0.32139973 0.28295587 0.30348961 0.01488582  -0.02307997 -0.01020673 3   DT  A C7    
59  C C6    . DT  A 3 ? 0.34554208 0.31206167 0.33437037 0.01306616  -0.02553692 -0.01454700 3   DT  A C6    
60  P P     . DT  A 4 ? 0.37988542 0.35360187 0.36171757 0.00450313  -0.03351119 -0.03445798 4   DT  A P     
61  O OP1   . DT  A 4 ? 0.41800428 0.38943937 0.39797238 0.00124046  -0.03415958 -0.04169351 4   DT  A OP1   
62  O OP2   . DT  A 4 ? 0.41669537 0.39498251 0.39259593 0.00575145  -0.03655036 -0.03052068 4   DT  A OP2   
63  O "O5'" . DT  A 4 ? 0.41947570 0.38860725 0.39923630 0.00681241  -0.02805739 -0.03325082 4   DT  A "O5'" 
64  C "C5'" . DT  A 4 ? 0.34578702 0.31080586 0.33315103 0.00692852  -0.02405392 -0.03399310 4   DT  A "C5'" 
65  C "C4'" . DT  A 4 ? 0.35013148 0.31251326 0.33669481 0.00903809  -0.02020583 -0.03157737 4   DT  A "C4'" 
66  O "O4'" . DT  A 4 ? 0.31637038 0.28008842 0.30447377 0.01094453  -0.02134152 -0.02566680 4   DT  A "O4'" 
67  C "C3'" . DT  A 4 ? 0.33393625 0.29574667 0.31170241 0.00953586  -0.01886306 -0.03303029 4   DT  A "C3'" 
68  O "O3'" . DT  A 4 ? 0.36409183 0.32129250 0.34574945 0.01023189  -0.01309511 -0.03397903 4   DT  A "O3'" 
69  C "C2'" . DT  A 4 ? 0.33597694 0.30059516 0.31220977 0.01163355  -0.02048378 -0.02733575 4   DT  A "C2'" 
70  C "C1'" . DT  A 4 ? 0.29866533 0.26284600 0.28256340 0.01231176  -0.02091378 -0.02353149 4   DT  A "C1'" 
71  N N1    . DT  A 4 ? 0.30982729 0.27599065 0.29208675 0.01312457  -0.02376548 -0.01963042 4   DT  A N1    
72  C C2    . DT  A 4 ? 0.32360671 0.28844916 0.30846179 0.01398355  -0.02393242 -0.01589786 4   DT  A C2    
73  O O2    . DT  A 4 ? 0.34289653 0.30626289 0.33275757 0.01433850  -0.02233291 -0.01460328 4   DT  A O2    
74  N N3    . DT  A 4 ? 0.30330464 0.26843905 0.28527891 0.01420708  -0.02610362 -0.01365380 4   DT  A N3    
75  C C4    . DT  A 4 ? 0.30730435 0.27403360 0.28625441 0.01417886  -0.02705111 -0.01390614 4   DT  A C4    
76  O O4    . DT  A 4 ? 0.28359645 0.24911049 0.26075855 0.01445996  -0.02764520 -0.01199516 4   DT  A O4    
77  C C5    . DT  A 4 ? 0.28447321 0.25398109 0.26296220 0.01354625  -0.02738414 -0.01650615 4   DT  A C5    
78  C C7    . DT  A 4 ? 0.27721246 0.24994365 0.25509927 0.01356074  -0.02908154 -0.01545076 4   DT  A C7    
79  C C6    . DT  A 4 ? 0.26582898 0.23476753 0.24495244 0.01277857  -0.02624213 -0.01965643 4   DT  A C6    
80  P P     . DT  A 5 ? 0.35111373 0.30504432 0.32636384 0.01132195  -0.00808894 -0.03534923 5   DT  A P     
81  O OP1   . DT  A 5 ? 0.40813644 0.35562185 0.38526909 0.01025079  -0.00183803 -0.04081074 5   DT  A OP1   
82  O OP2   . DT  A 5 ? 0.37894417 0.33567330 0.34205785 0.01132858  -0.01117117 -0.03563011 5   DT  A OP2   
83  O "O5'" . DT  A 5 ? 0.31703056 0.27158335 0.30112577 0.01398465  -0.00598734 -0.02844716 5   DT  A "O5'" 
84  C "C5'" . DT  A 5 ? 0.34258441 0.29805412 0.33790222 0.01432026  -0.00725858 -0.02439223 5   DT  A "C5'" 
85  C "C4'" . DT  A 5 ? 0.37767415 0.33465053 0.37951047 0.01615606  -0.00736263 -0.01793210 5   DT  A "C4'" 
86  O "O4'" . DT  A 5 ? 0.31842715 0.27896191 0.31674961 0.01600732  -0.01338447 -0.01504774 5   DT  A "O4'" 
87  C "C3'" . DT  A 5 ? 0.40241511 0.35788642 0.40365881 0.01770982  -0.00254575 -0.01714244 5   DT  A "C3'" 
88  O "O3'" . DT  A 5 ? 0.38123534 0.33624681 0.39621656 0.01902873  0.00028245  -0.01199880 5   DT  A "O3'" 
89  C "C2'" . DT  A 5 ? 0.32556785 0.28461154 0.32032133 0.01804910  -0.00687387 -0.01509585 5   DT  A "C2'" 
90  C "C1'" . DT  A 5 ? 0.31942003 0.28115805 0.31685809 0.01708188  -0.01322451 -0.01254600 5   DT  A "C1'" 
91  N N1    . DT  A 5 ? 0.36847826 0.33263161 0.35837975 0.01662565  -0.01748579 -0.01271195 5   DT  A N1    
92  C C2    . DT  A 5 ? 0.31015541 0.27533169 0.30243780 0.01634620  -0.02139609 -0.00932530 5   DT  A C2    
93  O O2    . DT  A 5 ? 0.33969226 0.30457772 0.33910113 0.01620152  -0.02263317 -0.00617036 5   DT  A O2    
94  N N3    . DT  A 5 ? 0.29196069 0.25828780 0.27830745 0.01605296  -0.02385579 -0.00968147 5   DT  A N3    
95  C C4    . DT  A 5 ? 0.29604893 0.26396818 0.27616355 0.01618102  -0.02355602 -0.01183343 5   DT  A C4    
96  O O4    . DT  A 5 ? 0.28517853 0.25428594 0.26291980 0.01620406  -0.02529073 -0.01084088 5   DT  A O4    
97  C C5    . DT  A 5 ? 0.32260021 0.29030093 0.29964252 0.01608448  -0.02110281 -0.01516483 5   DT  A C5    
98  C C7    . DT  A 5 ? 0.28108930 0.25128622 0.25073791 0.01561562  -0.02257279 -0.01727490 5   DT  A C7    
99  C C6    . DT  A 5 ? 0.28765290 0.25276968 0.26882906 0.01621753  -0.01777285 -0.01610177 5   DT  A C6    
100 P P     . DG  A 6 ? 0.43935877 0.39244357 0.46061164 0.02118841  0.00700552  -0.00904740 6   DG  A P     
101 O OP1   . DG  A 6 ? 0.39739619 0.34836534 0.43504404 0.02231734  0.01257496  -0.00543783 6   DG  A OP1   
102 O OP2   . DG  A 6 ? 0.47481577 0.42445079 0.48175399 0.02156893  0.01165029  -0.01431614 6   DG  A OP2   
103 O "O5'" . DG  A 6 ? 0.42898134 0.38706599 0.45510347 0.02134522  0.00072723  -0.00314347 6   DG  A "O5'" 
104 C "C5'" . DG  A 6 ? 0.36351699 0.32477878 0.40225830 0.02064341  -0.00471216 0.00255555  6   DG  A "C5'" 
105 C "C4'" . DG  A 6 ? 0.32418458 0.28877905 0.36617765 0.02016038  -0.01009932 0.00648199  6   DG  A "C4'" 
106 O "O4'" . DG  A 6 ? 0.27463007 0.23985191 0.30289639 0.01915103  -0.01415877 0.00303213  6   DG  A "O4'" 
107 C "C3'" . DG  A 6 ? 0.34834343 0.31235667 0.39787323 0.02206960  -0.00420918 0.00913766  6   DG  A "C3'" 
108 O "O3'" . DG  A 6 ? 0.39368052 0.36111097 0.45836114 0.02134368  -0.00884530 0.01536329  6   DG  A "O3'" 
109 C "C2'" . DG  A 6 ? 0.29086269 0.25429430 0.32600364 0.02249985  -0.00336232 0.00553454  6   DG  A "C2'" 
110 C "C1'" . DG  A 6 ? 0.28033752 0.24599393 0.30810125 0.02017576  -0.01207844 0.00395069  6   DG  A "C1'" 
111 N N9    . DG  A 6 ? 0.29922102 0.26479468 0.31238954 0.02006175  -0.01275961 -0.00011511 6   DG  A N9    
112 C C8    . DG  A 6 ? 0.28792498 0.25200703 0.29034117 0.02075919  -0.00900846 -0.00423415 6   DG  A C8    
113 N N7    . DG  A 6 ? 0.26392127 0.22958735 0.25668230 0.02026663  -0.01196611 -0.00606989 6   DG  A N7    
114 C C5    . DG  A 6 ? 0.26980565 0.23699568 0.26661671 0.01937676  -0.01666299 -0.00361058 6   DG  A C5    
115 C C6    . DG  A 6 ? 0.28236290 0.25079637 0.27396978 0.01877756  -0.01996890 -0.00390748 6   DG  A C6    
116 O O6    . DG  A 6 ? 0.27328672 0.24305854 0.25729535 0.01913146  -0.01994389 -0.00535575 6   DG  A O6    
117 N N1    . DG  A 6 ? 0.24379193 0.21158656 0.24054430 0.01744281  -0.02366296 -0.00215523 6   DG  A N1    
118 C C2    . DG  A 6 ? 0.27751832 0.24483099 0.28353361 0.01651630  -0.02554568 0.00013910  6   DG  A C2    
119 N N2    . DG  A 6 ? 0.27626901 0.24256718 0.28435103 0.01451381  -0.03022934 0.00080648  6   DG  A N2    
120 N N3    . DG  A 6 ? 0.26274776 0.23030382 0.27600026 0.01729665  -0.02304732 0.00172405  6   DG  A N3    
121 C C4    . DG  A 6 ? 0.27936144 0.24632918 0.28746163 0.01890126  -0.01783447 -0.00045378 6   DG  A C4    
122 O "O5'" . DG  B 1 ? 0.80336079 0.83690572 0.90863481 -0.01791042 0.02478218  -0.01046767 1   DG  D "O5'" 
123 C "C5'" . DG  B 1 ? 0.78381615 0.81244862 0.87030501 -0.02008488 0.03309810  -0.01147974 1   DG  D "C5'" 
124 C "C4'" . DG  B 1 ? 0.51942521 0.54993662 0.58580086 -0.01883553 0.02736950  -0.01298821 1   DG  D "C4'" 
125 O "O4'" . DG  B 1 ? 0.66603350 0.68789742 0.72104630 -0.02156518 0.03466430  -0.01428728 1   DG  D "O4'" 
126 C "C3'" . DG  B 1 ? 0.45079546 0.48592979 0.50157261 -0.01814936 0.02449839  -0.01203018 1   DG  D "C3'" 
127 O "O3'" . DG  B 1 ? 0.35468532 0.39876646 0.40765920 -0.01524873 0.01623543  -0.01032907 1   DG  D "O3'" 
128 C "C2'" . DG  B 1 ? 0.55512760 0.58864900 0.58966249 -0.01789735 0.02246870  -0.01386385 1   DG  D "C2'" 
129 C "C1'" . DG  B 1 ? 0.50377690 0.52734744 0.54006027 -0.02081957 0.02963546  -0.01508329 1   DG  D "C1'" 
130 N N9    . DG  B 1 ? 0.43498403 0.45035285 0.45601803 -0.02417828 0.03612034  -0.01496071 1   DG  D N9    
131 C C8    . DG  B 1 ? 0.53239622 0.54452244 0.55096889 -0.02605336 0.04162917  -0.01402022 1   DG  D C8    
132 N N7    . DG  B 1 ? 0.51497896 0.51795587 0.51659213 -0.02905059 0.04518367  -0.01434319 1   DG  D N7    
133 C C5    . DG  B 1 ? 0.48788576 0.48891443 0.48102857 -0.02918979 0.04144370  -0.01504470 1   DG  D C5    
134 C C6    . DG  B 1 ? 0.46790954 0.45935910 0.44290613 -0.03214486 0.04146521  -0.01513447 1   DG  D C6    
135 O O6    . DG  B 1 ? 0.62880087 0.61084230 0.59024440 -0.03523592 0.04455478  -0.01484222 1   DG  D O6    
136 N N1    . DG  B 1 ? 0.46175105 0.45446804 0.43527298 -0.03127756 0.03611906  -0.01559629 1   DG  D N1    
137 C C2    . DG  B 1 ? 0.43683091 0.43833173 0.42389287 -0.02778055 0.03148570  -0.01648699 1   DG  D C2    
138 N N2    . DG  B 1 ? 0.37777351 0.37813980 0.36141417 -0.02743774 0.02647978  -0.01718944 1   DG  D N2    
139 N N3    . DG  B 1 ? 0.38828025 0.39779338 0.39113370 -0.02502249 0.03093162  -0.01664064 1   DG  D N3    
140 C C4    . DG  B 1 ? 0.44351688 0.45257728 0.44874558 -0.02601349 0.03600566  -0.01561173 1   DG  D C4    
141 P P     . DT  B 2 ? 0.30574144 0.35486591 0.36185179 -0.01148639 0.00570908  -0.01135698 2   DT  D P     
142 O OP1   . DT  B 2 ? 0.31184253 0.35826407 0.38866406 -0.01185154 0.00427629  -0.01122018 2   DT  D OP1   
143 O OP2   . DT  B 2 ? 0.36236914 0.41892962 0.41074863 -0.00934719 0.00033066  -0.00899333 2   DT  D OP2   
144 O "O5'" . DT  B 2 ? 0.33244769 0.38059928 0.37658698 -0.00979227 0.00277491  -0.01476474 2   DT  D "O5'" 
145 C "C5'" . DT  B 2 ? 0.25995330 0.31164329 0.28691195 -0.00846881 0.00192875  -0.01515549 2   DT  D "C5'" 
146 C "C4'" . DT  B 2 ? 0.26049948 0.30886443 0.28143063 -0.00787913 0.00062089  -0.01835021 2   DT  D "C4'" 
147 O "O4'" . DT  B 2 ? 0.30490608 0.34532319 0.32396981 -0.01201798 0.00781371  -0.01807911 2   DT  D "O4'" 
148 C "C3'" . DT  B 2 ? 0.29464520 0.34791039 0.30186764 -0.00517860 -0.00238010 -0.01927007 2   DT  D "C3'" 
149 O "O3'" . DT  B 2 ? 0.26583074 0.32339536 0.27202693 -0.00044906 -0.00984121 -0.02176537 2   DT  D "O3'" 
150 C "C2'" . DT  B 2 ? 0.28245919 0.32961796 0.28476698 -0.00719713 -0.00048182 -0.02078813 2   DT  D "C2'" 
151 C "C1'" . DT  B 2 ? 0.29749675 0.33624780 0.30509888 -0.01195264 0.00637883  -0.01941675 2   DT  D "C1'" 
152 N N1    . DT  B 2 ? 0.37543754 0.40974168 0.37340320 -0.01553577 0.01172995  -0.01733829 2   DT  D N1    
153 C C2    . DT  B 2 ? 0.37836462 0.40756921 0.36608580 -0.01723074 0.01109582  -0.01766759 2   DT  D C2    
154 O O2    . DT  B 2 ? 0.43691538 0.46589820 0.42392099 -0.01577337 0.00677445  -0.01957468 2   DT  D O2    
155 N N3    . DT  B 2 ? 0.37375007 0.39707096 0.35233385 -0.02086054 0.01474910  -0.01563389 2   DT  D N3    
156 C C4    . DT  B 2 ? 0.39769818 0.41975179 0.37640589 -0.02271026 0.01933153  -0.01380024 2   DT  D C4    
157 O O4    . DT  B 2 ? 0.39803459 0.41298098 0.36695436 -0.02602297 0.02131573  -0.01245469 2   DT  D O4    
158 C C5    . DT  B 2 ? 0.35596283 0.38463798 0.34707367 -0.02055407 0.02023603  -0.01355540 2   DT  D C5    
159 C C7    . DT  B 2 ? 0.54165739 0.56935901 0.53574967 -0.02228771 0.02470406  -0.01160512 2   DT  D C7    
160 C C6    . DT  B 2 ? 0.33213899 0.36636724 0.33193712 -0.01728833 0.01623229  -0.01506285 2   DT  D C6    
161 P P     . DT  B 3 ? 0.26370463 0.32910488 0.25803863 0.00383029  -0.01236398 -0.02179470 3   DT  D P     
162 O OP1   . DT  B 3 ? 0.33290889 0.39885874 0.32584666 0.00824675  -0.02006855 -0.02505379 3   DT  D OP1   
163 O OP2   . DT  B 3 ? 0.28902979 0.35942004 0.28057836 0.00238645  -0.00811032 -0.01692395 3   DT  D OP2   
164 O "O5'" . DT  B 3 ? 0.32121000 0.38604428 0.30916078 0.00446493  -0.01133293 -0.02392573 3   DT  D "O5'" 
165 C "C5'" . DT  B 3 ? 0.31212479 0.37167843 0.30263627 0.00503356  -0.01467972 -0.02798323 3   DT  D "C5'" 
166 C "C4'" . DT  B 3 ? 0.37203484 0.43156552 0.35732426 0.00498941  -0.01362107 -0.02852505 3   DT  D "C4'" 
167 O "O4'" . DT  B 3 ? 0.37081863 0.42544186 0.35577982 -0.00053235 -0.00869629 -0.02500144 3   DT  D "O4'" 
168 C "C3'" . DT  B 3 ? 0.38276634 0.45049264 0.36118968 0.00903844  -0.01324925 -0.02830123 3   DT  D "C3'" 
169 O "O3'" . DT  B 3 ? 0.36048047 0.42770693 0.33804749 0.01215511  -0.01647059 -0.03235340 3   DT  D "O3'" 
170 C "C2'" . DT  B 3 ? 0.33937471 0.40807955 0.31684326 0.00503140  -0.00832916 -0.02313934 3   DT  D "C2'" 
171 C "C1'" . DT  B 3 ? 0.35928248 0.41794008 0.33895748 -0.00043383 -0.00730304 -0.02269030 3   DT  D "C1'" 
172 N N1    . DT  B 3 ? 0.39033240 0.44559355 0.36872487 -0.00537266 -0.00262852 -0.01841863 3   DT  D N1    
173 C C2    . DT  B 3 ? 0.47879674 0.52686416 0.45282396 -0.00958689 -0.00179171 -0.01667485 3   DT  D C2    
174 O O2    . DT  B 3 ? 0.61018616 0.65510764 0.58251801 -0.00969260 -0.00499522 -0.01785844 3   DT  D O2    
175 N N3    . DT  B 3 ? 0.38206507 0.42546689 0.35335433 -0.01380025 0.00205992  -0.01355692 3   DT  D N3    
176 C C4    . DT  B 3 ? 0.36994361 0.41637520 0.34472081 -0.01395608 0.00537128  -0.01197183 3   DT  D C4    
177 O O4    . DT  B 3 ? 0.29408031 0.33525657 0.26642181 -0.01768132 0.00864748  -0.00964894 3   DT  D O4    
178 C C5    . DT  B 3 ? 0.30005166 0.35472899 0.28073801 -0.00966276 0.00386868  -0.01324267 3   DT  D C5    
179 C C7    . DT  B 3 ? 0.41904192 0.47665366 0.40478649 -0.01008991 0.00617913  -0.01089501 3   DT  D C7    
180 C C6    . DT  B 3 ? 0.30021154 0.35832938 0.28136278 -0.00570350 -0.00012304 -0.01640576 3   DT  D C6    
181 P P     . DT  B 4 ? 0.37493901 0.45004763 0.34821990 0.01716380  -0.01522857 -0.03315530 4   DT  D P     
182 O OP1   . DT  B 4 ? 0.38333765 0.45595123 0.35702581 0.02150273  -0.02015253 -0.03954765 4   DT  D OP1   
183 O OP2   . DT  B 4 ? 0.36531792 0.44802253 0.33333627 0.01948510  -0.01173903 -0.03038433 4   DT  D OP2   
184 O "O5'" . DT  B 4 ? 0.32013698 0.39526250 0.29661774 0.01373931  -0.01293338 -0.02932488 4   DT  D "O5'" 
185 C "C5'" . DT  B 4 ? 0.41075592 0.47667926 0.39019998 0.00906874  -0.01550499 -0.02936497 4   DT  D "C5'" 
186 C "C4'" . DT  B 4 ? 0.41100214 0.47595712 0.39181426 0.00590047  -0.01504979 -0.02539061 4   DT  D "C4'" 
187 O "O4'" . DT  B 4 ? 0.37992247 0.44084911 0.35773369 0.00032629  -0.01208008 -0.02072397 4   DT  D "O4'" 
188 C "C3'" . DT  B 4 ? 0.39994641 0.47461737 0.38388202 0.00996406  -0.01335671 -0.02402673 4   DT  D "C3'" 
189 O "O3'" . DT  B 4 ? 0.53204951 0.60388497 0.52164792 0.00934594  -0.01711776 -0.02409526 4   DT  D "O3'" 
190 C "C2'" . DT  B 4 ? 0.33934046 0.41677675 0.32231094 0.00667669  -0.00958409 -0.01798802 4   DT  D "C2'" 
191 C "C1'" . DT  B 4 ? 0.41847678 0.48459497 0.39769016 -0.00011078 -0.01055131 -0.01635759 4   DT  D "C1'" 
192 N N1    . DT  B 4 ? 0.43707722 0.50340623 0.41371370 -0.00283370 -0.00678290 -0.01303471 4   DT  D N1    
193 C C2    . DT  B 4 ? 0.46405725 0.52209378 0.43754409 -0.00880526 -0.00630878 -0.00957105 4   DT  D C2    
194 O O2    . DT  B 4 ? 0.63304085 0.68223991 0.60379879 -0.01248310 -0.00935920 -0.00882798 4   DT  D O2    
195 N N3    . DT  B 4 ? 0.34593622 0.40468255 0.31851282 -0.01054954 -0.00270316 -0.00717207 4   DT  D N3    
196 C C4    . DT  B 4 ? 0.48771398 0.55504209 0.46286412 -0.00710588 -0.00027753 -0.00726876 4   DT  D C4    
197 O O4    . DT  B 4 ? 0.42130669 0.48842026 0.39705806 -0.00925417 0.00232075  -0.00459509 4   DT  D O4    
198 C C5    . DT  B 4 ? 0.35010826 0.42485294 0.32630559 -0.00126080 -0.00153269 -0.01060551 4   DT  D C5    
199 C C7    . DT  B 4 ? 0.40014753 0.48212123 0.37604859 0.00213531  -0.00017304 -0.01037466 4   DT  D C7    
200 C C6    . DT  B 4 ? 0.37408164 0.44792416 0.35076151 0.00079379  -0.00437708 -0.01368394 4   DT  D C6    
201 P P     . DT  B 5 ? 0.49477595 0.57542974 0.49314229 0.01363557  -0.01612894 -0.02306587 5   DT  D P     
202 O OP1   . DT  B 5 ? 0.60148074 0.67643926 0.60655429 0.01299126  -0.02212166 -0.02483276 5   DT  D OP1   
203 O OP2   . DT  B 5 ? 0.53300195 0.62402574 0.52985165 0.02070482  -0.01084434 -0.02559404 5   DT  D OP2   
204 O "O5'" . DT  B 5 ? 0.42732809 0.50929077 0.42871562 0.00910326  -0.01476411 -0.01558246 5   DT  D "O5'" 
205 C "C5'" . DT  B 5 ? 0.41032257 0.48104253 0.40809000 0.00164502  -0.01871869 -0.01219373 5   DT  D "C5'" 
206 C "C4'" . DT  B 5 ? 0.50489702 0.57747945 0.50349929 -0.00168963 -0.01685830 -0.00591503 5   DT  D "C4'" 
207 O "O4'" . DT  B 5 ? 0.49125737 0.56498031 0.48264847 -0.00246856 -0.01221106 -0.00550352 5   DT  D "O4'" 
208 C "C3'" . DT  B 5 ? 0.56562582 0.65034873 0.57623109 0.00192970  -0.01434458 -0.00208716 5   DT  D "C3'" 
209 O "O3'" . DT  B 5 ? 0.81665389 0.89618673 0.83309191 -0.00322491 -0.01934912 0.00362334  5   DT  D "O3'" 
210 C "C2'" . DT  B 5 ? 0.50448725 0.59729298 0.51119816 0.00381390  -0.00772118 -0.00044389 5   DT  D "C2'" 
211 C "C1'" . DT  B 5 ? 0.40149012 0.48368316 0.39795057 -0.00191623 -0.00907602 -0.00035516 5   DT  D "C1'" 
212 N N1    . DT  B 5 ? 0.33986721 0.42596141 0.33117398 -0.00115103 -0.00435595 -0.00005950 5   DT  D N1    
213 C C2    . DT  B 5 ? 0.41867232 0.49846048 0.40639328 -0.00637875 -0.00418379 0.00297137  5   DT  D C2    
214 O O2    . DT  B 5 ? 0.37616842 0.44645002 0.36224770 -0.01148896 -0.00751614 0.00499156  5   DT  D O2    
215 N N3    . DT  B 5 ? 0.39476921 0.47850726 0.38022664 -0.00553554 -0.00041576 0.00349273  5   DT  D N3    
216 C C4    . DT  B 5 ? 0.44710671 0.53950533 0.43167077 -0.00035768 0.00229913  0.00166059  5   DT  D C4    
217 O O4    . DT  B 5 ? 0.45171624 0.54596297 0.43461957 -0.00061859 0.00425763  0.00300140  5   DT  D O4    
218 C C5    . DT  B 5 ? 0.42700724 0.52453905 0.41238575 0.00503311  0.00209034  -0.00189388 5   DT  D C5    
219 C C7    . DT  B 5 ? 0.45360560 0.55821419 0.43435046 0.01088695  0.00452085  -0.00453824 5   DT  D C7    
220 C C6    . DT  B 5 ? 0.32875361 0.42348265 0.31847486 0.00458445  -0.00075471 -0.00270688 5   DT  D C6    
221 P P     . DG  B 6 ? 0.73988110 0.82500588 0.77461041 -0.00190086 -0.02253238 0.00780738  6   DG  D P     
222 O OP1   . DG  B 6 ? 0.79001610 0.87031563 0.82982050 -0.00103867 -0.02821932 0.00450973  6   DG  D OP1   
223 O OP2   . DG  B 6 ? 0.63472845 0.73575349 0.67932191 0.00394862  -0.01440897 0.00992255  6   DG  D OP2   
224 O "O5'" . DG  B 6 ? 0.58129151 0.65647780 0.61625516 -0.00955642 -0.02940672 0.01431053  6   DG  D "O5'" 
225 C "C5'" . DG  B 6 ? 0.55429391 0.61463564 0.57183697 -0.01580728 -0.03236233 0.01353359  6   DG  D "C5'" 
226 C "C4'" . DG  B 6 ? 0.53119093 0.59034028 0.54726866 -0.01938762 -0.03181077 0.01850509  6   DG  D "C4'" 
227 O "O4'" . DG  B 6 ? 0.52012278 0.58595687 0.52996587 -0.01702661 -0.02351964 0.01674877  6   DG  D "O4'" 
228 C "C3'" . DG  B 6 ? 0.46944049 0.53785377 0.50414628 -0.01861636 -0.03338899 0.02531974  6   DG  D "C3'" 
229 O "O3'" . DG  B 6 ? 0.55180818 0.60858129 0.58329762 -0.02519389 -0.04034557 0.02979321  6   DG  D "O3'" 
230 C "C2'" . DG  B 6 ? 0.39337230 0.47766362 0.43236648 -0.01347217 -0.02331002 0.02615156  6   DG  D "C2'" 
231 C "C1'" . DG  B 6 ? 0.41326380 0.49150606 0.43441900 -0.01490489 -0.01979704 0.02196108  6   DG  D "C1'" 
232 N N9    . DG  B 6 ? 0.47541951 0.56540680 0.49459704 -0.00925642 -0.01136583 0.01932551  6   DG  D N9    
233 C C8    . DG  B 6 ? 0.43713275 0.53577742 0.45891093 -0.00300182 -0.00756967 0.01549163  6   DG  D C8    
234 N N7    . DG  B 6 ? 0.42132283 0.52703710 0.43738460 0.00073172  -0.00144899 0.01368427  6   DG  D N7    
235 C C5    . DG  B 6 ? 0.38825112 0.49057782 0.39972747 -0.00333707 -0.00115433 0.01671182  6   DG  D C5    
236 C C6    . DG  B 6 ? 0.42939321 0.53604450 0.43539035 -0.00216465 0.00324489  0.01708057  6   DG  D C6    
237 O O6    . DG  B 6 ? 0.49112640 0.60449740 0.49296556 0.00261091  0.00717230  0.01464486  6   DG  D O6    
238 N N1    . DG  B 6 ? 0.37550974 0.47644773 0.38037883 -0.00725424 0.00190890  0.02041251  6   DG  D N1    
239 C C2    . DG  B 6 ? 0.46525474 0.55631153 0.47147954 -0.01266402 -0.00306945 0.02254857  6   DG  D C2    
240 N N2    . DG  B 6 ? 0.62117079 0.70668923 0.62518969 -0.01668321 -0.00351254 0.02481226  6   DG  D N2    
241 N N3    . DG  B 6 ? 0.44523238 0.53123185 0.45464456 -0.01406079 -0.00800354 0.02248963  6   DG  D N3    
242 C C4    . DG  B 6 ? 0.38339026 0.47607855 0.39651395 -0.00924737 -0.00671407 0.01979029  6   DG  D C4    
243 P P     . DC  C 1 ? 0.34005559 0.28449514 0.32997772 0.01461588  -0.01337625 -0.00525883 8   DC  B P     
244 O OP1   . DC  C 1 ? 0.29610181 0.23656999 0.29364283 0.01446149  -0.00909188 -0.00477436 8   DC  B OP1   
245 O OP2   . DC  C 1 ? 0.36125134 0.30115965 0.34349379 0.01432145  -0.01182650 -0.00739097 8   DC  B OP2   
246 O "O5'" . DC  C 1 ? 0.31752488 0.26131918 0.30408038 0.01199331  -0.01949910 -0.00794957 8   DC  B "O5'" 
247 C "C5'" . DC  C 1 ? 0.28821437 0.23366033 0.26814469 0.01157739  -0.02320888 -0.00891292 8   DC  B "C5'" 
248 C "C4'" . DC  C 1 ? 0.30151461 0.24815968 0.28375460 0.00978306  -0.02821707 -0.00919119 8   DC  B "C4'" 
249 O "O4'" . DC  C 1 ? 0.31784733 0.27143528 0.30771817 0.01193185  -0.02753172 -0.00573548 8   DC  B "O4'" 
250 C "C3'" . DC  C 1 ? 0.31538101 0.26096203 0.29081528 0.00828875  -0.03265837 -0.01050084 8   DC  B "C3'" 
251 O "O3'" . DC  C 1 ? 0.31735442 0.25564942 0.28611846 0.00495450  -0.03577015 -0.01366541 8   DC  B "O3'" 
252 C "C2'" . DC  C 1 ? 0.30159686 0.25280971 0.28517597 0.00863267  -0.03535865 -0.00791328 8   DC  B "C2'" 
253 C "C1'" . DC  C 1 ? 0.28274165 0.23866671 0.27313601 0.01143670  -0.03089855 -0.00537169 8   DC  B "C1'" 
254 N N1    . DC  C 1 ? 0.30535317 0.26578390 0.29353952 0.01384349  -0.02876847 -0.00436799 8   DC  B N1    
255 C C2    . DC  C 1 ? 0.27817575 0.24131451 0.26943777 0.01437130  -0.02927776 -0.00338616 8   DC  B C2    
256 O O2    . DC  C 1 ? 0.29467704 0.25722401 0.29191833 0.01305448  -0.03177617 -0.00238234 8   DC  B O2    
257 N N3    . DC  C 1 ? 0.27180670 0.23776491 0.26011416 0.01599809  -0.02713639 -0.00364733 8   DC  B N3    
258 C C4    . DC  C 1 ? 0.26690641 0.23430819 0.25038425 0.01686918  -0.02594145 -0.00425722 8   DC  B C4    
259 N N4    . DC  C 1 ? 0.25736113 0.22734604 0.23779894 0.01767881  -0.02502398 -0.00514266 8   DC  B N4    
260 C C5    . DC  C 1 ? 0.31218545 0.27812916 0.29483399 0.01674600  -0.02551549 -0.00390832 8   DC  B C5    
261 C C6    . DC  C 1 ? 0.30227407 0.26417521 0.28700528 0.01537177  -0.02619279 -0.00421035 8   DC  B C6    
262 P P     . DA  C 2 ? 0.30751707 0.24124000 0.26342423 0.00349159  -0.03870153 -0.01524501 9   DA  B P     
263 O OP1   . DA  C 2 ? 0.26153849 0.18625826 0.20772491 -0.00015648 -0.04114829 -0.01926310 9   DA  B OP1   
264 O OP2   . DA  C 2 ? 0.30734682 0.24216905 0.26046322 0.00639361  -0.03358507 -0.01435484 9   DA  B OP2   
265 O "O5'" . DA  C 2 ? 0.30755867 0.24726745 0.26834309 0.00336671  -0.04409621 -0.01209369 9   DA  B "O5'" 
266 C "C5'" . DA  C 2 ? 0.31224464 0.25399254 0.28111274 0.00092573  -0.05009627 -0.01087030 9   DA  B "C5'" 
267 C "C4'" . DA  C 2 ? 0.33424559 0.28129933 0.30868830 0.00136392  -0.05387792 -0.00687587 9   DA  B "C4'" 
268 O "O4'" . DA  C 2 ? 0.36974261 0.32232793 0.35231996 0.00483777  -0.04865747 -0.00476476 9   DA  B "O4'" 
269 C "C3'" . DA  C 2 ? 0.36375512 0.30844763 0.32722415 0.00108850  -0.05604996 -0.00625433 9   DA  B "C3'" 
270 O "O3'" . DA  C 2 ? 0.41675813 0.36555923 0.38724209 0.00003740  -0.06216952 -0.00190393 9   DA  B "O3'" 
271 C "C2'" . DA  C 2 ? 0.31712663 0.26379189 0.28050372 0.00466772  -0.04912835 -0.00607521 9   DA  B "C2'" 
272 C "C1'" . DA  C 2 ? 0.34133755 0.29408558 0.31817922 0.00643540  -0.04665150 -0.00448961 9   DA  B "C1'" 
273 N N9    . DA  C 2 ? 0.33262527 0.28695307 0.30926891 0.00897706  -0.04060416 -0.00581904 9   DA  B N9    
274 C C8    . DA  C 2 ? 0.33955398 0.29113496 0.30965631 0.00954913  -0.03737295 -0.00802272 9   DA  B C8    
275 N N7    . DA  C 2 ? 0.28959464 0.24453551 0.26190450 0.01158855  -0.03365469 -0.00807699 9   DA  B N7    
276 C C5    . DA  C 2 ? 0.26468293 0.22364741 0.24324021 0.01234277  -0.03377334 -0.00678292 9   DA  B C5    
277 C C6    . DA  C 2 ? 0.26419316 0.22672628 0.24521882 0.01390713  -0.03091683 -0.00712353 9   DA  B C6    
278 N N6    . DA  C 2 ? 0.21049971 0.17462747 0.18873802 0.01476396  -0.02899633 -0.00829637 9   DA  B N6    
279 N N1    . DA  C 2 ? 0.30835209 0.27250336 0.29511859 0.01436682  -0.03016744 -0.00609501 9   DA  B N1    
280 C C2    . DA  C 2 ? 0.31716389 0.28080394 0.30952883 0.01347422  -0.03274782 -0.00370316 9   DA  B C2    
281 N N3    . DA  C 2 ? 0.31291741 0.27451485 0.30398932 0.01163881  -0.03721823 -0.00275428 9   DA  B N3    
282 C C4    . DA  C 2 ? 0.31543069 0.27410582 0.29804067 0.01106133  -0.03730132 -0.00498420 9   DA  B C4    
283 P P     . DA  C 3 ? 0.46930657 0.41654995 0.43004257 -0.00048018 -0.06611305 0.00079471  10  DA  B P     
284 O OP1   . DA  C 3 ? 0.53914956 0.48787681 0.50218647 -0.00393351 -0.07607429 0.00393722  10  DA  B OP1   
285 O OP2   . DA  C 3 ? 0.38887016 0.32928519 0.33271362 0.00030679  -0.06186664 -0.00222300 10  DA  B OP2   
286 O "O5'" . DA  C 3 ? 0.41807773 0.37142377 0.39075900 0.00296248  -0.06198513 0.00505311  10  DA  B "O5'" 
287 C "C5'" . DA  C 3 ? 0.38987216 0.34912644 0.38012749 0.00377113  -0.06158743 0.00795545  10  DA  B "C5'" 
288 C "C4'" . DA  C 3 ? 0.41617306 0.37823886 0.41347136 0.00695352  -0.05550928 0.00986296  10  DA  B "C4'" 
289 O "O4'" . DA  C 3 ? 0.38631506 0.34701005 0.37952260 0.00871388  -0.04870405 0.00520559  10  DA  B "O4'" 
290 C "C3'" . DA  C 3 ? 0.46793795 0.42911411 0.46037512 0.00779342  -0.05569539 0.01265463  10  DA  B "C3'" 
291 O "O3'" . DA  C 3 ? 0.47520264 0.44081252 0.48320522 0.00935884  -0.05408257 0.01763537  10  DA  B "O3'" 
292 C "C2'" . DA  C 3 ? 0.36633294 0.32428319 0.35008556 0.00947818  -0.04908905 0.00814916  10  DA  B "C2'" 
293 C "C1'" . DA  C 3 ? 0.34505908 0.30469483 0.33427212 0.01029900  -0.04484713 0.00459714  10  DA  B "C1'" 
294 N N9    . DA  C 3 ? 0.34444328 0.30166128 0.32529140 0.01082581  -0.04114518 0.00003657  10  DA  B N9    
295 C C8    . DA  C 3 ? 0.35845303 0.31129231 0.32815536 0.00993116  -0.04168590 -0.00216753 10  DA  B C8    
296 N N7    . DA  C 3 ? 0.32762503 0.28008362 0.29535554 0.01103190  -0.03732865 -0.00495213 10  DA  B N7    
297 C C5    . DA  C 3 ? 0.31385502 0.27064161 0.28978851 0.01229768  -0.03483045 -0.00517344 10  DA  B C5    
298 C C6    . DA  C 3 ? 0.30975067 0.26863479 0.28699152 0.01331557  -0.03141127 -0.00750505 10  DA  B C6    
299 N N6    . DA  C 3 ? 0.30620576 0.26431985 0.27955729 0.01355824  -0.02994927 -0.00889598 10  DA  B N6    
300 N N1    . DA  C 3 ? 0.26267017 0.22424243 0.24556023 0.01392500  -0.02957720 -0.00818858 10  DA  B N1    
301 C C2    . DA  C 3 ? 0.27056134 0.23259309 0.25970654 0.01401103  -0.02984272 -0.00606319 10  DA  B C2    
302 N N3    . DA  C 3 ? 0.26510647 0.22657095 0.25663043 0.01337110  -0.03314580 -0.00259759 10  DA  B N3    
303 C C4    . DA  C 3 ? 0.29426530 0.25317699 0.27781495 0.01230379  -0.03621499 -0.00254110 10  DA  B C4    
304 P P     . DA  C 4 ? 0.46605233 0.43241872 0.47719192 0.01099095  -0.05275992 0.02264764  11  DA  B P     
305 O OP1   . DA  C 4 ? 0.47521707 0.44645251 0.50092955 0.01064340  -0.05763519 0.03058407  11  DA  B OP1   
306 O OP2   . DA  C 4 ? 0.40540120 0.36740379 0.40050675 0.01098264  -0.05301651 0.02161003  11  DA  B OP2   
307 O "O5'" . DA  C 4 ? 0.40463229 0.37105858 0.42424973 0.01345712  -0.04320181 0.01952772  11  DA  B "O5'" 
308 C "C5'" . DA  C 4 ? 0.36574924 0.33323457 0.39255769 0.01386786  -0.03945244 0.01661305  11  DA  B "C5'" 
309 C "C4'" . DA  C 4 ? 0.42139865 0.38720928 0.45019195 0.01551838  -0.03116632 0.01230315  11  DA  B "C4'" 
310 O "O4'" . DA  C 4 ? 0.39765310 0.36134873 0.41369911 0.01505471  -0.03023774 0.00620640  11  DA  B "O4'" 
311 C "C3'" . DA  C 4 ? 0.44876073 0.41376098 0.48313570 0.01667944  -0.02767483 0.01441234  11  DA  B "C3'" 
312 O "O3'" . DA  C 4 ? 0.46157449 0.42530635 0.50473918 0.01775623  -0.02006670 0.01159471  11  DA  B "O3'" 
313 C "C2'" . DA  C 4 ? 0.42506107 0.38752008 0.44669274 0.01629791  -0.02782121 0.01072781  11  DA  B "C2'" 
314 C "C1'" . DA  C 4 ? 0.40888686 0.37075691 0.42218026 0.01551255  -0.02752919 0.00459811  11  DA  B "C1'" 
315 N N9    . DA  C 4 ? 0.34942920 0.30955119 0.35039211 0.01479000  -0.02987517 0.00246840  11  DA  B N9    
316 C C8    . DA  C 4 ? 0.32378465 0.28233300 0.31668218 0.01404335  -0.03435567 0.00503323  11  DA  B C8    
317 N N7    . DA  C 4 ? 0.37932313 0.33522921 0.36241487 0.01375965  -0.03370431 0.00195307  11  DA  B N7    
318 C C5    . DA  C 4 ? 0.33022833 0.28738194 0.31643040 0.01424795  -0.02980221 -0.00209558 11  DA  B C5    
319 C C6    . DA  C 4 ? 0.35318889 0.30972934 0.33510960 0.01425159  -0.02793423 -0.00546992 11  DA  B C6    
320 N N6    . DA  C 4 ? 0.29704582 0.25057133 0.27130883 0.01417932  -0.02800015 -0.00540877 11  DA  B N6    
321 N N1    . DA  C 4 ? 0.34974371 0.30864504 0.33588932 0.01424039  -0.02582275 -0.00876422 11  DA  B N1    
322 C C2    . DA  C 4 ? 0.32442771 0.28460138 0.31687658 0.01429310  -0.02436819 -0.00956600 11  DA  B C2    
323 N N3    . DA  C 4 ? 0.30008610 0.26022795 0.29813804 0.01470464  -0.02432046 -0.00656770 11  DA  B N3    
324 C C4    . DA  C 4 ? 0.30150267 0.26083907 0.29699952 0.01466039  -0.02768240 -0.00238701 11  DA  B C4    
325 P P     . DA  C 5 ? 0.50477115 0.46682135 0.55927636 0.01902176  -0.01380517 0.01308831  12  DA  B P     
326 O OP1   . DA  C 5 ? 0.43413207 0.39475596 0.50107108 0.02006552  -0.00671061 0.01275977  12  DA  B OP1   
327 O OP2   . DA  C 5 ? 0.58265480 0.54635562 0.64030136 0.01960844  -0.01727873 0.02034267  12  DA  B OP2   
328 O "O5'" . DA  C 5 ? 0.42305086 0.38191558 0.46844276 0.01821888  -0.01078071 0.00523305  12  DA  B "O5'" 
329 C "C5'" . DA  C 5 ? 0.39561548 0.35286788 0.43333749 0.01726130  -0.00868874 -0.00241399 12  DA  B "C5'" 
330 C "C4'" . DA  C 5 ? 0.37229631 0.32811087 0.40356683 0.01607815  -0.00846285 -0.00778104 12  DA  B "C4'" 
331 O "O4'" . DA  C 5 ? 0.34925774 0.30690048 0.37095590 0.01575571  -0.01404266 -0.00638859 12  DA  B "O4'" 
332 C "C3'" . DA  C 5 ? 0.37911252 0.33314536 0.41965746 0.01642040  -0.00495322 -0.00646544 12  DA  B "C3'" 
333 O "O3'" . DA  C 5 ? 0.45330023 0.40401475 0.49643775 0.01502309  -0.00009136 -0.01373945 12  DA  B "O3'" 
334 C "C2'" . DA  C 5 ? 0.36265940 0.31775215 0.39713851 0.01650272  -0.00882595 -0.00394368 12  DA  B "C2'" 
335 C "C1'" . DA  C 5 ? 0.34687036 0.30344167 0.36876269 0.01557367  -0.01333109 -0.00683825 12  DA  B "C1'" 
336 N N9    . DA  C 5 ? 0.33211665 0.28909253 0.34614358 0.01598193  -0.01738735 -0.00301387 12  DA  B N9    
337 C C8    . DA  C 5 ? 0.28226553 0.23946321 0.29487173 0.01674173  -0.02039097 0.00322733  12  DA  B C8    
338 N N7    . DA  C 5 ? 0.29046334 0.24621005 0.29244258 0.01659178  -0.02309240 0.00419287  12  DA  B N7    
339 C C5    . DA  C 5 ? 0.27748123 0.23264737 0.27636927 0.01608531  -0.02126177 -0.00080636 12  DA  B C5    
340 C C6    . DA  C 5 ? 0.30700673 0.26031509 0.29764654 0.01600740  -0.02142118 -0.00187074 12  DA  B C6    
341 N N6    . DA  C 5 ? 0.29062019 0.24071875 0.27142146 0.01630692  -0.02292648 0.00096502  12  DA  B N6    
342 N N1    . DA  C 5 ? 0.31105413 0.26552773 0.30394558 0.01546640  -0.01982202 -0.00594814 12  DA  B N1    
343 C C2    . DA  C 5 ? 0.28665152 0.24342654 0.28649803 0.01460141  -0.01896080 -0.00959654 12  DA  B C2    
344 N N3    . DA  C 5 ? 0.34232813 0.29948008 0.34801326 0.01449828  -0.01783109 -0.01007209 12  DA  B N3    
345 C C4    . DA  C 5 ? 0.31305951 0.26955947 0.31920907 0.01550978  -0.01864623 -0.00510935 12  DA  B C4    
346 P P     . DC  C 6 ? 0.55924191 0.50675631 0.61647227 0.01518161  0.00601467  -0.01355241 13  DC  B P     
347 O OP1   . DC  C 6 ? 0.59720860 0.53983210 0.65687440 0.01356516  0.01195052  -0.02157188 13  DC  B OP1   
348 O OP2   . DC  C 6 ? 0.51100464 0.45996470 0.57899149 0.01768162  0.00701531  -0.00382272 13  DC  B OP2   
349 O "O5'" . DC  C 6 ? 0.43663662 0.38458164 0.49143082 0.01395030  0.00384909  -0.01580618 13  DC  B "O5'" 
350 C "C5'" . DC  C 6 ? 0.45868635 0.40708172 0.50393907 0.01139768  0.00067095  -0.02342431 13  DC  B "C5'" 
351 C "C4'" . DC  C 6 ? 0.40903448 0.35924793 0.45390374 0.01110190  -0.00206034 -0.02215095 13  DC  B "C4'" 
352 O "O4'" . DC  C 6 ? 0.39495582 0.34751674 0.43207121 0.01310932  -0.00561748 -0.01571784 13  DC  B "O4'" 
353 C "C3'" . DC  C 6 ? 0.35443464 0.30256909 0.41292626 0.01166553  0.00253419  -0.01969489 13  DC  B "C3'" 
354 O "O3'" . DC  C 6 ? 0.42264481 0.37050280 0.48547379 0.00902268  0.00210618  -0.02543983 13  DC  B "O3'" 
355 C "C2'" . DC  C 6 ? 0.37285787 0.32239842 0.42833503 0.01445287  0.00131671  -0.01099357 13  DC  B "C2'" 
356 C "C1'" . DC  C 6 ? 0.34356659 0.29556169 0.38453783 0.01414158  -0.00436202 -0.01177175 13  DC  B "C1'" 
357 N N1    . DC  C 6 ? 0.35216198 0.30447575 0.38467100 0.01624223  -0.00663443 -0.00497783 13  DC  B N1    
358 C C2    . DC  C 6 ? 0.34494166 0.29727658 0.36850714 0.01639352  -0.00873374 -0.00450484 13  DC  B C2    
359 O O2    . DC  C 6 ? 0.35102655 0.30424952 0.37673679 0.01507621  -0.00873766 -0.00855234 13  DC  B O2    
360 N N3    . DC  C 6 ? 0.32635179 0.27737943 0.33989449 0.01777932  -0.01056859 0.00040096  13  DC  B N3    
361 C C4    . DC  C 6 ? 0.34660491 0.29758847 0.35918093 0.01871978  -0.01193540 0.00520597  13  DC  B C4    
362 N N4    . DC  C 6 ? 0.33388601 0.28321046 0.33476876 0.01932401  -0.01491074 0.00916797  13  DC  B N4    
363 C C5    . DC  C 6 ? 0.33458485 0.28695134 0.35859875 0.01885712  -0.01029364 0.00606554  13  DC  B C5    
364 C C6    . DC  C 6 ? 0.33302367 0.28538699 0.36651771 0.01772886  -0.00687351 0.00060026  13  DC  B C6    
365 P P     . DC  D 1 ? 0.51862194 0.64597132 0.53407158 -0.01138123 0.01042822  0.04922178  8   DC  E P     
366 O OP1   . DC  D 1 ? 0.49372957 0.61376451 0.50522021 -0.01116589 0.00862097  0.04262069  8   DC  E OP1   
367 O OP2   . DC  D 1 ? 0.63572340 0.76336806 0.66192552 -0.01522168 0.00890032  0.05596772  8   DC  E OP2   
368 O "O5'" . DC  D 1 ? 0.53396983 0.65583095 0.55007592 -0.01269862 0.01042681  0.04543977  8   DC  E "O5'" 
369 C "C5'" . DC  D 1 ? 0.47275255 0.59360375 0.49783862 -0.01620354 0.00897733  0.05042670  8   DC  E "C5'" 
370 C "C4'" . DC  D 1 ? 0.51072459 0.62062605 0.53329027 -0.01864508 0.00670380  0.04521163  8   DC  E "C4'" 
371 O "O4'" . DC  D 1 ? 0.59752124 0.71009988 0.61517573 -0.01536983 0.00781399  0.04176749  8   DC  E "O4'" 
372 C "C3'" . DC  D 1 ? 0.58103958 0.67762062 0.59764999 -0.02110476 0.00609212  0.03822441  8   DC  E "C3'" 
373 O "O3'" . DC  D 1 ? 0.66522912 0.75089692 0.68285714 -0.02561023 0.00330037  0.03826056  8   DC  E "O3'" 
374 C "C2'" . DC  D 1 ? 0.46786735 0.56203074 0.47579653 -0.01860988 0.00705327  0.03157094  8   DC  E "C2'" 
375 C "C1'" . DC  D 1 ? 0.46713934 0.56815462 0.47702051 -0.01666667 0.00641042  0.03422700  8   DC  E "C1'" 
376 N N1    . DC  D 1 ? 0.44024878 0.54548575 0.44484767 -0.01222430 0.00788594  0.03001426  8   DC  E N1    
377 C C2    . DC  D 1 ? 0.39933246 0.50233216 0.40374189 -0.01190877 0.00616248  0.02813661  8   DC  E C2    
378 O O2    . DC  D 1 ? 0.42850122 0.52533592 0.43621684 -0.01564624 0.00277349  0.03024052  8   DC  E O2    
379 N N3    . DC  D 1 ? 0.36124754 0.46803083 0.36209310 -0.00755456 0.00736241  0.02405174  8   DC  E N3    
380 C C4    . DC  D 1 ? 0.37859725 0.49043076 0.37444275 -0.00361068 0.00978692  0.02170299  8   DC  E C4    
381 N N4    . DC  D 1 ? 0.32879560 0.44259803 0.32042244 0.00071176  0.01023308  0.01690681  8   DC  E N4    
382 C C5    . DC  D 1 ? 0.35475453 0.46844501 0.34980028 -0.00413152 0.01075966  0.02402384  8   DC  E C5    
383 C C6    . DC  D 1 ? 0.40257450 0.51325248 0.40299493 -0.00847222 0.00995217  0.02821456  8   DC  E C6    
384 P P     . DA  D 2 ? 0.60237511 0.67117858 0.61261711 -0.02896883 0.00385804  0.03150732  9   DA  E P     
385 O OP1   . DA  D 2 ? 0.60925462 0.66932885 0.62247628 -0.03302887 0.00116507  0.03361720  9   DA  E OP1   
386 O OP2   . DA  D 2 ? 0.57381086 0.64242299 0.58323217 -0.02730089 0.00766657  0.02737523  9   DA  E OP2   
387 O "O5'" . DA  D 2 ? 0.50013739 0.56089598 0.50047380 -0.02971074 0.00215338  0.02740980  9   DA  E "O5'" 
388 C "C5'" . DA  D 2 ? 0.49436577 0.55684600 0.49794392 -0.03071824 -0.00266285 0.03175515  9   DA  E "C5'" 
389 C "C4'" . DA  D 2 ? 0.58428146 0.63627735 0.57814701 -0.03221602 -0.00550405 0.02773564  9   DA  E "C4'" 
390 O "O4'" . DA  D 2 ? 0.56147447 0.62202376 0.55501089 -0.02807549 -0.00346617 0.02560597  9   DA  E "O4'" 
391 C "C3'" . DA  D 2 ? 0.61858152 0.65245601 0.59836262 -0.03558436 -0.00433073 0.02142631  9   DA  E "C3'" 
392 O "O3'" . DA  D 2 ? 0.61792729 0.63890287 0.58898628 -0.03908963 -0.01016726 0.02090939  9   DA  E "O3'" 
393 C "C2'" . DA  D 2 ? 0.60214663 0.63941752 0.57846493 -0.03246735 0.00052985  0.01662529  9   DA  E "C2'" 
394 C "C1'" . DA  D 2 ? 0.56589481 0.61672994 0.54863473 -0.02855872 -0.00134257 0.01895057  9   DA  E "C1'" 
395 N N9    . DA  D 2 ? 0.50609483 0.56732085 0.49135526 -0.02396883 0.00255876  0.01689869  9   DA  E N9    
396 C C8    . DA  D 2 ? 0.51820823 0.58491515 0.50711195 -0.02224619 0.00596616  0.01688811  9   DA  E C8    
397 N N7    . DA  D 2 ? 0.50622756 0.58048155 0.49536607 -0.01810858 0.00720057  0.01479383  9   DA  E N7    
398 C C5    . DA  D 2 ? 0.47631038 0.55062707 0.46240857 -0.01675465 0.00524135  0.01300936  9   DA  E C5    
399 C C6    . DA  D 2 ? 0.50744979 0.58703300 0.49216764 -0.01250110 0.00506723  0.00982627  9   DA  E C6    
400 N N6    . DA  D 2 ? 0.50245144 0.58762230 0.48688426 -0.00887845 0.00632665  0.00785094  9   DA  E N6    
401 N N1    . DA  D 2 ? 0.69019072 0.76784071 0.67393708 -0.01223047 0.00254814  0.00864475  9   DA  E N1    
402 C C2    . DA  D 2 ? 0.63560021 0.70609075 0.61926078 -0.01631609 -0.00040245 0.01104735  9   DA  E C2    
403 N N3    . DA  D 2 ? 0.41516164 0.47927475 0.39837479 -0.02063226 -0.00122963 0.01407265  9   DA  E N3    
404 C C4    . DA  D 2 ? 0.45546188 0.52214586 0.44002320 -0.02043097 0.00222427  0.01461572  9   DA  E C4    
405 P P     . DA  D 3 ? 0.55742666 0.55598229 0.50949166 -0.04349947 -0.00973467 0.01532655  10  DA  E P     
406 O OP1   . DA  D 3 ? 0.53025380 0.51438471 0.47584256 -0.04818462 -0.01706354 0.01718978  10  DA  E OP1   
407 O OP2   . DA  D 3 ? 0.45606360 0.45261752 0.40553100 -0.04252402 -0.00101868 0.01085243  10  DA  E OP2   
408 O "O5'" . DA  D 3 ? 0.42269424 0.41905201 0.36807197 -0.04303768 -0.01173972 0.01327456  10  DA  E "O5'" 
409 C "C5'" . DA  D 3 ? 0.40204046 0.39819385 0.35009316 -0.04411235 -0.02019222 0.01677193  10  DA  E "C5'" 
410 C "C4'" . DA  D 3 ? 0.44005684 0.43604270 0.38415039 -0.04284245 -0.02066971 0.01421852  10  DA  E "C4'" 
411 O "O4'" . DA  D 3 ? 0.43145896 0.44372829 0.38490711 -0.03736795 -0.01427011 0.01264132  10  DA  E "O4'" 
412 C "C3'" . DA  D 3 ? 0.46921257 0.44652742 0.39379859 -0.04641075 -0.01903415 0.00952549  10  DA  E "C3'" 
413 O "O3'" . DA  D 3 ? 0.41062605 0.38260549 0.33148597 -0.04777893 -0.02588184 0.01017782  10  DA  E "O3'" 
414 C "C2'" . DA  D 3 ? 0.46164502 0.44676758 0.38874160 -0.04279384 -0.00991246 0.00557383  10  DA  E "C2'" 
415 C "C1'" . DA  D 3 ? 0.45264959 0.45852114 0.39693238 -0.03729229 -0.01060707 0.00767830  10  DA  E "C1'" 
416 N N9    . DA  D 3 ? 0.41741099 0.43439475 0.36855063 -0.03333235 -0.00373021 0.00578247  10  DA  E N9    
417 C C8    . DA  D 3 ? 0.36908823 0.38689460 0.32240241 -0.03351865 0.00110254  0.00575868  10  DA  E C8    
418 N N7    . DA  D 3 ? 0.30880135 0.33671019 0.26924418 -0.02979658 0.00523549  0.00436347  10  DA  E N7    
419 C C5    . DA  D 3 ? 0.36667791 0.40061145 0.32860517 -0.02673231 0.00319197  0.00293823  10  DA  E C5    
420 C C6    . DA  D 3 ? 0.35839631 0.40212378 0.32567889 -0.02216650 0.00458047  0.00079047  10  DA  E C6    
421 N N6    . DA  D 3 ? 0.31023577 0.35911097 0.28252060 -0.02033675 0.00783210  0.00027451  10  DA  E N6    
422 N N1    . DA  D 3 ? 0.55100282 0.59751918 0.51828839 -0.01975071 0.00153558  -0.00094185 10  DA  E N1    
423 C C2    . DA  D 3 ? 0.54866685 0.58913330 0.51250941 -0.02206418 -0.00274105 0.00013828  10  DA  E C2    
424 N N3    . DA  D 3 ? 0.32808404 0.35891030 0.28681029 -0.02671246 -0.00531534 0.00274623  10  DA  E N3    
425 C C4    . DA  D 3 ? 0.35504402 0.38281891 0.31221253 -0.02875076 -0.00195994 0.00374783  10  DA  E C4    
426 P P     . DA  D 4 ? 0.44361568 0.39505992 0.34330769 -0.05223265 -0.02661299 0.00714145  11  DA  E P     
427 O OP1   . DA  D 4 ? 0.53599090 0.47456292 0.42879121 -0.05664293 -0.03859838 0.01037862  11  DA  E OP1   
428 O OP2   . DA  D 4 ? 0.41943745 0.35906510 0.30501760 -0.05428527 -0.01799186 0.00349447  11  DA  E OP2   
429 O "O5'" . DA  D 4 ? 0.43955121 0.40173200 0.34661965 -0.04822089 -0.02332502 0.00491308  11  DA  E "O5'" 
430 C "C5'" . DA  D 4 ? 0.42126801 0.39864578 0.34515248 -0.04423717 -0.02827275 0.00698748  11  DA  E "C5'" 
431 C "C4'" . DA  D 4 ? 0.43069956 0.41236195 0.35697736 -0.04143400 -0.02637811 0.00389643  11  DA  E "C4'" 
432 O "O4'" . DA  D 4 ? 0.41735337 0.41158615 0.35093917 -0.03675270 -0.01811751 0.00102819  11  DA  E "O4'" 
433 C "C3'" . DA  D 4 ? 0.50567009 0.46957540 0.41489875 -0.04590244 -0.02607316 0.00201557  11  DA  E "C3'" 
434 O "O3'" . DA  D 4 ? 0.44952886 0.41582692 0.36384517 -0.04441595 -0.03023934 0.00138360  11  DA  E "O3'" 
435 C "C2'" . DA  D 4 ? 0.48187680 0.44635087 0.38798624 -0.04483113 -0.01521415 -0.00141408 11  DA  E "C2'" 
436 C "C1'" . DA  D 4 ? 0.47246559 0.45797420 0.39695812 -0.03826619 -0.01264296 -0.00228895 11  DA  E "C1'" 
437 N N9    . DA  D 4 ? 0.52245549 0.51216681 0.44930820 -0.03702392 -0.00494475 -0.00350032 11  DA  E N9    
438 C C8    . DA  D 4 ? 0.64474589 0.62670889 0.56489853 -0.04001702 -0.00147626 -0.00285317 11  DA  E C8    
439 N N7    . DA  D 4 ? 0.57962280 0.56884978 0.50711843 -0.03768833 0.00496432  -0.00403820 11  DA  E N7    
440 C C5    . DA  D 4 ? 0.53117717 0.53332451 0.46953168 -0.03298281 0.00500411  -0.00539477 11  DA  E C5    
441 C C6    . DA  D 4 ? 0.43680464 0.44983067 0.38576168 -0.02910004 0.00878757  -0.00671629 11  DA  E C6    
442 N N6    . DA  D 4 ? 0.37370160 0.38729704 0.32631561 -0.02941127 0.01371034  -0.00651767 11  DA  E N6    
443 N N1    . DA  D 4 ? 0.65214839 0.67420056 0.60777755 -0.02494590 0.00644346  -0.00841534 11  DA  E N1    
444 C C2    . DA  D 4 ? 0.61954521 0.64050742 0.57296663 -0.02455336 0.00146630  -0.00887036 11  DA  E C2    
445 N N3    . DA  D 4 ? 0.45705161 0.46904697 0.40286657 -0.02805378 -0.00250374 -0.00726452 11  DA  E N3    
446 C C4    . DA  D 4 ? 0.49404465 0.49658903 0.43183474 -0.03231924 -0.00072243 -0.00544744 11  DA  E C4    
447 P P     . DA  D 5 ? 0.50620798 0.45528814 0.40511471 -0.04902067 -0.03124058 0.00072816  12  DA  E P     
448 O OP1   . DA  D 5 ? 0.51627366 0.45977257 0.41621230 -0.05116374 -0.04274135 0.00364287  12  DA  E OP1   
449 O OP2   . DA  D 5 ? 0.50711178 0.44021349 0.38674253 -0.05378540 -0.02512956 0.00029752  12  DA  E OP2   
450 O "O5'" . DA  D 5 ? 0.50933935 0.46811820 0.41716889 -0.04469099 -0.02471704 -0.00298057 12  DA  E "O5'" 
451 C "C5'" . DA  D 5 ? 0.47366556 0.44673151 0.39822546 -0.03922085 -0.02853567 -0.00443859 12  DA  E "C5'" 
452 C "C4'" . DA  D 5 ? 0.45233103 0.43091507 0.38250758 -0.03599684 -0.02280043 -0.00813153 12  DA  E "C4'" 
453 O "O4'" . DA  D 5 ? 0.37247727 0.35945089 0.30654741 -0.03329317 -0.01513369 -0.00975596 12  DA  E "O4'" 
454 C "C3'" . DA  D 5 ? 0.44552329 0.40971422 0.36520276 -0.04051483 -0.02019593 -0.00797947 12  DA  E "C3'" 
455 O "O3'" . DA  D 5 ? 0.45932540 0.43017320 0.39058032 -0.03692533 -0.02197528 -0.01040987 12  DA  E "O3'" 
456 C "C2'" . DA  D 5 ? 0.43680608 0.39842516 0.35133976 -0.04163050 -0.00982476 -0.00881675 12  DA  E "C2'" 
457 C "C1'" . DA  D 5 ? 0.40150003 0.38077167 0.33056964 -0.03556413 -0.00813592 -0.01089663 12  DA  E "C1'" 
458 N N9    . DA  D 5 ? 0.40870001 0.38855177 0.33599887 -0.03603689 -0.00083752 -0.01090041 12  DA  E N9    
459 C C8    . DA  D 5 ? 0.41838571 0.38834534 0.33391075 -0.04009849 0.00177182  -0.00921445 12  DA  E C8    
460 N N7    . DA  D 5 ? 0.38983763 0.36375649 0.30920796 -0.03902431 0.00820603  -0.00994442 12  DA  E N7    
461 C C5    . DA  D 5 ? 0.40054765 0.38775600 0.33475100 -0.03415933 0.00930272  -0.01179373 12  DA  E C5    
462 C C6    . DA  D 5 ? 0.35306230 0.34937178 0.29819717 -0.03116506 0.01383160  -0.01280780 12  DA  E C6    
463 N N6    . DA  D 5 ? 0.35077289 0.34503792 0.29527755 -0.03251433 0.01905490  -0.01214345 12  DA  E N6    
464 N N1    . DA  D 5 ? 0.40865898 0.41538106 0.36558963 -0.02672633 0.01174866  -0.01459963 12  DA  E N1    
465 C C2    . DA  D 5 ? 0.40415026 0.41245577 0.36242183 -0.02502387 0.00625761  -0.01586570 12  DA  E C2    
466 N N3    . DA  D 5 ? 0.44831733 0.44967152 0.39890451 -0.02734286 0.00212039  -0.01505693 12  DA  E N3    
467 C C4    . DA  D 5 ? 0.42714194 0.41787428 0.36556530 -0.03212626 0.00367986  -0.01270626 12  DA  E C4    
468 P P     . DC  D 6 ? 0.54711407 0.50744818 0.47507100 -0.04008968 -0.02104222 -0.00995628 13  DC  E P     
469 O OP1   . DC  D 6 ? 0.50621046 0.47289757 0.44689316 -0.03650800 -0.02896401 -0.01166337 13  DC  E OP1   
470 O OP2   . DC  D 6 ? 0.55701123 0.49838090 0.46520880 -0.04752996 -0.01965287 -0.00615722 13  DC  E OP2   
471 O "O5'" . DC  D 6 ? 0.51917886 0.48396687 0.45420655 -0.03814099 -0.01184038 -0.01221031 13  DC  E "O5'" 
472 C "C5'" . DC  D 6 ? 0.63682302 0.61456672 0.58114564 -0.03337793 -0.00827287 -0.01475381 13  DC  E "C5'" 
473 C "C4'" . DC  D 6 ? 0.71962343 0.69364140 0.66395883 -0.03513020 0.00166139  -0.01461659 13  DC  E "C4'" 
474 O "O4'" . DC  D 6 ? 0.82859474 0.80398168 0.76852101 -0.03549176 0.00676159  -0.01425044 13  DC  E "O4'" 
475 C "C3'" . DC  D 6 ? 0.78746404 0.74545447 0.72058076 -0.04111889 0.00735765  -0.01203088 13  DC  E "C3'" 
476 O "O3'" . DC  D 6 ? 0.80977854 0.76870140 0.75368608 -0.04022130 0.00544136  -0.01231370 13  DC  E "O3'" 
477 C "C2'" . DC  D 6 ? 0.81966730 0.77481530 0.75081301 -0.04239839 0.01841656  -0.01209038 13  DC  E "C2'" 
478 C "C1'" . DC  D 6 ? 0.59419731 0.56271674 0.53338022 -0.03799339 0.01659074  -0.01390601 13  DC  E "C1'" 
479 N N1    . DC  D 6 ? 0.60675637 0.57027066 0.53615141 -0.04022023 0.02195675  -0.01321271 13  DC  E N1    
480 C C2    . DC  D 6 ? 0.56588359 0.53748203 0.50582800 -0.03766531 0.02681253  -0.01429080 13  DC  E C2    
481 O O2    . DC  D 6 ? 0.58449506 0.56685010 0.54053877 -0.03374940 0.02573174  -0.01558001 13  DC  E O2    
482 N N3    . DC  D 6 ? 0.57353823 0.54024521 0.50605843 -0.03958257 0.03154197  -0.01387822 13  DC  E N3    
483 C C4    . DC  D 6 ? 0.59613535 0.54926626 0.50974677 -0.04392886 0.03137348  -0.01278217 13  DC  E C4    
484 N N4    . DC  D 6 ? 0.51794654 0.46615791 0.42548648 -0.04536927 0.03555951  -0.01297525 13  DC  E N4    
485 C C5    . DC  D 6 ? 0.57777359 0.52123287 0.47864674 -0.04697475 0.02599534  -0.01140939 13  DC  E C5    
486 C C6    . DC  D 6 ? 0.68192372 0.63152735 0.59212296 -0.04498248 0.02163733  -0.01150387 13  DC  E C6    
487 O OAB   . JY9 E . ? 0.38962679 0.36080426 0.48276435 0.02157446  -0.00975313 0.02515387  101 JY9 A OAB   
488 P PAA   . JY9 E . ? 0.46534716 0.43304731 0.54101284 0.02305820  -0.00398979 0.01932238  101 JY9 A PAA   
489 O OAC   . JY9 E . ? 0.49880860 0.46278840 0.57440125 0.02627709  0.00739596  0.01927028  101 JY9 A OAC   
490 O OBE   . JY9 E . ? 0.40066650 0.37044444 0.47086139 0.02131651  -0.01069049 0.01862027  101 JY9 A OBE   
491 C CBD   . JY9 E . ? 0.39079486 0.35989304 0.46054252 0.02305260  -0.00583985 0.01933580  101 JY9 A CBD   
492 C CBG   . JY9 E . ? 0.40202568 0.37250072 0.46527044 0.02064809  -0.01340625 0.01745167  101 JY9 A CBG   
493 C CBH   . JY9 E . ? 0.35999504 0.32921447 0.40288471 0.02064795  -0.01401158 0.01189779  101 JY9 A CBH   
494 C CBI   . JY9 E . ? 0.32441391 0.29210389 0.35729790 0.02375715  -0.00580036 0.01059473  101 JY9 A CBI   
495 C CBB   . JY9 E . ? 0.34461189 0.31276810 0.36270302 0.02344202  -0.00795224 0.00716342  101 JY9 A CBB   
496 C CBA   . JY9 E . ? 0.36504112 0.33430989 0.38179624 0.02186859  -0.01310652 0.00686824  101 JY9 A CBA   
497 C CAW   . JY9 E . ? 0.33572477 0.30290085 0.34097625 0.02455609  -0.00469175 0.00403988  101 JY9 A CAW   
498 C CAT   . JY9 E . ? 0.32934540 0.29355911 0.33373782 0.02594805  0.00172438  0.00310948  101 JY9 A CAT   
499 C CAS   . JY9 E . ? 0.34381997 0.30609956 0.33343346 0.02624854  0.00426729  -0.00129060 101 JY9 A CAS   
500 C CAR   . JY9 E . ? 0.33884009 0.30354552 0.31638642 0.02528395  -0.00031715 -0.00372036 101 JY9 A CAR   
501 C CAQ   . JY9 E . ? 0.35365382 0.32193007 0.33425117 0.02457961  -0.00573777 -0.00152267 101 JY9 A CAQ   
502 C CAU   . JY9 E . ? 0.31926340 0.29031162 0.29079486 0.02397642  -0.00954148 -0.00273779 101 JY9 A CAU   
503 N NAV   . JY9 E . ? 0.28524420 0.25650198 0.25600675 0.02163433  -0.01413208 -0.00636566 101 JY9 A NAV   
504 C CAX   . JY9 E . ? 0.33736384 0.30610673 0.33088706 0.02413798  -0.00751579 0.00175913  101 JY9 A CAX   
505 N NAY   . JY9 E . ? 0.34035504 0.31071838 0.33530302 0.02305585  -0.01193953 0.00255127  101 JY9 A NAY   
506 C CAZ   . JY9 E . ? 0.36357159 0.33356727 0.36861924 0.02193352  -0.01428978 0.00455155  101 JY9 A CAZ   
507 C CAO   . JY9 E . ? 0.34276167 0.31279570 0.34719383 0.02071131  -0.01762221 0.00433502  101 JY9 A CAO   
508 O OAP   . JY9 E . ? 0.46276932 0.43153172 0.47525706 0.01915164  -0.01991476 0.00528259  101 JY9 A OAP   
509 N NAH   . JY9 E . ? 0.27374829 0.24484746 0.26925691 0.02101486  -0.01819040 0.00283802  101 JY9 A NAH   
510 C CAD   . JY9 E . ? 0.28432307 0.25525081 0.27916017 0.02060808  -0.01931813 0.00310212  101 JY9 A CAD   
511 C CAG   . JY9 E . ? 0.27094676 0.23912238 0.27187504 0.01911071  -0.02052034 0.00328117  101 JY9 A CAG   
512 C CAF   . JY9 E . ? 0.27380007 0.24056687 0.27381771 0.01890993  -0.01998207 0.00318572  101 JY9 A CAF   
513 C CAI   . JY9 E . ? 0.27891881 0.25248257 0.26709273 0.02168001  -0.01899842 0.00332032  101 JY9 A CAI   
514 N NAN   . JY9 E . ? 0.25882311 0.23454531 0.24040362 0.02241798  -0.01862369 0.00238862  101 JY9 A NAN   
515 C CAM   . JY9 E . ? 0.27739724 0.25651444 0.25306119 0.02277941  -0.02006571 0.00261738  101 JY9 A CAM   
516 C CAL   . JY9 E . ? 0.25252915 0.23308443 0.23154786 0.02305264  -0.02072751 0.00507691  101 JY9 A CAL   
517 C CAK   . JY9 E . ? 0.22516418 0.20244198 0.21098682 0.02274934  -0.01934620 0.00596230  101 JY9 A CAK   
518 C CAJ   . JY9 E . ? 0.26957832 0.24321476 0.25909238 0.02178426  -0.01894922 0.00463023  101 JY9 A CAJ   
519 C CAE   . JY9 E . ? 0.27232661 0.24187013 0.26778441 0.02054353  -0.01860433 0.00438025  101 JY9 A CAE   
520 C CBF   . JY9 E . ? 0.24177809 0.20956668 0.23996412 0.02067398  -0.01675715 0.00537488  101 JY9 A CBF   
521 C CBJ   . JY9 E . ? 0.27892958 0.24301375 0.27267086 0.01912295  -0.01779948 0.00219940  101 JY9 A CBJ   
522 C CBK   . JY9 E . ? 0.31741013 0.27689222 0.31575016 0.01897465  -0.01410693 0.00266434  101 JY9 A CBK   
523 O OBC   . JY9 E . ? 0.35322288 0.30778465 0.34647825 0.01788616  -0.01337371 -0.00019643 101 JY9 A OBC   
525 O OAB   . JY9 G . ? 0.58310796 0.61581434 0.60905835 -0.03641348 -0.05622629 0.03665325  102 JY9 D OAB   
526 P PAA   . JY9 G . ? 0.57656600 0.63133428 0.62199266 -0.02902111 -0.04813673 0.03771132  102 JY9 D PAA   
527 O OAC   . JY9 G . ? 0.48760784 0.55178249 0.55566900 -0.02588432 -0.05085055 0.04094469  102 JY9 D OAC   
528 O OBE   . JY9 G . ? 0.57076768 0.63906918 0.62107461 -0.02618231 -0.03911443 0.04033630  102 JY9 D OBE   
529 C CBD   . JY9 G . ? 0.58625134 0.64730131 0.62453567 -0.02971694 -0.03841843 0.04037234  102 JY9 D CBD   
530 C CBG   . JY9 G . ? 0.56710031 0.64432373 0.61815430 -0.02663471 -0.03145826 0.04552433  102 JY9 D CBG   
531 C CBH   . JY9 G . ? 0.55920669 0.64399309 0.60011551 -0.02212057 -0.02162089 0.04034318  102 JY9 D CBH   
532 C CBI   . JY9 G . ? 0.66325682 0.76324574 0.71512689 -0.01929009 -0.01515100 0.04612046  102 JY9 D CBI   
533 C CBB   . JY9 G . ? 0.52933470 0.63988237 0.57606017 -0.01381718 -0.00638180 0.04307267  102 JY9 D CBB   
534 C CBA   . JY9 G . ? 0.52549682 0.63934563 0.56679664 -0.01361866 -0.00206709 0.04398280  102 JY9 D CBA   
535 C CAW   . JY9 G . ? 0.49617643 0.61289449 0.54374872 -0.00867870 -0.00303503 0.03928250  102 JY9 D CAW   
536 C CAT   . JY9 G . ? 0.51906425 0.63268617 0.57440934 -0.00872878 -0.00783520 0.03850237  102 JY9 D CAT   
537 C CAS   . JY9 G . ? 0.52082702 0.64049265 0.57765417 -0.00311424 -0.00416074 0.03404200  102 JY9 D CAS   
538 C CAR   . JY9 G . ? 0.52320346 0.65094797 0.57208055 0.00245507  0.00380421  0.03027621  102 JY9 D CAR   
539 C CAQ   . JY9 G . ? 0.49952252 0.62978454 0.53979990 0.00217978  0.00771975  0.03157761  102 JY9 D CAQ   
540 C CAU   . JY9 G . ? 0.47984702 0.61618753 0.51055917 0.00720777  0.01392674  0.02816709  102 JY9 D CAU   
541 N NAV   . JY9 G . ? 0.72207394 0.86653087 0.75590819 0.01387921  0.01915596  0.02558200  102 JY9 D NAV   
542 C CAX   . JY9 G . ? 0.46317810 0.58824931 0.50400706 -0.00342994 0.00429563  0.03616274  102 JY9 D CAX   
543 N NAY   . JY9 G . ? 0.53733299 0.66480754 0.57193118 -0.00361281 0.00756032  0.03745224  102 JY9 D NAY   
544 C CAZ   . JY9 G . ? 0.62549546 0.74825160 0.66096030 -0.00845212 0.00484025  0.04136425  102 JY9 D CAZ   
545 C CAO   . JY9 G . ? 0.57281087 0.69983324 0.60299569 -0.00762854 0.00880378  0.04262238  102 JY9 D CAO   
546 O OAP   . JY9 G . ? 0.46127342 0.58789290 0.49516238 -0.01079131 0.00786922  0.04748818  102 JY9 D OAP   
547 N NAH   . JY9 G . ? 0.50521238 0.63798181 0.52773882 -0.00245659 0.01342412  0.03877274  102 JY9 D NAH   
548 C CAD   . JY9 G . ? 0.48172163 0.61792055 0.49781279 -0.00101759 0.01622096  0.03928470  102 JY9 D CAD   
549 C CAG   . JY9 G . ? 0.53984136 0.67502097 0.55772676 -0.00445449 0.01524754  0.04372113  102 JY9 D CAG   
550 C CAF   . JY9 G . ? 0.49781212 0.63647453 0.50913911 -0.00268280 0.01727938  0.04438428  102 JY9 D CAF   
551 C CAI   . JY9 G . ? 0.47068590 0.61066753 0.47785771 0.00429829  0.01944278  0.03479945  102 JY9 D CAI   
552 N NAN   . JY9 G . ? 0.49084030 0.63093215 0.49838336 0.00745461  0.01985687  0.03023311  102 JY9 D NAN   
553 C CAM   . JY9 G . ? 0.68260152 0.82493343 0.67992500 0.01333062  0.02259226  0.02437928  102 JY9 D CAM   
554 C CAL   . JY9 G . ? 0.67017985 0.81394780 0.65632408 0.01523422  0.02401934  0.02421523  102 JY9 D CAL   
555 C CAK   . JY9 G . ? 0.53520480 0.67923896 0.52255593 0.01142130  0.02308785  0.03002499  102 JY9 D CAK   
556 C CAJ   . JY9 G . ? 0.44133600 0.58368150 0.43989706 0.00598667  0.02107710  0.03517742  102 JY9 D CAJ   
557 C CAE   . JY9 G . ? 0.46687932 0.60871124 0.46822710 0.00226818  0.01974899  0.04037898  102 JY9 D CAE   
558 C CBF   . JY9 G . ? 0.60974814 0.75294876 0.60415111 0.00318337  0.01980189  0.04165325  102 JY9 D CBF   
559 C CBJ   . JY9 G . ? 0.54690234 0.69520465 0.54789845 0.00052737  0.02045203  0.05092642  102 JY9 D CBJ   
560 C CBK   . JY9 G . ? 0.59529373 0.73607632 0.59603131 -0.00271252 0.01576528  0.04927755  102 JY9 D CBK   
561 O OBC   . JY9 G . ? 0.53328245 0.67260370 0.54565373 -0.00750752 0.01407049  0.05463039  102 JY9 D OBC   
# 
